data_7CAL
#
_entry.id   7CAL
#
_cell.length_a   1.00
_cell.length_b   1.00
_cell.length_c   1.00
_cell.angle_alpha   90.00
_cell.angle_beta   90.00
_cell.angle_gamma   90.00
#
_symmetry.space_group_name_H-M   'P 1'
#
loop_
_entity.id
_entity.type
_entity.pdbx_description
1 polymer 'Potassium channel KAT1'
2 non-polymer 1,2-Distearoyl-sn-glycerophosphoethanolamine
#
_entity_poly.entity_id   1
_entity_poly.type   'polypeptide(L)'
_entity_poly.pdbx_seq_one_letter_code
;MSISWTRNFFERFCVEEYNIDTIKQSSFLSADLLPSLGARINQSTKLRKHIISPFNPRYRAWEMWLVLLVIYSAWICPFQ
FAFITYKKDAIFIIDNIVNGFFAIDIILTFFVAYLDSHSYLLVDSPKKIAIRYLSTWFAFDVCSTAPFQPLSLLFNYNGS
ELGFRILSMLRLWRLRRVSSLFARLEKDIRFNYFWIRCTKLISVTLFAIHCAGCFNYLIADRYPNPRKTWIGAVYPNFKE
ASLWNRYVTALYWSITTLTTTGYGDFHAENPREMLFDIFFMMFNLGLTAYLIGNMTNLVVHWTSRTRTFRDSVRAASEFA
SRNQLPHDIQDQMLSHICLKFKTEGLKQQETLNNLPKAIRSSIANYLFFPIVHNIYLFQGVSRNFLFQLVSDIDAEYFPP
KEDIILQNEAPTDLYILVSGAVDFTVYVDGHDQFQGKAVIGETFGEVGVLYYRPQPFTVRTTELSQILRISRTSLMSAMH
AHADDGRVIMNNLFMKLRGQQSIAIDDSNTSGHENRDFKSMGWEEWRDSRKDGYGLDVTNPTSDTALMDAIHKEDTEMVK
KILKEQKIERAKVERSSSETAGRSYANDSSKKDPYCSSSNQIIKPCKREEKRVTIHMMSESKNGKLILLPSSIEELLRLA
SEKFGGCNFTKITNADNAEIDDLDVIWDGDHLYFSSN
;
_entity_poly.pdbx_strand_id   A,B,C,D
#
loop_
_chem_comp.id
_chem_comp.type
_chem_comp.name
_chem_comp.formula
3PE non-polymer 1,2-Distearoyl-sn-glycerophosphoethanolamine 'C41 H82 N O8 P'
#
# COMPACT_ATOMS: atom_id res chain seq x y z
N LYS A 49 15.30 -30.30 34.52
CA LYS A 49 14.97 -31.64 35.01
C LYS A 49 15.52 -32.72 34.08
N HIS A 50 14.67 -33.69 33.75
CA HIS A 50 14.98 -34.75 32.79
C HIS A 50 14.27 -34.51 31.47
N ILE A 51 14.13 -33.23 31.09
CA ILE A 51 13.34 -32.80 29.96
C ILE A 51 14.27 -32.22 28.89
N ILE A 52 14.02 -32.58 27.64
CA ILE A 52 14.79 -32.05 26.51
C ILE A 52 14.15 -30.76 26.03
N SER A 53 14.97 -29.73 25.88
CA SER A 53 14.55 -28.44 25.36
C SER A 53 14.32 -28.54 23.86
N PRO A 54 13.39 -27.78 23.29
CA PRO A 54 13.12 -27.90 21.85
C PRO A 54 14.16 -27.24 20.96
N PHE A 55 15.43 -27.56 21.14
CA PHE A 55 16.50 -27.09 20.28
C PHE A 55 17.48 -28.23 20.04
N ASN A 56 18.48 -27.95 19.20
CA ASN A 56 19.45 -28.84 18.55
C ASN A 56 20.12 -29.80 19.52
N PRO A 57 20.63 -30.95 19.06
CA PRO A 57 20.54 -31.61 17.75
C PRO A 57 19.58 -32.79 17.66
N ARG A 58 19.23 -33.38 18.79
CA ARG A 58 18.41 -34.58 18.82
C ARG A 58 16.92 -34.28 18.74
N TYR A 59 16.53 -33.03 18.56
CA TYR A 59 15.12 -32.71 18.41
C TYR A 59 14.82 -31.86 17.20
N ARG A 60 15.73 -30.98 16.81
CA ARG A 60 15.50 -30.19 15.61
C ARG A 60 15.93 -30.92 14.34
N ALA A 61 16.46 -32.13 14.47
CA ALA A 61 16.64 -33.04 13.35
C ALA A 61 15.62 -34.16 13.33
N TRP A 62 15.04 -34.48 14.49
CA TRP A 62 13.91 -35.39 14.52
C TRP A 62 12.65 -34.71 14.00
N GLU A 63 12.50 -33.42 14.27
CA GLU A 63 11.34 -32.69 13.77
C GLU A 63 11.44 -32.45 12.27
N MET A 64 12.66 -32.36 11.74
CA MET A 64 12.81 -32.22 10.29
C MET A 64 12.57 -33.53 9.57
N TRP A 65 12.63 -34.65 10.28
CA TRP A 65 12.33 -35.94 9.65
C TRP A 65 10.84 -36.21 9.62
N LEU A 66 10.10 -35.72 10.62
CA LEU A 66 8.65 -35.92 10.60
C LEU A 66 7.97 -35.03 9.57
N VAL A 67 8.65 -34.00 9.10
CA VAL A 67 8.10 -33.20 8.00
C VAL A 67 8.13 -33.99 6.71
N LEU A 68 9.16 -34.80 6.50
CA LEU A 68 9.21 -35.65 5.31
C LEU A 68 8.22 -36.80 5.39
N LEU A 69 7.72 -37.12 6.58
CA LEU A 69 6.67 -38.10 6.68
C LEU A 69 5.29 -37.47 6.69
N VAL A 70 5.20 -36.16 6.52
CA VAL A 70 3.92 -35.51 6.31
C VAL A 70 3.73 -35.20 4.83
N ILE A 71 4.81 -34.81 4.16
CA ILE A 71 4.79 -34.59 2.72
C ILE A 71 4.48 -35.88 1.98
N TYR A 72 5.01 -37.01 2.49
CA TYR A 72 4.63 -38.31 1.93
C TYR A 72 3.20 -38.67 2.29
N SER A 73 2.81 -38.47 3.55
CA SER A 73 1.51 -38.95 3.99
C SER A 73 0.38 -38.00 3.63
N ALA A 74 0.67 -36.93 2.92
CA ALA A 74 -0.34 -36.09 2.31
C ALA A 74 -0.34 -36.21 0.79
N TRP A 75 0.52 -37.06 0.24
CA TRP A 75 0.50 -37.39 -1.17
C TRP A 75 -0.24 -38.69 -1.46
N ILE A 76 -0.01 -39.72 -0.64
CA ILE A 76 -0.67 -41.01 -0.84
C ILE A 76 -1.98 -41.06 -0.07
N CYS A 77 -2.31 -40.00 0.63
CA CYS A 77 -3.57 -40.02 1.36
C CYS A 77 -4.79 -39.80 0.47
N PRO A 78 -4.76 -38.93 -0.60
CA PRO A 78 -5.85 -39.02 -1.57
C PRO A 78 -5.52 -39.85 -2.79
N PHE A 79 -4.28 -40.32 -2.92
CA PHE A 79 -3.91 -41.10 -4.09
C PHE A 79 -4.33 -42.55 -3.96
N GLN A 80 -4.13 -43.14 -2.80
CA GLN A 80 -4.66 -44.49 -2.57
C GLN A 80 -6.15 -44.47 -2.25
N PHE A 81 -6.71 -43.30 -2.00
CA PHE A 81 -8.15 -43.16 -1.82
C PHE A 81 -8.89 -43.35 -3.14
N ALA A 82 -8.26 -43.07 -4.28
CA ALA A 82 -8.93 -43.14 -5.56
C ALA A 82 -8.33 -44.18 -6.50
N PHE A 83 -7.03 -44.08 -6.81
CA PHE A 83 -6.48 -44.90 -7.88
C PHE A 83 -6.14 -46.30 -7.41
N ILE A 84 -5.26 -46.42 -6.42
CA ILE A 84 -4.88 -47.75 -5.89
C ILE A 84 -5.91 -48.07 -4.82
N THR A 85 -7.04 -48.59 -5.27
CA THR A 85 -8.14 -48.93 -4.37
C THR A 85 -8.04 -50.35 -3.82
N TYR A 86 -6.97 -51.08 -4.13
CA TYR A 86 -6.80 -52.40 -3.56
C TYR A 86 -6.20 -52.32 -2.16
N LYS A 87 -4.95 -51.84 -2.09
CA LYS A 87 -4.17 -51.68 -0.85
C LYS A 87 -4.10 -52.97 -0.04
N LYS A 88 -3.84 -54.08 -0.74
CA LYS A 88 -3.80 -55.39 -0.10
C LYS A 88 -2.65 -55.54 0.89
N ASP A 89 -1.42 -55.66 0.39
CA ASP A 89 -0.26 -55.79 1.26
C ASP A 89 1.03 -55.14 0.76
N ALA A 90 1.03 -54.42 -0.37
CA ALA A 90 2.28 -53.96 -0.94
C ALA A 90 2.76 -52.67 -0.27
N ILE A 91 1.93 -51.62 -0.33
CA ILE A 91 2.23 -50.35 0.33
C ILE A 91 1.83 -50.38 1.79
N PHE A 92 1.28 -51.50 2.25
CA PHE A 92 0.67 -51.61 3.58
C PHE A 92 1.69 -51.46 4.70
N ILE A 93 2.95 -51.82 4.46
CA ILE A 93 3.93 -51.75 5.53
C ILE A 93 4.49 -50.34 5.66
N ILE A 94 4.53 -49.56 4.58
CA ILE A 94 5.04 -48.20 4.66
C ILE A 94 4.04 -47.30 5.35
N ASP A 95 2.75 -47.53 5.12
CA ASP A 95 1.73 -46.73 5.79
C ASP A 95 1.51 -47.17 7.24
N ASN A 96 2.20 -48.19 7.72
CA ASN A 96 2.18 -48.57 9.13
C ASN A 96 3.50 -48.32 9.84
N ILE A 97 4.60 -48.31 9.11
CA ILE A 97 5.86 -47.82 9.66
C ILE A 97 5.75 -46.32 9.92
N VAL A 98 5.19 -45.59 8.96
CA VAL A 98 4.98 -44.15 9.09
C VAL A 98 3.99 -43.86 10.21
N ASN A 99 2.92 -44.65 10.30
CA ASN A 99 1.94 -44.47 11.35
C ASN A 99 2.46 -44.89 12.72
N GLY A 100 3.61 -45.56 12.78
CA GLY A 100 4.25 -45.87 14.04
C GLY A 100 5.18 -44.77 14.49
N PHE A 101 5.75 -44.04 13.54
CA PHE A 101 6.63 -42.93 13.87
C PHE A 101 5.85 -41.71 14.34
N PHE A 102 4.53 -41.71 14.12
CA PHE A 102 3.69 -40.66 14.67
C PHE A 102 3.04 -41.07 15.98
N ALA A 103 3.20 -42.31 16.40
CA ALA A 103 2.78 -42.73 17.73
C ALA A 103 3.88 -42.54 18.76
N ILE A 104 5.14 -42.57 18.32
CA ILE A 104 6.26 -42.22 19.19
C ILE A 104 6.19 -40.75 19.57
N ASP A 105 5.83 -39.89 18.62
CA ASP A 105 5.89 -38.45 18.86
C ASP A 105 4.70 -37.96 19.68
N ILE A 106 3.68 -38.80 19.88
CA ILE A 106 2.67 -38.46 20.87
C ILE A 106 3.24 -38.64 22.27
N ILE A 107 4.08 -39.66 22.44
CA ILE A 107 4.75 -39.90 23.72
C ILE A 107 5.81 -38.84 23.96
N LEU A 108 6.58 -38.51 22.92
CA LEU A 108 7.78 -37.68 23.08
C LEU A 108 7.45 -36.24 23.45
N THR A 109 6.32 -35.72 22.97
CA THR A 109 5.98 -34.34 23.29
C THR A 109 5.24 -34.19 24.61
N PHE A 110 5.40 -35.13 25.53
CA PHE A 110 5.16 -34.87 26.94
C PHE A 110 6.44 -34.52 27.67
N PHE A 111 7.53 -34.30 26.93
CA PHE A 111 8.84 -34.03 27.51
C PHE A 111 9.55 -32.91 26.74
N VAL A 112 8.82 -31.84 26.40
CA VAL A 112 9.41 -30.70 25.71
C VAL A 112 9.02 -29.41 26.42
N ALA A 113 9.89 -28.40 26.32
CA ALA A 113 9.90 -27.31 27.28
C ALA A 113 8.99 -26.14 26.88
N TYR A 114 8.78 -25.94 25.59
CA TYR A 114 7.73 -25.17 24.94
C TYR A 114 7.79 -23.63 25.00
N LEU A 115 8.67 -23.00 25.80
CA LEU A 115 9.00 -21.57 25.72
C LEU A 115 7.76 -20.68 25.91
N ASP A 116 7.38 -20.53 27.19
CA ASP A 116 6.21 -19.78 27.67
C ASP A 116 6.00 -18.43 27.00
N SER A 117 4.74 -18.04 26.83
CA SER A 117 4.37 -16.89 26.01
C SER A 117 4.45 -15.57 26.74
N HIS A 118 4.09 -15.53 28.01
CA HIS A 118 4.12 -14.28 28.77
C HIS A 118 5.43 -14.05 29.50
N SER A 119 6.29 -15.07 29.59
CA SER A 119 7.57 -14.93 30.27
C SER A 119 8.77 -15.02 29.34
N TYR A 120 8.58 -15.53 28.12
CA TYR A 120 9.63 -15.71 27.10
C TYR A 120 10.78 -16.57 27.60
N LEU A 121 10.48 -17.52 28.48
CA LEU A 121 11.46 -18.44 29.01
C LEU A 121 10.90 -19.86 28.95
N LEU A 122 11.80 -20.83 28.97
CA LEU A 122 11.41 -22.22 28.85
C LEU A 122 10.79 -22.73 30.15
N VAL A 123 9.75 -23.53 30.02
CA VAL A 123 9.07 -24.12 31.17
C VAL A 123 9.53 -25.56 31.30
N ASP A 124 10.21 -25.87 32.40
CA ASP A 124 10.61 -27.24 32.71
C ASP A 124 9.80 -27.70 33.90
N SER A 125 8.59 -28.17 33.63
CA SER A 125 7.70 -28.66 34.66
C SER A 125 6.77 -29.65 33.99
N PRO A 126 6.89 -30.94 34.31
CA PRO A 126 6.18 -31.98 33.53
C PRO A 126 4.67 -32.01 33.75
N LYS A 127 4.15 -31.23 34.69
CA LYS A 127 2.72 -31.09 34.81
C LYS A 127 2.14 -30.03 33.88
N LYS A 128 2.76 -28.84 33.84
CA LYS A 128 2.24 -27.79 32.96
C LYS A 128 2.57 -28.07 31.50
N ILE A 129 3.60 -28.88 31.25
CA ILE A 129 3.82 -29.44 29.90
C ILE A 129 2.62 -30.29 29.51
N ALA A 130 2.14 -31.10 30.45
CA ALA A 130 1.12 -32.10 30.14
C ALA A 130 -0.25 -31.47 29.92
N ILE A 131 -0.61 -30.47 30.74
CA ILE A 131 -1.93 -29.86 30.59
C ILE A 131 -1.99 -29.01 29.32
N ARG A 132 -0.85 -28.49 28.89
CA ARG A 132 -0.81 -27.71 27.65
C ARG A 132 -0.99 -28.62 26.43
N TYR A 133 -0.30 -29.76 26.42
CA TYR A 133 -0.39 -30.64 25.25
C TYR A 133 -1.73 -31.36 25.21
N LEU A 134 -2.33 -31.61 26.37
CA LEU A 134 -3.62 -32.28 26.40
C LEU A 134 -4.77 -31.35 26.06
N SER A 135 -4.54 -30.05 26.03
CA SER A 135 -5.61 -29.10 25.74
C SER A 135 -5.55 -28.54 24.33
N THR A 136 -4.41 -28.61 23.66
CA THR A 136 -4.28 -28.06 22.31
C THR A 136 -4.30 -29.15 21.24
N TRP A 137 -3.36 -30.09 21.28
CA TRP A 137 -3.16 -31.00 20.16
C TRP A 137 -3.02 -32.45 20.64
N PHE A 138 -3.93 -32.89 21.51
CA PHE A 138 -3.99 -34.30 21.86
C PHE A 138 -5.24 -34.96 21.29
N ALA A 139 -6.41 -34.35 21.47
CA ALA A 139 -7.64 -34.87 20.88
C ALA A 139 -7.67 -34.71 19.38
N PHE A 140 -6.76 -33.91 18.82
CA PHE A 140 -6.59 -33.73 17.39
C PHE A 140 -5.52 -34.66 16.80
N ASP A 141 -4.47 -34.94 17.56
CA ASP A 141 -3.34 -35.70 17.03
C ASP A 141 -3.37 -37.17 17.40
N VAL A 142 -4.35 -37.63 18.16
CA VAL A 142 -4.49 -39.05 18.44
C VAL A 142 -5.57 -39.60 17.51
N CYS A 143 -6.34 -38.69 16.92
CA CYS A 143 -7.31 -39.08 15.90
C CYS A 143 -6.67 -39.24 14.53
N SER A 144 -5.40 -38.92 14.39
CA SER A 144 -4.65 -39.11 13.16
C SER A 144 -3.60 -40.19 13.29
N THR A 145 -3.63 -40.96 14.37
CA THR A 145 -2.61 -41.96 14.64
C THR A 145 -3.18 -43.37 14.76
N ALA A 146 -4.34 -43.53 15.37
CA ALA A 146 -4.97 -44.85 15.52
C ALA A 146 -5.37 -45.40 14.17
N PRO A 147 -4.92 -46.60 13.80
CA PRO A 147 -5.20 -47.12 12.45
C PRO A 147 -6.63 -47.62 12.34
N PHE A 148 -7.34 -47.13 11.33
CA PHE A 148 -8.68 -47.57 11.01
C PHE A 148 -8.69 -48.55 9.85
N GLN A 149 -7.97 -48.23 8.76
CA GLN A 149 -7.89 -49.18 7.65
C GLN A 149 -7.00 -50.38 7.95
N PRO A 150 -5.74 -50.22 8.49
CA PRO A 150 -4.97 -51.44 8.80
C PRO A 150 -5.50 -52.24 9.97
N LEU A 151 -5.74 -51.58 11.10
CA LEU A 151 -5.98 -52.32 12.34
C LEU A 151 -7.39 -52.89 12.39
N SER A 152 -8.38 -52.13 11.90
CA SER A 152 -9.74 -52.65 11.94
C SER A 152 -10.10 -53.43 10.67
N LEU A 153 -9.10 -53.94 9.96
CA LEU A 153 -9.31 -54.95 8.93
C LEU A 153 -9.76 -56.29 9.52
N LEU A 154 -9.43 -56.55 10.79
CA LEU A 154 -9.61 -57.85 11.40
C LEU A 154 -11.01 -58.08 11.94
N PHE A 155 -11.90 -57.09 11.94
CA PHE A 155 -13.22 -57.31 12.51
C PHE A 155 -14.14 -58.06 11.54
N ASN A 156 -14.52 -57.41 10.45
CA ASN A 156 -15.36 -58.04 9.43
C ASN A 156 -15.00 -57.70 8.00
N TYR A 157 -14.32 -56.59 7.74
CA TYR A 157 -14.33 -55.96 6.43
C TYR A 157 -13.11 -56.36 5.60
N ASN A 158 -13.12 -55.93 4.35
CA ASN A 158 -12.07 -56.25 3.39
C ASN A 158 -11.13 -55.08 3.13
N GLY A 159 -11.10 -54.10 4.03
CA GLY A 159 -10.19 -52.98 3.88
C GLY A 159 -10.64 -51.92 2.91
N SER A 160 -11.91 -51.90 2.53
CA SER A 160 -12.42 -50.89 1.61
C SER A 160 -13.92 -50.74 1.81
N GLU A 161 -14.35 -49.49 1.99
CA GLU A 161 -15.75 -49.09 2.05
C GLU A 161 -15.75 -47.57 1.91
N LEU A 162 -16.93 -47.02 1.66
CA LEU A 162 -17.03 -45.57 1.50
C LEU A 162 -16.84 -44.86 2.83
N GLY A 163 -17.66 -45.21 3.83
CA GLY A 163 -17.57 -44.57 5.12
C GLY A 163 -16.55 -45.18 6.05
N PHE A 164 -15.53 -45.83 5.50
CA PHE A 164 -14.50 -46.48 6.29
C PHE A 164 -13.12 -46.05 5.83
N ARG A 165 -13.00 -45.70 4.55
CA ARG A 165 -11.74 -45.15 4.06
C ARG A 165 -11.76 -43.62 4.00
N ILE A 166 -12.94 -43.02 4.17
CA ILE A 166 -13.01 -41.59 4.48
C ILE A 166 -12.44 -41.30 5.86
N LEU A 167 -12.56 -42.26 6.79
CA LEU A 167 -11.91 -42.10 8.09
C LEU A 167 -10.39 -42.16 7.99
N SER A 168 -9.84 -42.65 6.88
CA SER A 168 -8.41 -42.54 6.63
C SER A 168 -8.01 -41.21 6.03
N MET A 169 -8.94 -40.27 5.85
CA MET A 169 -8.56 -38.91 5.47
C MET A 169 -8.14 -38.08 6.66
N LEU A 170 -8.22 -38.62 7.87
CA LEU A 170 -7.70 -37.92 9.04
C LEU A 170 -6.18 -37.96 9.11
N ARG A 171 -5.52 -38.69 8.21
CA ARG A 171 -4.08 -38.56 8.02
C ARG A 171 -3.70 -37.32 7.23
N LEU A 172 -4.66 -36.50 6.82
CA LEU A 172 -4.41 -35.15 6.36
C LEU A 172 -4.40 -34.15 7.50
N TRP A 173 -4.80 -34.56 8.70
CA TRP A 173 -4.78 -33.67 9.85
C TRP A 173 -3.39 -33.51 10.44
N ARG A 174 -2.41 -34.31 10.01
CA ARG A 174 -1.04 -34.12 10.45
C ARG A 174 -0.29 -33.13 9.58
N LEU A 175 -1.01 -32.36 8.76
CA LEU A 175 -0.42 -31.29 7.97
C LEU A 175 -0.07 -30.06 8.79
N ARG A 176 -0.47 -30.01 10.05
CA ARG A 176 -0.16 -28.85 10.88
C ARG A 176 1.31 -28.77 11.25
N ARG A 177 2.06 -29.87 11.11
CA ARG A 177 3.49 -29.82 11.33
C ARG A 177 4.20 -29.09 10.19
N VAL A 178 3.62 -29.07 9.01
CA VAL A 178 4.17 -28.33 7.89
C VAL A 178 3.73 -26.88 7.92
N SER A 179 2.47 -26.63 8.30
CA SER A 179 1.96 -25.28 8.34
C SER A 179 2.55 -24.47 9.48
N SER A 180 2.92 -25.13 10.59
CA SER A 180 3.60 -24.45 11.68
C SER A 180 5.11 -24.45 11.52
N LEU A 181 5.62 -24.93 10.40
CA LEU A 181 7.03 -24.74 10.05
C LEU A 181 7.21 -23.56 9.12
N PHE A 182 6.21 -23.27 8.29
CA PHE A 182 6.28 -22.08 7.45
C PHE A 182 6.09 -20.82 8.30
N ALA A 183 5.37 -20.94 9.41
CA ALA A 183 5.23 -19.80 10.30
C ALA A 183 6.49 -19.57 11.11
N ARG A 184 7.26 -20.62 11.36
CA ARG A 184 8.49 -20.47 12.13
C ARG A 184 9.63 -19.96 11.25
N LEU A 185 9.71 -20.43 10.01
CA LEU A 185 10.80 -20.02 9.14
C LEU A 185 10.64 -18.61 8.61
N GLU A 186 9.46 -18.00 8.73
CA GLU A 186 9.28 -16.64 8.25
C GLU A 186 9.91 -15.63 9.20
N LYS A 187 9.97 -15.94 10.49
CA LYS A 187 10.57 -15.08 11.47
C LYS A 187 12.02 -15.45 11.78
N ASP A 188 12.54 -16.50 11.17
CA ASP A 188 13.95 -16.85 11.31
C ASP A 188 14.77 -15.97 10.39
N ILE A 189 15.69 -15.18 10.94
CA ILE A 189 16.38 -14.18 10.15
C ILE A 189 17.46 -14.76 9.26
N ARG A 190 17.83 -16.02 9.45
CA ARG A 190 18.81 -16.63 8.57
C ARG A 190 18.19 -17.33 7.38
N PHE A 191 16.87 -17.23 7.21
CA PHE A 191 16.17 -17.70 6.04
C PHE A 191 15.56 -16.52 5.30
N ASN A 192 15.46 -16.65 3.98
CA ASN A 192 14.89 -15.58 3.18
C ASN A 192 13.38 -15.50 3.38
N TYR A 193 12.80 -14.37 2.97
CA TYR A 193 11.38 -14.15 3.06
C TYR A 193 10.68 -14.20 1.73
N PHE A 194 11.37 -13.85 0.65
CA PHE A 194 10.77 -13.99 -0.67
C PHE A 194 10.77 -15.42 -1.17
N TRP A 195 11.63 -16.28 -0.63
CA TRP A 195 11.66 -17.66 -1.07
C TRP A 195 11.16 -18.63 -0.01
N ILE A 196 10.53 -18.12 1.03
CA ILE A 196 9.68 -18.92 1.91
C ILE A 196 8.21 -18.63 1.63
N ARG A 197 7.88 -17.38 1.35
CA ARG A 197 6.51 -17.02 1.01
C ARG A 197 6.07 -17.57 -0.34
N CYS A 198 6.99 -17.77 -1.29
CA CYS A 198 6.61 -18.41 -2.54
C CYS A 198 6.60 -19.94 -2.44
N THR A 199 7.42 -20.52 -1.57
CA THR A 199 7.32 -21.95 -1.30
C THR A 199 6.02 -22.31 -0.60
N LYS A 200 5.48 -21.42 0.22
CA LYS A 200 4.15 -21.62 0.79
C LYS A 200 3.06 -21.43 -0.25
N LEU A 201 3.30 -20.58 -1.25
CA LEU A 201 2.30 -20.36 -2.28
C LEU A 201 2.32 -21.46 -3.33
N ILE A 202 3.45 -22.14 -3.48
CA ILE A 202 3.51 -23.23 -4.44
C ILE A 202 2.95 -24.51 -3.85
N SER A 203 3.24 -24.77 -2.57
CA SER A 203 2.84 -26.02 -1.94
C SER A 203 1.33 -26.07 -1.71
N VAL A 204 0.69 -24.91 -1.65
CA VAL A 204 -0.77 -24.88 -1.47
C VAL A 204 -1.47 -25.25 -2.78
N THR A 205 -0.96 -24.75 -3.91
CA THR A 205 -1.61 -25.03 -5.18
C THR A 205 -1.26 -26.43 -5.69
N LEU A 206 -0.06 -26.91 -5.39
CA LEU A 206 0.30 -28.29 -5.74
C LEU A 206 -0.54 -29.28 -4.97
N PHE A 207 -0.97 -28.92 -3.77
CA PHE A 207 -1.87 -29.79 -3.03
C PHE A 207 -3.31 -29.62 -3.50
N ALA A 208 -3.65 -28.46 -4.04
CA ALA A 208 -5.03 -28.25 -4.51
C ALA A 208 -5.24 -28.90 -5.86
N ILE A 209 -4.18 -29.02 -6.66
CA ILE A 209 -4.27 -29.73 -7.93
C ILE A 209 -4.36 -31.23 -7.67
N HIS A 210 -3.55 -31.73 -6.74
CA HIS A 210 -3.51 -33.16 -6.46
C HIS A 210 -4.79 -33.63 -5.78
N CYS A 211 -5.22 -32.93 -4.75
CA CYS A 211 -6.37 -33.39 -3.96
C CYS A 211 -7.69 -33.17 -4.69
N ALA A 212 -7.71 -32.42 -5.78
CA ALA A 212 -8.92 -32.29 -6.58
C ALA A 212 -8.83 -32.96 -7.92
N GLY A 213 -7.67 -33.51 -8.29
CA GLY A 213 -7.58 -34.43 -9.40
C GLY A 213 -7.76 -35.86 -9.01
N CYS A 214 -7.71 -36.15 -7.71
CA CYS A 214 -8.02 -37.46 -7.19
C CYS A 214 -9.42 -37.54 -6.62
N PHE A 215 -10.06 -36.41 -6.35
CA PHE A 215 -11.45 -36.43 -5.92
C PHE A 215 -12.41 -36.34 -7.07
N ASN A 216 -11.93 -36.07 -8.29
CA ASN A 216 -12.74 -36.09 -9.49
C ASN A 216 -12.50 -37.32 -10.33
N TYR A 217 -11.58 -38.18 -9.92
CA TYR A 217 -11.50 -39.51 -10.47
C TYR A 217 -12.37 -40.49 -9.72
N LEU A 218 -12.64 -40.23 -8.45
CA LEU A 218 -13.54 -41.09 -7.68
C LEU A 218 -14.98 -40.91 -8.14
N ILE A 219 -15.34 -39.72 -8.63
CA ILE A 219 -16.69 -39.51 -9.15
C ILE A 219 -16.86 -40.25 -10.46
N ALA A 220 -15.80 -40.36 -11.26
CA ALA A 220 -15.89 -41.07 -12.53
C ALA A 220 -15.74 -42.57 -12.36
N ASP A 221 -14.88 -43.02 -11.45
CA ASP A 221 -14.64 -44.44 -11.29
C ASP A 221 -15.78 -45.14 -10.56
N ARG A 222 -16.55 -44.42 -9.76
CA ARG A 222 -17.61 -45.00 -8.96
C ARG A 222 -18.98 -44.55 -9.45
N TYR A 223 -19.16 -44.50 -10.76
CA TYR A 223 -20.43 -44.11 -11.34
C TYR A 223 -21.13 -45.35 -11.86
N PRO A 224 -22.34 -45.68 -11.39
CA PRO A 224 -22.93 -46.98 -11.73
C PRO A 224 -23.38 -47.09 -13.18
N ASN A 225 -23.68 -45.96 -13.80
CA ASN A 225 -24.04 -45.91 -15.21
C ASN A 225 -22.78 -46.11 -16.05
N PRO A 226 -22.88 -46.31 -17.37
CA PRO A 226 -21.66 -46.43 -18.18
C PRO A 226 -20.90 -45.12 -18.35
N ARG A 227 -19.93 -45.11 -19.25
CA ARG A 227 -19.02 -43.98 -19.40
C ARG A 227 -19.72 -42.76 -19.99
N LYS A 228 -20.55 -42.12 -19.16
CA LYS A 228 -21.10 -40.79 -19.38
C LYS A 228 -20.55 -39.84 -18.33
N THR A 229 -19.26 -39.94 -18.07
CA THR A 229 -18.53 -39.13 -17.12
C THR A 229 -17.62 -38.16 -17.89
N TRP A 230 -16.79 -37.42 -17.15
CA TRP A 230 -15.95 -36.41 -17.78
C TRP A 230 -14.83 -37.04 -18.59
N ILE A 231 -14.32 -38.19 -18.17
CA ILE A 231 -13.20 -38.83 -18.84
C ILE A 231 -13.76 -39.90 -19.77
N GLY A 232 -14.94 -40.42 -19.44
CA GLY A 232 -15.54 -41.47 -20.25
C GLY A 232 -16.10 -40.98 -21.57
N ALA A 233 -16.34 -39.68 -21.70
CA ALA A 233 -16.88 -39.15 -22.94
C ALA A 233 -15.85 -39.03 -24.05
N VAL A 234 -14.56 -39.13 -23.73
CA VAL A 234 -13.52 -39.04 -24.75
C VAL A 234 -12.69 -40.33 -24.76
N TYR A 235 -12.37 -40.87 -23.59
CA TYR A 235 -11.73 -42.17 -23.46
C TYR A 235 -12.77 -43.12 -22.89
N PRO A 236 -13.42 -43.94 -23.72
CA PRO A 236 -14.63 -44.64 -23.27
C PRO A 236 -14.38 -45.76 -22.28
N ASN A 237 -13.19 -46.36 -22.27
CA ASN A 237 -12.93 -47.46 -21.35
C ASN A 237 -12.21 -46.99 -20.09
N PHE A 238 -10.98 -46.47 -20.22
CA PHE A 238 -10.12 -45.85 -19.20
C PHE A 238 -9.93 -46.65 -17.90
N LYS A 239 -10.34 -47.91 -17.88
CA LYS A 239 -10.33 -48.73 -16.67
C LYS A 239 -9.72 -50.08 -17.01
N GLU A 240 -8.84 -50.55 -16.12
CA GLU A 240 -7.99 -51.75 -16.32
C GLU A 240 -7.16 -51.62 -17.60
N ALA A 241 -6.82 -50.38 -17.96
CA ALA A 241 -6.11 -50.06 -19.18
C ALA A 241 -5.55 -48.66 -19.03
N SER A 242 -4.95 -48.15 -20.11
CA SER A 242 -4.46 -46.78 -20.27
C SER A 242 -3.46 -46.37 -19.18
N LEU A 243 -2.70 -47.36 -18.67
CA LEU A 243 -1.49 -47.15 -17.87
C LEU A 243 -1.78 -46.36 -16.58
N TRP A 244 -2.44 -47.04 -15.64
CA TRP A 244 -2.86 -46.51 -14.34
C TRP A 244 -1.83 -45.71 -13.54
N ASN A 245 -0.55 -45.93 -13.78
CA ASN A 245 0.48 -45.16 -13.10
C ASN A 245 0.66 -43.81 -13.80
N ARG A 246 0.00 -43.62 -14.94
CA ARG A 246 -0.04 -42.33 -15.61
C ARG A 246 -1.46 -41.81 -15.51
N TYR A 247 -1.72 -41.10 -14.41
CA TYR A 247 -2.97 -40.41 -14.11
C TYR A 247 -2.91 -38.94 -14.53
N VAL A 248 -2.10 -38.64 -15.55
CA VAL A 248 -1.88 -37.27 -16.02
C VAL A 248 -3.17 -36.65 -16.54
N THR A 249 -4.11 -37.47 -17.00
CA THR A 249 -5.40 -36.98 -17.48
C THR A 249 -6.19 -36.35 -16.35
N ALA A 250 -6.09 -36.88 -15.14
CA ALA A 250 -6.84 -36.34 -14.01
C ALA A 250 -6.22 -35.05 -13.49
N LEU A 251 -4.91 -34.90 -13.63
CA LEU A 251 -4.27 -33.63 -13.30
C LEU A 251 -4.42 -32.61 -14.41
N TYR A 252 -4.52 -33.06 -15.66
CA TYR A 252 -4.72 -32.11 -16.76
C TYR A 252 -6.11 -31.48 -16.67
N TRP A 253 -7.08 -32.22 -16.15
CA TRP A 253 -8.39 -31.61 -15.91
C TRP A 253 -8.33 -30.59 -14.79
N SER A 254 -7.58 -30.88 -13.72
CA SER A 254 -7.61 -30.02 -12.55
C SER A 254 -6.84 -28.73 -12.78
N ILE A 255 -5.72 -28.80 -13.51
CA ILE A 255 -4.99 -27.58 -13.83
C ILE A 255 -5.73 -26.72 -14.83
N THR A 256 -6.65 -27.29 -15.61
CA THR A 256 -7.37 -26.51 -16.62
C THR A 256 -8.48 -25.66 -16.00
N THR A 257 -9.07 -26.12 -14.89
CA THR A 257 -10.10 -25.33 -14.24
C THR A 257 -9.57 -24.47 -13.09
N LEU A 258 -8.48 -24.88 -12.46
CA LEU A 258 -7.91 -24.08 -11.37
C LEU A 258 -7.26 -22.82 -11.90
N THR A 259 -6.63 -22.89 -13.05
CA THR A 259 -6.12 -21.69 -13.72
C THR A 259 -7.18 -20.99 -14.52
N THR A 260 -8.40 -21.53 -14.55
CA THR A 260 -9.56 -21.02 -15.30
C THR A 260 -9.24 -20.86 -16.78
N THR A 261 -8.50 -21.78 -17.36
CA THR A 261 -8.33 -21.75 -18.81
C THR A 261 -9.59 -22.29 -19.47
N GLY A 262 -9.83 -23.58 -19.33
CA GLY A 262 -11.11 -24.15 -19.69
C GLY A 262 -11.10 -24.48 -21.16
N TYR A 263 -10.90 -25.73 -21.52
CA TYR A 263 -10.95 -26.05 -22.94
C TYR A 263 -12.29 -26.61 -23.34
N GLY A 264 -12.94 -27.35 -22.46
CA GLY A 264 -14.23 -27.92 -22.73
C GLY A 264 -14.17 -29.32 -23.31
N ASP A 265 -12.97 -29.89 -23.47
CA ASP A 265 -12.87 -31.27 -23.89
C ASP A 265 -13.16 -32.22 -22.73
N PHE A 266 -12.77 -31.83 -21.53
CA PHE A 266 -13.20 -32.51 -20.30
C PHE A 266 -14.12 -31.55 -19.55
N HIS A 267 -15.41 -31.90 -19.48
CA HIS A 267 -16.36 -31.13 -18.69
C HIS A 267 -17.33 -32.07 -18.01
N ALA A 268 -18.18 -31.52 -17.16
CA ALA A 268 -19.12 -32.33 -16.40
C ALA A 268 -20.27 -32.80 -17.27
N GLU A 269 -20.64 -34.07 -17.10
CA GLU A 269 -21.70 -34.68 -17.89
C GLU A 269 -22.90 -35.08 -17.05
N ASN A 270 -22.68 -35.79 -15.97
CA ASN A 270 -23.70 -36.23 -15.02
C ASN A 270 -23.88 -35.20 -13.91
N PRO A 271 -25.03 -35.19 -13.22
CA PRO A 271 -25.23 -34.20 -12.15
C PRO A 271 -24.44 -34.47 -10.87
N ARG A 272 -23.63 -35.51 -10.79
CA ARG A 272 -22.68 -35.64 -9.70
C ARG A 272 -21.45 -34.77 -9.93
N GLU A 273 -21.00 -34.66 -11.18
CA GLU A 273 -19.85 -33.82 -11.46
C GLU A 273 -20.23 -32.35 -11.60
N MET A 274 -21.51 -32.06 -11.81
CA MET A 274 -21.93 -30.67 -11.81
C MET A 274 -21.94 -30.11 -10.40
N LEU A 275 -22.20 -30.96 -9.40
CA LEU A 275 -22.07 -30.51 -8.02
C LEU A 275 -20.62 -30.33 -7.61
N PHE A 276 -19.76 -31.23 -8.06
CA PHE A 276 -18.36 -31.13 -7.65
C PHE A 276 -17.67 -29.96 -8.35
N ASP A 277 -18.07 -29.65 -9.58
CA ASP A 277 -17.46 -28.53 -10.28
C ASP A 277 -17.94 -27.20 -9.71
N ILE A 278 -19.12 -27.17 -9.10
CA ILE A 278 -19.58 -25.93 -8.47
C ILE A 278 -18.79 -25.69 -7.19
N PHE A 279 -18.61 -26.73 -6.38
CA PHE A 279 -17.85 -26.58 -5.16
C PHE A 279 -16.35 -26.44 -5.41
N PHE A 280 -15.86 -26.82 -6.58
CA PHE A 280 -14.46 -26.62 -6.90
C PHE A 280 -14.22 -25.26 -7.56
N MET A 281 -15.12 -24.80 -8.42
CA MET A 281 -14.92 -23.51 -9.04
C MET A 281 -15.28 -22.34 -8.13
N MET A 282 -15.88 -22.61 -6.96
CA MET A 282 -15.94 -21.57 -5.93
C MET A 282 -14.69 -21.56 -5.08
N PHE A 283 -14.00 -22.69 -4.98
CA PHE A 283 -12.70 -22.71 -4.30
C PHE A 283 -11.64 -22.01 -5.13
N ASN A 284 -11.73 -22.09 -6.46
CA ASN A 284 -10.70 -21.48 -7.29
C ASN A 284 -10.88 -19.98 -7.42
N LEU A 285 -12.06 -19.46 -7.10
CA LEU A 285 -12.19 -18.01 -6.94
C LEU A 285 -11.43 -17.55 -5.70
N GLY A 286 -11.54 -18.29 -4.61
CA GLY A 286 -10.84 -17.90 -3.40
C GLY A 286 -9.36 -18.23 -3.44
N LEU A 287 -8.96 -19.14 -4.31
CA LEU A 287 -7.54 -19.50 -4.39
C LEU A 287 -6.77 -18.49 -5.23
N THR A 288 -7.26 -18.16 -6.42
CA THR A 288 -6.51 -17.26 -7.28
C THR A 288 -6.64 -15.81 -6.84
N ALA A 289 -7.60 -15.49 -5.98
CA ALA A 289 -7.61 -14.17 -5.36
C ALA A 289 -6.70 -14.12 -4.16
N TYR A 290 -6.19 -15.26 -3.71
CA TYR A 290 -5.23 -15.35 -2.62
C TYR A 290 -3.81 -15.39 -3.14
N LEU A 291 -3.59 -15.96 -4.32
CA LEU A 291 -2.24 -15.95 -4.91
C LEU A 291 -1.92 -14.60 -5.50
N ILE A 292 -2.90 -13.95 -6.14
CA ILE A 292 -2.67 -12.64 -6.72
C ILE A 292 -2.51 -11.59 -5.62
N GLY A 293 -3.29 -11.70 -4.55
CA GLY A 293 -3.16 -10.77 -3.45
C GLY A 293 -1.87 -10.96 -2.67
N ASN A 294 -1.31 -12.16 -2.70
CA ASN A 294 -0.04 -12.40 -2.01
C ASN A 294 1.15 -12.01 -2.86
N MET A 295 1.07 -12.23 -4.18
CA MET A 295 2.17 -11.80 -5.04
C MET A 295 2.17 -10.29 -5.21
N THR A 296 1.01 -9.63 -5.06
CA THR A 296 0.98 -8.18 -5.02
C THR A 296 1.66 -7.65 -3.77
N ASN A 297 1.52 -8.39 -2.66
CA ASN A 297 2.20 -8.03 -1.42
C ASN A 297 3.70 -8.26 -1.54
N LEU A 298 4.11 -9.22 -2.37
CA LEU A 298 5.53 -9.53 -2.50
C LEU A 298 6.22 -8.59 -3.47
N VAL A 299 5.53 -8.16 -4.52
CA VAL A 299 6.11 -7.22 -5.47
C VAL A 299 6.29 -5.86 -4.82
N VAL A 300 5.37 -5.47 -3.94
CA VAL A 300 5.53 -4.24 -3.17
C VAL A 300 6.71 -4.37 -2.20
N HIS A 301 6.89 -5.55 -1.61
CA HIS A 301 8.08 -5.78 -0.79
C HIS A 301 9.33 -5.94 -1.64
N TRP A 302 9.19 -6.37 -2.90
CA TRP A 302 10.33 -6.45 -3.81
C TRP A 302 10.86 -5.06 -4.15
N THR A 303 10.00 -4.23 -4.72
CA THR A 303 10.39 -3.00 -5.40
C THR A 303 9.98 -1.75 -4.64
N SER A 304 10.11 -1.75 -3.31
CA SER A 304 9.83 -0.54 -2.57
C SER A 304 11.05 0.34 -2.40
N ARG A 305 12.26 -0.20 -2.56
CA ARG A 305 13.45 0.62 -2.40
C ARG A 305 13.66 1.51 -3.63
N THR A 306 13.49 0.95 -4.82
CA THR A 306 13.70 1.70 -6.05
C THR A 306 12.51 2.59 -6.39
N ARG A 307 11.35 2.36 -5.79
CA ARG A 307 10.18 3.18 -6.11
C ARG A 307 10.10 4.43 -5.26
N THR A 308 10.44 4.36 -3.98
CA THR A 308 10.45 5.57 -3.17
C THR A 308 11.71 6.39 -3.41
N PHE A 309 12.73 5.79 -4.03
CA PHE A 309 13.84 6.61 -4.53
C PHE A 309 13.42 7.40 -5.74
N ARG A 310 12.61 6.81 -6.62
CA ARG A 310 12.18 7.54 -7.81
C ARG A 310 11.03 8.48 -7.49
N ASP A 311 10.47 8.39 -6.29
CA ASP A 311 9.50 9.39 -5.85
C ASP A 311 10.19 10.66 -5.38
N SER A 312 11.32 10.52 -4.68
CA SER A 312 11.99 11.67 -4.12
C SER A 312 12.82 12.40 -5.16
N VAL A 313 13.27 11.70 -6.20
CA VAL A 313 13.91 12.35 -7.33
C VAL A 313 12.88 13.14 -8.13
N ARG A 314 11.68 12.58 -8.28
CA ARG A 314 10.61 13.26 -8.99
C ARG A 314 10.14 14.48 -8.22
N ALA A 315 10.08 14.39 -6.90
CA ALA A 315 9.61 15.51 -6.10
C ALA A 315 10.62 16.64 -6.03
N ALA A 316 11.89 16.34 -6.25
CA ALA A 316 12.93 17.37 -6.29
C ALA A 316 13.21 17.87 -7.69
N SER A 317 12.60 17.28 -8.71
CA SER A 317 12.62 17.85 -10.05
C SER A 317 11.36 18.65 -10.32
N GLU A 318 10.28 18.38 -9.60
CA GLU A 318 9.13 19.27 -9.63
C GLU A 318 9.42 20.57 -8.91
N PHE A 319 10.24 20.50 -7.87
CA PHE A 319 10.54 21.70 -7.10
C PHE A 319 11.49 22.62 -7.85
N ALA A 320 12.46 22.06 -8.54
CA ALA A 320 13.44 22.87 -9.24
C ALA A 320 12.95 23.32 -10.61
N SER A 321 11.74 22.96 -10.99
CA SER A 321 11.15 23.40 -12.24
C SER A 321 10.06 24.42 -12.07
N ARG A 322 9.35 24.38 -10.94
CA ARG A 322 8.35 25.40 -10.65
C ARG A 322 9.01 26.73 -10.33
N ASN A 323 10.17 26.70 -9.67
CA ASN A 323 10.84 27.90 -9.22
C ASN A 323 11.88 28.41 -10.21
N GLN A 324 12.03 27.73 -11.35
CA GLN A 324 12.92 28.11 -12.44
C GLN A 324 14.37 28.26 -11.97
N LEU A 325 14.84 27.24 -11.25
CA LEU A 325 16.19 27.26 -10.70
C LEU A 325 17.22 27.16 -11.81
N PRO A 326 18.41 27.72 -11.63
CA PRO A 326 19.46 27.54 -12.63
C PRO A 326 19.98 26.11 -12.62
N HIS A 327 20.65 25.75 -13.71
CA HIS A 327 21.12 24.38 -13.86
C HIS A 327 22.30 24.08 -12.93
N ASP A 328 22.95 25.11 -12.40
CA ASP A 328 24.13 24.91 -11.58
C ASP A 328 23.80 24.57 -10.13
N ILE A 329 22.55 24.75 -9.70
CA ILE A 329 22.11 24.36 -8.36
C ILE A 329 21.15 23.18 -8.42
N GLN A 330 20.53 22.96 -9.59
CA GLN A 330 19.71 21.77 -9.76
C GLN A 330 20.56 20.51 -9.81
N ASP A 331 21.78 20.61 -10.33
CA ASP A 331 22.66 19.45 -10.37
C ASP A 331 23.22 19.13 -8.99
N GLN A 332 23.26 20.11 -8.10
CA GLN A 332 23.78 19.84 -6.77
C GLN A 332 22.76 19.12 -5.91
N MET A 333 21.47 19.38 -6.15
CA MET A 333 20.44 18.72 -5.36
C MET A 333 20.04 17.38 -5.93
N LEU A 334 20.37 17.10 -7.18
CA LEU A 334 20.02 15.82 -7.79
C LEU A 334 21.15 14.82 -7.70
N SER A 335 22.39 15.28 -7.71
CA SER A 335 23.51 14.37 -7.49
C SER A 335 23.61 13.96 -6.03
N HIS A 336 23.01 14.72 -5.13
CA HIS A 336 23.08 14.36 -3.72
C HIS A 336 22.08 13.26 -3.38
N ILE A 337 20.89 13.28 -4.00
CA ILE A 337 19.88 12.26 -3.75
C ILE A 337 20.35 10.91 -4.31
N CYS A 338 21.03 10.95 -5.45
CA CYS A 338 21.51 9.72 -6.07
C CYS A 338 22.63 9.10 -5.27
N LEU A 339 23.46 9.92 -4.64
CA LEU A 339 24.57 9.38 -3.86
C LEU A 339 24.13 9.00 -2.45
N LYS A 340 23.09 9.65 -1.94
CA LYS A 340 22.53 9.24 -0.66
C LYS A 340 21.85 7.89 -0.77
N PHE A 341 21.32 7.56 -1.94
CA PHE A 341 20.68 6.28 -2.14
C PHE A 341 21.70 5.17 -2.30
N LYS A 342 22.83 5.46 -2.95
CA LYS A 342 23.82 4.43 -3.20
C LYS A 342 24.56 4.05 -1.92
N THR A 343 24.75 5.01 -1.02
CA THR A 343 25.59 4.81 0.15
C THR A 343 24.81 4.70 1.44
N GLU A 344 23.89 5.61 1.70
CA GLU A 344 23.17 5.61 2.96
C GLU A 344 21.91 4.77 2.94
N GLY A 345 21.72 3.97 1.90
CA GLY A 345 20.52 3.16 1.83
C GLY A 345 19.29 4.00 1.58
N LEU A 346 18.19 3.61 2.22
CA LEU A 346 16.92 4.32 2.10
C LEU A 346 16.52 4.94 3.43
N LYS A 347 16.46 4.14 4.50
CA LYS A 347 16.10 4.61 5.83
C LYS A 347 17.19 4.13 6.79
N GLN A 348 18.25 4.91 6.90
CA GLN A 348 19.34 4.60 7.82
C GLN A 348 19.19 5.37 9.13
N GLN A 349 18.68 6.59 9.07
CA GLN A 349 18.44 7.35 10.29
C GLN A 349 17.30 6.74 11.10
N GLU A 350 16.33 6.12 10.43
CA GLU A 350 15.28 5.41 11.16
C GLU A 350 15.74 4.06 11.65
N THR A 351 16.82 3.52 11.10
CA THR A 351 17.35 2.24 11.56
C THR A 351 17.99 2.39 12.93
N LEU A 352 18.95 3.30 13.06
CA LEU A 352 19.69 3.51 14.29
C LEU A 352 19.10 4.62 15.15
N ASN A 353 17.81 4.87 15.03
CA ASN A 353 17.06 5.60 16.03
C ASN A 353 16.26 4.66 16.91
N ASN A 354 16.37 3.36 16.68
CA ASN A 354 15.69 2.36 17.49
C ASN A 354 16.63 1.54 18.36
N LEU A 355 17.93 1.55 18.06
CA LEU A 355 18.89 0.94 18.95
C LEU A 355 18.98 1.74 20.24
N PRO A 356 19.00 1.09 21.42
CA PRO A 356 18.66 1.79 22.66
C PRO A 356 19.59 2.92 23.13
N LYS A 357 20.78 2.62 23.62
CA LYS A 357 21.75 3.67 23.90
C LYS A 357 23.17 3.21 23.70
N ALA A 358 23.41 1.91 23.84
CA ALA A 358 24.75 1.37 23.89
C ALA A 358 25.10 0.50 22.69
N ILE A 359 24.09 0.03 21.95
CA ILE A 359 24.36 -0.54 20.65
C ILE A 359 24.76 0.56 19.68
N ARG A 360 24.11 1.73 19.81
CA ARG A 360 24.41 2.85 18.92
C ARG A 360 25.75 3.47 19.25
N SER A 361 26.07 3.62 20.53
CA SER A 361 27.33 4.22 20.94
C SER A 361 28.51 3.27 20.81
N SER A 362 28.27 1.99 20.55
CA SER A 362 29.36 1.08 20.23
C SER A 362 29.57 0.96 18.73
N ILE A 363 28.55 1.30 17.93
CA ILE A 363 28.74 1.41 16.49
C ILE A 363 29.65 2.59 16.19
N ALA A 364 29.41 3.72 16.85
CA ALA A 364 30.17 4.93 16.60
C ALA A 364 31.55 4.91 17.26
N ASN A 365 31.93 3.81 17.91
CA ASN A 365 33.27 3.71 18.49
C ASN A 365 34.13 2.70 17.75
N TYR A 366 33.52 1.77 17.03
CA TYR A 366 34.30 1.04 16.04
C TYR A 366 34.50 1.91 14.81
N LEU A 367 33.46 2.64 14.42
CA LEU A 367 33.49 3.51 13.26
C LEU A 367 34.04 4.88 13.67
N PHE A 368 34.97 5.39 12.88
CA PHE A 368 35.57 6.74 12.94
C PHE A 368 35.97 7.19 14.35
N PHE A 369 36.42 6.23 15.18
CA PHE A 369 37.06 6.63 16.43
C PHE A 369 38.52 7.01 16.25
N PRO A 370 39.36 6.31 15.42
CA PRO A 370 40.69 6.87 15.15
C PRO A 370 40.69 7.93 14.06
N ILE A 371 39.52 8.47 13.73
CA ILE A 371 39.41 9.60 12.82
C ILE A 371 39.36 10.87 13.64
N VAL A 372 38.56 10.85 14.71
CA VAL A 372 38.39 12.01 15.57
C VAL A 372 39.49 12.00 16.63
N HIS A 373 40.25 10.91 16.69
CA HIS A 373 41.31 10.80 17.68
C HIS A 373 42.50 11.67 17.31
N ASN A 374 43.14 11.37 16.18
CA ASN A 374 44.42 11.99 15.84
C ASN A 374 44.21 13.16 14.89
N ILE A 375 43.50 14.16 15.38
CA ILE A 375 43.48 15.48 14.75
C ILE A 375 44.00 16.48 15.77
N TYR A 376 44.37 17.67 15.29
CA TYR A 376 45.09 18.60 16.14
C TYR A 376 44.18 19.28 17.16
N LEU A 377 42.90 19.43 16.83
CA LEU A 377 41.99 20.15 17.73
C LEU A 377 41.68 19.35 18.98
N PHE A 378 41.82 18.03 18.93
CA PHE A 378 41.80 17.18 20.11
C PHE A 378 43.10 16.37 20.12
N GLN A 379 44.15 16.98 20.64
CA GLN A 379 45.44 16.33 20.79
C GLN A 379 45.91 16.53 22.22
N GLY A 380 46.23 15.43 22.90
CA GLY A 380 46.61 15.51 24.29
C GLY A 380 45.42 15.65 25.21
N VAL A 381 44.22 15.45 24.68
CA VAL A 381 43.02 15.49 25.51
C VAL A 381 42.71 14.07 26.00
N SER A 382 41.94 13.98 27.08
CA SER A 382 41.68 12.73 27.76
C SER A 382 40.85 11.78 26.89
N ARG A 383 40.82 10.51 27.32
CA ARG A 383 40.06 9.48 26.61
C ARG A 383 38.56 9.71 26.72
N ASN A 384 38.10 10.15 27.89
CA ASN A 384 36.67 10.27 28.14
C ASN A 384 36.03 11.45 27.42
N PHE A 385 36.80 12.41 26.89
CA PHE A 385 36.19 13.48 26.12
C PHE A 385 35.96 13.08 24.68
N LEU A 386 36.91 12.35 24.09
CA LEU A 386 36.72 11.73 22.79
C LEU A 386 36.11 10.34 22.90
N PHE A 387 35.34 10.11 23.96
CA PHE A 387 34.35 9.06 24.04
C PHE A 387 32.94 9.61 23.95
N GLN A 388 32.79 10.87 23.55
CA GLN A 388 31.50 11.46 23.22
C GLN A 388 31.40 11.76 21.72
N LEU A 389 31.84 10.82 20.88
CA LEU A 389 31.58 10.89 19.45
C LEU A 389 30.28 10.14 19.12
N VAL A 390 29.23 10.49 19.87
CA VAL A 390 27.96 9.80 19.76
C VAL A 390 26.91 10.63 19.05
N SER A 391 27.25 11.83 18.58
CA SER A 391 26.34 12.64 17.78
C SER A 391 26.95 13.01 16.43
N ASP A 392 27.96 12.27 16.00
CA ASP A 392 28.56 12.51 14.69
C ASP A 392 27.63 11.99 13.61
N ILE A 393 27.11 12.89 12.79
CA ILE A 393 26.34 12.49 11.61
C ILE A 393 27.36 12.31 10.50
N ASP A 394 28.00 11.15 10.50
CA ASP A 394 29.10 10.88 9.59
C ASP A 394 28.61 10.39 8.23
N ALA A 395 27.32 10.20 8.06
CA ALA A 395 26.78 9.80 6.77
C ALA A 395 26.74 11.00 5.84
N GLU A 396 27.92 11.44 5.39
CA GLU A 396 27.93 12.56 4.47
C GLU A 396 27.99 12.07 3.04
N TYR A 397 29.11 11.46 2.64
CA TYR A 397 29.38 11.01 1.28
C TYR A 397 29.01 12.05 0.24
N PHE A 398 29.71 13.15 0.25
CA PHE A 398 29.36 14.23 -0.65
C PHE A 398 29.84 13.93 -2.07
N PRO A 399 29.06 14.29 -3.08
CA PRO A 399 29.51 14.16 -4.46
C PRO A 399 30.56 15.19 -4.81
N PRO A 400 31.23 15.06 -5.94
CA PRO A 400 32.16 16.11 -6.37
C PRO A 400 31.44 17.39 -6.73
N LYS A 401 32.15 18.51 -6.55
CA LYS A 401 31.70 19.87 -6.86
C LYS A 401 30.42 20.24 -6.11
N GLU A 402 30.34 19.85 -4.85
CA GLU A 402 29.23 20.21 -3.99
C GLU A 402 29.74 21.05 -2.83
N ASP A 403 29.06 22.15 -2.56
CA ASP A 403 29.48 23.08 -1.52
C ASP A 403 29.07 22.55 -0.15
N ILE A 404 30.04 22.39 0.74
CA ILE A 404 29.76 21.94 2.10
C ILE A 404 29.44 23.11 3.01
N ILE A 405 30.24 24.17 2.92
CA ILE A 405 30.12 25.35 3.76
C ILE A 405 30.17 26.56 2.84
N LEU A 406 29.23 27.47 3.01
CA LEU A 406 29.18 28.65 2.16
C LEU A 406 30.18 29.71 2.61
N GLN A 407 30.13 30.86 1.96
CA GLN A 407 31.10 31.93 2.24
C GLN A 407 30.82 32.56 3.60
N ASN A 408 29.58 32.95 3.85
CA ASN A 408 29.17 33.47 5.15
C ASN A 408 27.94 32.71 5.60
N GLU A 409 27.94 32.23 6.83
CA GLU A 409 26.84 31.42 7.32
C GLU A 409 26.85 31.47 8.83
N ALA A 410 25.71 31.09 9.41
CA ALA A 410 25.61 30.86 10.84
C ALA A 410 26.49 29.66 11.17
N PRO A 411 27.60 29.84 11.87
CA PRO A 411 28.61 28.79 11.97
C PRO A 411 28.18 27.65 12.89
N THR A 412 27.40 26.73 12.34
CA THR A 412 26.70 25.75 13.15
C THR A 412 27.55 24.51 13.43
N ASP A 413 28.50 24.18 12.57
CA ASP A 413 29.13 22.87 12.66
C ASP A 413 30.55 22.89 12.13
N LEU A 414 31.38 22.03 12.70
CA LEU A 414 32.69 21.70 12.16
C LEU A 414 32.59 20.38 11.43
N TYR A 415 33.46 20.17 10.45
CA TYR A 415 33.48 18.94 9.68
C TYR A 415 34.88 18.34 9.73
N ILE A 416 34.96 17.01 9.73
CA ILE A 416 36.22 16.29 9.73
C ILE A 416 36.25 15.40 8.50
N LEU A 417 37.24 15.64 7.65
CA LEU A 417 37.35 14.92 6.38
C LEU A 417 37.88 13.52 6.62
N VAL A 418 37.06 12.51 6.31
CA VAL A 418 37.47 11.13 6.51
C VAL A 418 38.24 10.58 5.32
N SER A 419 37.74 10.78 4.12
CA SER A 419 38.41 10.30 2.92
C SER A 419 37.95 11.12 1.72
N GLY A 420 38.90 11.67 0.98
CA GLY A 420 38.56 12.51 -0.16
C GLY A 420 39.45 13.74 -0.23
N ALA A 421 38.94 14.83 -0.79
CA ALA A 421 39.69 16.07 -0.85
C ALA A 421 38.73 17.23 -1.01
N VAL A 422 39.14 18.40 -0.50
CA VAL A 422 38.30 19.59 -0.40
C VAL A 422 39.17 20.81 -0.70
N ASP A 423 38.64 21.73 -1.50
CA ASP A 423 39.39 22.92 -1.90
C ASP A 423 38.65 24.17 -1.43
N PHE A 424 39.32 24.96 -0.59
CA PHE A 424 38.79 26.23 -0.11
C PHE A 424 38.90 27.29 -1.19
N THR A 425 38.00 28.27 -1.11
CA THR A 425 38.06 29.43 -2.00
C THR A 425 37.59 30.66 -1.24
N VAL A 426 37.82 31.82 -1.85
CA VAL A 426 37.44 33.11 -1.26
C VAL A 426 36.39 33.66 -2.23
N TYR A 427 35.82 34.84 -1.94
CA TYR A 427 34.62 35.41 -2.54
C TYR A 427 34.52 35.41 -4.07
N VAL A 428 35.65 35.56 -4.76
CA VAL A 428 35.61 35.53 -6.22
C VAL A 428 36.38 34.32 -6.73
N ASP A 429 37.68 34.29 -6.50
CA ASP A 429 38.52 33.15 -6.90
C ASP A 429 39.77 33.18 -6.02
N GLY A 430 39.79 32.35 -4.99
CA GLY A 430 40.96 32.20 -4.16
C GLY A 430 41.39 30.75 -4.13
N HIS A 431 42.36 30.40 -3.29
CA HIS A 431 42.75 28.99 -3.19
C HIS A 431 43.42 28.66 -1.86
N ASP A 432 42.81 27.76 -1.10
CA ASP A 432 43.44 27.00 -0.04
C ASP A 432 42.89 25.58 -0.15
N GLN A 433 43.54 24.62 0.53
CA GLN A 433 43.16 23.23 0.34
C GLN A 433 43.42 22.41 1.60
N PHE A 434 42.44 21.60 1.99
CA PHE A 434 42.55 20.70 3.12
C PHE A 434 42.92 19.29 2.63
N GLN A 435 43.68 18.57 3.46
CA GLN A 435 44.22 17.27 3.10
C GLN A 435 43.20 16.19 3.42
N GLY A 436 43.64 14.93 3.38
CA GLY A 436 42.77 13.79 3.53
C GLY A 436 42.40 13.40 4.95
N LYS A 437 42.80 14.16 5.97
CA LYS A 437 42.35 13.84 7.32
C LYS A 437 42.09 15.05 8.21
N ALA A 438 42.00 16.27 7.66
CA ALA A 438 42.04 17.47 8.48
C ALA A 438 40.64 17.94 8.86
N VAL A 439 40.57 19.10 9.53
CA VAL A 439 39.33 19.72 9.95
C VAL A 439 39.11 20.96 9.11
N ILE A 440 37.87 21.18 8.67
CA ILE A 440 37.62 22.23 7.69
C ILE A 440 36.66 23.31 8.19
N GLY A 441 36.28 23.26 9.46
CA GLY A 441 35.33 24.25 9.94
C GLY A 441 35.53 24.78 11.34
N GLU A 442 36.76 24.77 11.85
CA GLU A 442 37.02 24.94 13.27
C GLU A 442 36.97 26.39 13.74
N THR A 443 36.58 27.33 12.88
CA THR A 443 36.62 28.75 13.25
C THR A 443 35.19 29.18 13.57
N PHE A 444 34.48 28.32 14.29
CA PHE A 444 33.16 28.62 14.81
C PHE A 444 33.15 28.77 16.32
N GLY A 445 34.33 28.77 16.94
CA GLY A 445 34.45 29.07 18.35
C GLY A 445 35.59 30.02 18.64
N GLU A 446 35.87 30.93 17.71
CA GLU A 446 37.03 31.80 17.80
C GLU A 446 36.67 33.12 17.10
N VAL A 447 37.69 33.84 16.63
CA VAL A 447 37.64 35.21 16.08
C VAL A 447 36.56 35.42 15.01
N GLY A 448 36.13 34.35 14.35
CA GLY A 448 34.99 34.41 13.46
C GLY A 448 33.79 33.61 13.92
N VAL A 449 33.41 33.71 15.20
CA VAL A 449 32.32 32.90 15.75
C VAL A 449 30.96 33.38 15.30
N LEU A 450 30.91 34.41 14.46
CA LEU A 450 29.71 34.82 13.76
C LEU A 450 29.85 34.74 12.25
N TYR A 451 30.92 34.13 11.73
CA TYR A 451 31.12 34.12 10.29
C TYR A 451 31.88 32.85 9.89
N TYR A 452 32.32 32.83 8.62
CA TYR A 452 33.10 31.76 8.02
C TYR A 452 34.16 32.36 7.12
N ARG A 453 35.39 31.90 7.25
CA ARG A 453 36.39 32.45 6.34
C ARG A 453 36.26 31.84 4.94
N PRO A 454 36.42 30.49 4.70
CA PRO A 454 36.39 30.04 3.31
C PRO A 454 35.00 29.61 2.86
N GLN A 455 34.92 29.09 1.63
CA GLN A 455 33.72 28.40 1.14
C GLN A 455 34.16 27.10 0.51
N PRO A 456 34.34 26.04 1.31
CA PRO A 456 34.83 24.77 0.77
C PRO A 456 33.81 24.06 -0.09
N PHE A 457 34.32 23.29 -1.05
CA PHE A 457 33.49 22.48 -1.91
C PHE A 457 34.34 21.33 -2.43
N THR A 458 33.75 20.14 -2.48
CA THR A 458 34.48 18.90 -2.72
C THR A 458 35.08 18.83 -4.12
N VAL A 459 36.04 17.93 -4.31
CA VAL A 459 36.56 17.70 -5.65
C VAL A 459 36.46 16.23 -6.05
N ARG A 460 36.89 15.29 -5.19
CA ARG A 460 36.81 13.91 -5.66
C ARG A 460 35.51 13.21 -5.32
N THR A 461 35.38 12.72 -4.09
CA THR A 461 34.18 12.11 -3.51
C THR A 461 34.48 11.97 -2.03
N THR A 462 33.75 12.66 -1.17
CA THR A 462 34.27 12.91 0.16
C THR A 462 33.27 12.47 1.21
N GLU A 463 33.77 11.80 2.23
CA GLU A 463 32.99 11.44 3.41
C GLU A 463 33.44 12.32 4.57
N LEU A 464 32.48 12.99 5.21
CA LEU A 464 32.73 13.92 6.30
C LEU A 464 32.12 13.41 7.60
N SER A 465 32.15 14.23 8.65
CA SER A 465 31.68 13.79 9.95
C SER A 465 30.63 14.70 10.58
N GLN A 466 30.73 16.02 10.42
CA GLN A 466 29.73 16.99 10.87
C GLN A 466 29.42 16.94 12.37
N ILE A 467 30.34 17.38 13.21
CA ILE A 467 30.02 17.65 14.60
C ILE A 467 29.42 19.05 14.68
N LEU A 468 28.25 19.17 15.30
CA LEU A 468 27.40 20.35 15.13
C LEU A 468 26.94 20.97 16.45
N ARG A 469 27.78 21.84 17.04
CA ARG A 469 27.47 22.73 18.16
C ARG A 469 26.78 22.07 19.34
N ILE A 470 27.08 20.80 19.59
CA ILE A 470 26.51 20.07 20.71
C ILE A 470 27.63 19.34 21.42
N SER A 471 28.81 19.33 20.81
CA SER A 471 30.00 18.79 21.44
C SER A 471 31.16 19.77 21.48
N ARG A 472 30.95 21.04 21.15
CA ARG A 472 31.93 22.07 21.37
C ARG A 472 31.37 23.29 22.10
N THR A 473 30.12 23.67 21.82
CA THR A 473 29.43 24.73 22.54
C THR A 473 28.54 24.20 23.66
N SER A 474 27.74 23.18 23.39
CA SER A 474 26.95 22.53 24.43
C SER A 474 27.71 21.42 25.14
N LEU A 475 29.03 21.34 24.95
CA LEU A 475 29.89 20.55 25.82
C LEU A 475 30.98 21.42 26.43
N MET A 476 30.63 22.58 26.97
CA MET A 476 31.54 23.34 27.82
C MET A 476 31.75 22.62 29.15
N SER A 477 30.77 21.83 29.57
CA SER A 477 30.61 21.49 30.97
C SER A 477 31.35 20.23 31.40
N ALA A 478 31.59 19.29 30.48
CA ALA A 478 32.14 18.01 30.90
C ALA A 478 33.64 18.11 31.16
N MET A 479 34.43 18.33 30.11
CA MET A 479 35.88 18.43 30.22
C MET A 479 36.35 19.38 29.13
N HIS A 480 37.68 19.43 28.95
CA HIS A 480 38.36 19.92 27.75
C HIS A 480 38.06 21.40 27.47
N ALA A 481 38.55 22.25 28.37
CA ALA A 481 38.73 23.66 28.03
C ALA A 481 40.10 23.93 27.35
N HIS A 482 40.78 22.81 27.10
CA HIS A 482 42.06 22.75 26.41
C HIS A 482 41.92 22.77 24.89
N ALA A 483 40.73 22.41 24.37
CA ALA A 483 40.52 22.40 22.93
C ALA A 483 40.56 23.80 22.36
N ASP A 484 40.10 24.79 23.13
CA ASP A 484 40.16 26.18 22.70
C ASP A 484 41.57 26.74 22.77
N ASP A 485 42.48 26.05 23.47
CA ASP A 485 43.88 26.41 23.52
C ASP A 485 44.64 25.81 22.33
N GLY A 486 44.25 24.61 21.90
CA GLY A 486 44.91 23.98 20.78
C GLY A 486 44.63 24.62 19.44
N ARG A 487 43.58 25.46 19.35
CA ARG A 487 43.26 26.13 18.10
C ARG A 487 44.14 27.35 17.90
N VAL A 488 44.48 28.06 18.97
CA VAL A 488 45.26 29.29 18.83
C VAL A 488 46.73 28.99 18.57
N ILE A 489 47.18 27.77 18.85
CA ILE A 489 48.55 27.39 18.54
C ILE A 489 48.71 27.22 17.03
N MET A 490 47.71 26.68 16.35
CA MET A 490 47.79 26.51 14.90
C MET A 490 47.68 27.84 14.17
N ASN A 491 47.06 28.84 14.78
CA ASN A 491 47.05 30.18 14.21
C ASN A 491 48.28 31.00 14.59
N ASN A 492 49.22 30.39 15.32
CA ASN A 492 50.49 30.99 15.75
C ASN A 492 50.31 32.29 16.54
N LYS B 49 -39.02 8.69 27.28
CA LYS B 49 -40.46 8.66 27.13
C LYS B 49 -41.01 7.24 27.15
N HIS B 50 -41.88 6.93 26.20
CA HIS B 50 -42.42 5.59 25.99
C HIS B 50 -41.76 4.92 24.77
N ILE B 51 -40.49 5.21 24.56
CA ILE B 51 -39.75 4.82 23.37
C ILE B 51 -38.68 3.81 23.77
N ILE B 52 -38.54 2.75 22.96
CA ILE B 52 -37.51 1.74 23.19
C ILE B 52 -36.24 2.16 22.47
N SER B 53 -35.13 2.13 23.19
CA SER B 53 -33.81 2.42 22.66
C SER B 53 -33.35 1.26 21.78
N PRO B 54 -32.54 1.51 20.74
CA PRO B 54 -32.12 0.42 19.86
C PRO B 54 -31.03 -0.46 20.43
N PHE B 55 -31.23 -1.00 21.63
CA PHE B 55 -30.30 -1.94 22.24
C PHE B 55 -31.11 -3.03 22.93
N ASN B 56 -30.38 -4.00 23.48
CA ASN B 56 -30.79 -5.30 24.00
C ASN B 56 -31.95 -5.22 24.99
N PRO B 57 -32.75 -6.28 25.18
CA PRO B 57 -32.84 -7.56 24.48
C PRO B 57 -34.01 -7.72 23.51
N ARG B 58 -35.04 -6.91 23.67
CA ARG B 58 -36.26 -7.04 22.88
C ARG B 58 -36.17 -6.35 21.53
N TYR B 59 -35.01 -5.81 21.17
CA TYR B 59 -34.87 -5.19 19.86
C TYR B 59 -33.65 -5.69 19.11
N ARG B 60 -32.57 -6.03 19.78
CA ARG B 60 -31.41 -6.57 19.09
C ARG B 60 -31.51 -8.08 18.88
N ALA B 61 -32.59 -8.70 19.34
CA ALA B 61 -32.94 -10.06 18.96
C ALA B 61 -34.09 -10.10 17.98
N TRP B 62 -34.93 -9.06 17.95
CA TRP B 62 -35.92 -8.93 16.90
C TRP B 62 -35.28 -8.54 15.59
N GLU B 63 -34.23 -7.71 15.64
CA GLU B 63 -33.53 -7.32 14.42
C GLU B 63 -32.70 -8.47 13.86
N MET B 64 -32.24 -9.38 14.71
CA MET B 64 -31.53 -10.55 14.23
C MET B 64 -32.47 -11.58 13.63
N TRP B 65 -33.76 -11.49 13.92
CA TRP B 65 -34.71 -12.40 13.30
C TRP B 65 -35.16 -11.91 11.94
N LEU B 66 -35.22 -10.59 11.75
CA LEU B 66 -35.58 -10.07 10.44
C LEU B 66 -34.47 -10.25 9.41
N VAL B 67 -33.24 -10.49 9.87
CA VAL B 67 -32.16 -10.80 8.94
C VAL B 67 -32.37 -12.19 8.34
N LEU B 68 -32.88 -13.12 9.14
CA LEU B 68 -33.17 -14.45 8.61
C LEU B 68 -34.39 -14.45 7.69
N LEU B 69 -35.21 -13.42 7.75
CA LEU B 69 -36.30 -13.29 6.80
C LEU B 69 -35.92 -12.44 5.61
N VAL B 70 -34.66 -12.00 5.53
CA VAL B 70 -34.17 -11.35 4.31
C VAL B 70 -33.33 -12.33 3.51
N ILE B 71 -32.56 -13.18 4.20
CA ILE B 71 -31.79 -14.24 3.56
C ILE B 71 -32.73 -15.24 2.89
N TYR B 72 -33.87 -15.52 3.52
CA TYR B 72 -34.88 -16.34 2.87
C TYR B 72 -35.56 -15.60 1.73
N SER B 73 -35.93 -14.34 1.95
CA SER B 73 -36.72 -13.63 0.95
C SER B 73 -35.88 -13.04 -0.16
N ALA B 74 -34.57 -13.29 -0.16
CA ALA B 74 -33.73 -13.01 -1.30
C ALA B 74 -33.22 -14.27 -1.97
N TRP B 75 -33.66 -15.43 -1.49
CA TRP B 75 -33.40 -16.71 -2.15
C TRP B 75 -34.57 -17.16 -3.00
N ILE B 76 -35.80 -17.04 -2.51
CA ILE B 76 -36.98 -17.45 -3.25
C ILE B 76 -37.51 -16.31 -4.08
N CYS B 77 -36.87 -15.15 -4.02
CA CYS B 77 -37.35 -14.04 -4.81
C CYS B 77 -36.98 -14.15 -6.29
N PRO B 78 -35.77 -14.65 -6.70
CA PRO B 78 -35.61 -15.01 -8.11
C PRO B 78 -35.84 -16.48 -8.40
N PHE B 79 -36.04 -17.31 -7.37
CA PHE B 79 -36.23 -18.73 -7.59
C PHE B 79 -37.65 -19.04 -8.01
N GLN B 80 -38.63 -18.45 -7.34
CA GLN B 80 -40.01 -18.59 -7.78
C GLN B 80 -40.33 -17.70 -8.97
N PHE B 81 -39.44 -16.77 -9.31
CA PHE B 81 -39.59 -15.97 -10.50
C PHE B 81 -39.35 -16.79 -11.76
N ALA B 82 -38.55 -17.86 -11.68
CA ALA B 82 -38.20 -18.63 -12.85
C ALA B 82 -38.69 -20.08 -12.79
N PHE B 83 -38.30 -20.83 -11.76
CA PHE B 83 -38.54 -22.27 -11.79
C PHE B 83 -39.96 -22.61 -11.36
N ILE B 84 -40.34 -22.25 -10.13
CA ILE B 84 -41.68 -22.53 -9.63
C ILE B 84 -42.55 -21.37 -10.10
N THR B 85 -43.01 -21.45 -11.34
CA THR B 85 -43.83 -20.42 -11.94
C THR B 85 -45.31 -20.62 -11.70
N TYR B 86 -45.70 -21.61 -10.91
CA TYR B 86 -47.11 -21.78 -10.57
C TYR B 86 -47.50 -20.87 -9.41
N LYS B 87 -46.92 -21.14 -8.24
CA LYS B 87 -47.16 -20.40 -6.98
C LYS B 87 -48.64 -20.32 -6.63
N LYS B 88 -49.33 -21.45 -6.77
CA LYS B 88 -50.77 -21.48 -6.53
C LYS B 88 -51.13 -21.25 -5.07
N ASP B 89 -50.87 -22.23 -4.19
CA ASP B 89 -51.17 -22.07 -2.78
C ASP B 89 -50.22 -22.75 -1.82
N ALA B 90 -49.12 -23.36 -2.27
CA ALA B 90 -48.29 -24.15 -1.37
C ALA B 90 -47.31 -23.29 -0.58
N ILE B 91 -46.45 -22.55 -1.28
CA ILE B 91 -45.52 -21.61 -0.66
C ILE B 91 -46.18 -20.28 -0.37
N PHE B 92 -47.45 -20.13 -0.72
CA PHE B 92 -48.16 -18.86 -0.69
C PHE B 92 -48.33 -18.33 0.73
N ILE B 93 -48.39 -19.21 1.73
CA ILE B 93 -48.61 -18.73 3.09
C ILE B 93 -47.31 -18.27 3.73
N ILE B 94 -46.17 -18.84 3.31
CA ILE B 94 -44.90 -18.44 3.90
C ILE B 94 -44.48 -17.07 3.35
N ASP B 95 -44.78 -16.81 2.08
CA ASP B 95 -44.47 -15.50 1.51
C ASP B 95 -45.47 -14.43 1.93
N ASN B 96 -46.49 -14.75 2.71
CA ASN B 96 -47.40 -13.78 3.29
C ASN B 96 -47.27 -13.66 4.79
N ILE B 97 -46.81 -14.72 5.46
CA ILE B 97 -46.41 -14.60 6.87
C ILE B 97 -45.16 -13.72 6.97
N VAL B 98 -44.19 -13.95 6.08
CA VAL B 98 -42.97 -13.15 6.03
C VAL B 98 -43.28 -11.71 5.65
N ASN B 99 -44.19 -11.52 4.69
CA ASN B 99 -44.58 -10.18 4.29
C ASN B 99 -45.43 -9.48 5.34
N GLY B 100 -45.90 -10.20 6.36
CA GLY B 100 -46.60 -9.57 7.47
C GLY B 100 -45.64 -9.14 8.56
N PHE B 101 -44.53 -9.87 8.69
CA PHE B 101 -43.52 -9.49 9.69
C PHE B 101 -42.71 -8.28 9.26
N PHE B 102 -42.80 -7.90 7.99
CA PHE B 102 -42.19 -6.67 7.53
C PHE B 102 -43.16 -5.50 7.51
N ALA B 103 -44.44 -5.75 7.78
CA ALA B 103 -45.40 -4.68 7.96
C ALA B 103 -45.48 -4.23 9.41
N ILE B 104 -45.16 -5.14 10.33
CA ILE B 104 -45.03 -4.76 11.75
C ILE B 104 -43.85 -3.81 11.94
N ASP B 105 -42.75 -4.08 11.24
CA ASP B 105 -41.53 -3.31 11.48
C ASP B 105 -41.58 -1.94 10.81
N ILE B 106 -42.56 -1.70 9.94
CA ILE B 106 -42.78 -0.33 9.49
C ILE B 106 -43.42 0.47 10.62
N ILE B 107 -44.30 -0.16 11.38
CA ILE B 107 -44.93 0.49 12.53
C ILE B 107 -43.91 0.67 13.64
N LEU B 108 -43.09 -0.35 13.89
CA LEU B 108 -42.24 -0.40 15.08
C LEU B 108 -41.12 0.64 15.02
N THR B 109 -40.62 0.95 13.83
CA THR B 109 -39.54 1.93 13.75
C THR B 109 -40.03 3.37 13.68
N PHE B 110 -41.23 3.64 14.17
CA PHE B 110 -41.58 4.98 14.60
C PHE B 110 -41.38 5.18 16.10
N PHE B 111 -40.73 4.22 16.75
CA PHE B 111 -40.52 4.23 18.20
C PHE B 111 -39.11 3.78 18.55
N VAL B 112 -38.10 4.27 17.81
CA VAL B 112 -36.71 3.93 18.09
C VAL B 112 -35.88 5.20 18.13
N ALA B 113 -34.80 5.17 18.92
CA ALA B 113 -34.19 6.41 19.41
C ALA B 113 -33.10 6.95 18.49
N TYR B 114 -32.44 6.09 17.73
CA TYR B 114 -31.61 6.32 16.55
C TYR B 114 -30.25 6.98 16.73
N LEU B 115 -29.87 7.52 17.89
CA LEU B 115 -28.48 7.91 18.23
C LEU B 115 -27.92 8.96 17.26
N ASP B 116 -28.35 10.21 17.49
CA ASP B 116 -28.03 11.41 16.70
C ASP B 116 -26.56 11.52 16.29
N SER B 117 -26.32 12.07 15.11
CA SER B 117 -25.00 12.04 14.48
C SER B 117 -24.07 13.15 14.94
N HIS B 118 -24.59 14.35 15.20
CA HIS B 118 -23.76 15.46 15.62
C HIS B 118 -23.65 15.59 17.13
N SER B 119 -24.48 14.87 17.88
CA SER B 119 -24.45 14.93 19.33
C SER B 119 -24.00 13.64 19.99
N TYR B 120 -24.00 12.52 19.25
CA TYR B 120 -23.61 11.19 19.73
C TYR B 120 -24.43 10.75 20.94
N LEU B 121 -25.69 11.18 21.00
CA LEU B 121 -26.61 10.82 22.07
C LEU B 121 -27.94 10.42 21.46
N LEU B 122 -28.70 9.64 22.22
CA LEU B 122 -29.98 9.14 21.73
C LEU B 122 -31.04 10.23 21.73
N VAL B 123 -31.87 10.24 20.70
CA VAL B 123 -32.95 11.21 20.56
C VAL B 123 -34.24 10.51 20.97
N ASP B 124 -34.87 10.99 22.03
CA ASP B 124 -36.17 10.49 22.47
C ASP B 124 -37.18 11.61 22.23
N SER B 125 -37.66 11.70 21.00
CA SER B 125 -38.65 12.71 20.63
C SER B 125 -39.40 12.15 19.45
N PRO B 126 -40.69 11.82 19.62
CA PRO B 126 -41.42 11.08 18.59
C PRO B 126 -41.74 11.87 17.34
N LYS B 127 -41.47 13.17 17.34
CA LYS B 127 -41.60 13.93 16.10
C LYS B 127 -40.35 13.86 15.24
N LYS B 128 -39.17 14.06 15.84
CA LYS B 128 -37.94 14.02 15.05
C LYS B 128 -37.57 12.58 14.68
N ILE B 129 -38.06 11.60 15.44
CA ILE B 129 -38.00 10.21 15.01
C ILE B 129 -38.79 10.03 13.72
N ALA B 130 -39.97 10.66 13.65
CA ALA B 130 -40.89 10.43 12.55
C ALA B 130 -40.42 11.09 11.26
N ILE B 131 -39.89 12.32 11.36
CA ILE B 131 -39.45 13.02 10.15
C ILE B 131 -38.20 12.37 9.58
N ARG B 132 -37.39 11.75 10.44
CA ARG B 132 -36.20 11.06 9.96
C ARG B 132 -36.57 9.79 9.22
N TYR B 133 -37.49 9.01 9.76
CA TYR B 133 -37.85 7.75 9.12
C TYR B 133 -38.66 7.98 7.86
N LEU B 134 -39.43 9.06 7.82
CA LEU B 134 -40.24 9.34 6.65
C LEU B 134 -39.42 9.95 5.51
N SER B 135 -38.19 10.38 5.78
CA SER B 135 -37.36 10.99 4.75
C SER B 135 -36.29 10.06 4.20
N THR B 136 -35.92 9.01 4.93
CA THR B 136 -34.88 8.09 4.48
C THR B 136 -35.45 6.78 3.93
N TRP B 137 -36.19 6.03 4.73
CA TRP B 137 -36.55 4.67 4.37
C TRP B 137 -38.02 4.40 4.62
N PHE B 138 -38.90 5.29 4.17
CA PHE B 138 -40.33 5.02 4.19
C PHE B 138 -40.88 4.82 2.79
N ALA B 139 -40.55 5.71 1.85
CA ALA B 139 -40.96 5.54 0.47
C ALA B 139 -40.22 4.41 -0.23
N PHE B 140 -39.17 3.90 0.38
CA PHE B 140 -38.41 2.75 -0.08
C PHE B 140 -38.87 1.45 0.57
N ASP B 141 -39.27 1.49 1.83
CA ASP B 141 -39.60 0.28 2.56
C ASP B 141 -41.09 -0.04 2.61
N VAL B 142 -41.94 0.82 2.05
CA VAL B 142 -43.36 0.49 1.97
C VAL B 142 -43.64 -0.01 0.56
N CYS B 143 -42.68 0.21 -0.34
CA CYS B 143 -42.78 -0.36 -1.68
C CYS B 143 -42.29 -1.79 -1.73
N SER B 144 -41.77 -2.32 -0.62
CA SER B 144 -41.35 -3.71 -0.51
C SER B 144 -42.24 -4.50 0.43
N THR B 145 -43.37 -3.93 0.83
CA THR B 145 -44.24 -4.56 1.81
C THR B 145 -45.64 -4.82 1.28
N ALA B 146 -46.19 -3.90 0.49
CA ALA B 146 -47.53 -4.05 -0.07
C ALA B 146 -47.56 -5.20 -1.07
N PRO B 147 -48.44 -6.19 -0.89
CA PRO B 147 -48.41 -7.37 -1.76
C PRO B 147 -49.02 -7.05 -3.12
N PHE B 148 -48.27 -7.37 -4.17
CA PHE B 148 -48.74 -7.24 -5.54
C PHE B 148 -49.17 -8.58 -6.12
N GLN B 149 -48.36 -9.63 -5.94
CA GLN B 149 -48.76 -10.95 -6.41
C GLN B 149 -49.85 -11.58 -5.55
N PRO B 150 -49.74 -11.62 -4.17
CA PRO B 150 -50.87 -12.20 -3.41
C PRO B 150 -52.13 -11.36 -3.41
N LEU B 151 -52.01 -10.08 -3.09
CA LEU B 151 -53.21 -9.28 -2.80
C LEU B 151 -53.93 -8.88 -4.07
N SER B 152 -53.20 -8.54 -5.13
CA SER B 152 -53.86 -8.16 -6.37
C SER B 152 -54.13 -9.34 -7.28
N LEU B 153 -54.17 -10.56 -6.74
CA LEU B 153 -54.71 -11.71 -7.44
C LEU B 153 -56.21 -11.59 -7.65
N LEU B 154 -56.90 -10.83 -6.80
CA LEU B 154 -58.36 -10.80 -6.77
C LEU B 154 -58.98 -9.87 -7.80
N PHE B 155 -58.20 -9.08 -8.53
CA PHE B 155 -58.82 -8.16 -9.49
C PHE B 155 -59.23 -8.86 -10.77
N ASN B 156 -58.25 -9.30 -11.56
CA ASN B 156 -58.56 -10.03 -12.79
C ASN B 156 -57.63 -11.19 -13.09
N TYR B 157 -56.42 -11.23 -12.54
CA TYR B 157 -55.33 -12.02 -13.10
C TYR B 157 -55.19 -13.36 -12.38
N ASN B 158 -54.31 -14.20 -12.92
CA ASN B 158 -54.09 -15.55 -12.43
C ASN B 158 -52.79 -15.66 -11.64
N GLY B 159 -52.24 -14.55 -11.16
CA GLY B 159 -51.05 -14.58 -10.36
C GLY B 159 -49.76 -14.74 -11.11
N SER B 160 -49.77 -14.50 -12.43
CA SER B 160 -48.56 -14.61 -13.23
C SER B 160 -48.71 -13.74 -14.47
N GLU B 161 -47.72 -12.90 -14.72
CA GLU B 161 -47.57 -12.09 -15.92
C GLU B 161 -46.14 -11.57 -15.90
N LEU B 162 -45.69 -11.04 -17.05
CA LEU B 162 -44.33 -10.52 -17.11
C LEU B 162 -44.19 -9.24 -16.32
N GLY B 163 -45.00 -8.24 -16.63
CA GLY B 163 -44.93 -6.96 -15.94
C GLY B 163 -45.71 -6.90 -14.65
N PHE B 164 -45.93 -8.05 -14.02
CA PHE B 164 -46.69 -8.12 -12.78
C PHE B 164 -45.93 -8.90 -11.73
N ARG B 165 -45.09 -9.83 -12.16
CA ARG B 165 -44.22 -10.53 -11.23
C ARG B 165 -42.81 -9.94 -11.18
N ILE B 166 -42.49 -9.05 -12.12
CA ILE B 166 -41.32 -8.18 -11.98
C ILE B 166 -41.54 -7.18 -10.84
N LEU B 167 -42.78 -6.78 -10.58
CA LEU B 167 -43.06 -5.95 -9.42
C LEU B 167 -42.88 -6.70 -8.10
N SER B 168 -42.80 -8.03 -8.13
CA SER B 168 -42.41 -8.79 -6.95
C SER B 168 -40.90 -8.90 -6.79
N MET B 169 -40.11 -8.26 -7.65
CA MET B 169 -38.68 -8.15 -7.42
C MET B 169 -38.32 -7.03 -6.45
N LEU B 170 -39.31 -6.24 -6.02
CA LEU B 170 -39.07 -5.23 -5.00
C LEU B 170 -38.91 -5.84 -3.61
N ARG B 171 -39.14 -7.14 -3.47
CA ARG B 171 -38.75 -7.85 -2.25
C ARG B 171 -37.25 -8.14 -2.19
N LEU B 172 -36.48 -7.71 -3.19
CA LEU B 172 -35.03 -7.64 -3.08
C LEU B 172 -34.57 -6.30 -2.52
N TRP B 173 -35.47 -5.34 -2.37
CA TRP B 173 -35.11 -4.06 -1.79
C TRP B 173 -35.02 -4.10 -0.27
N ARG B 174 -35.44 -5.19 0.36
CA ARG B 174 -35.25 -5.35 1.79
C ARG B 174 -33.90 -5.95 2.12
N LEU B 175 -32.97 -5.97 1.17
CA LEU B 175 -31.61 -6.42 1.40
C LEU B 175 -30.77 -5.41 2.15
N ARG B 176 -31.28 -4.19 2.36
CA ARG B 176 -30.50 -3.18 3.06
C ARG B 176 -30.38 -3.47 4.55
N ARG B 177 -31.22 -4.36 5.10
CA ARG B 177 -31.05 -4.77 6.48
C ARG B 177 -29.85 -5.68 6.65
N VAL B 178 -29.44 -6.38 5.60
CA VAL B 178 -28.24 -7.20 5.66
C VAL B 178 -27.01 -6.38 5.34
N SER B 179 -27.12 -5.45 4.40
CA SER B 179 -25.96 -4.63 4.03
C SER B 179 -25.60 -3.64 5.11
N SER B 180 -26.58 -3.17 5.89
CA SER B 180 -26.31 -2.30 7.03
C SER B 180 -26.03 -3.07 8.30
N LEU B 181 -25.95 -4.39 8.24
CA LEU B 181 -25.45 -5.18 9.35
C LEU B 181 -23.98 -5.53 9.17
N PHE B 182 -23.53 -5.65 7.93
CA PHE B 182 -22.11 -5.85 7.69
C PHE B 182 -21.32 -4.57 7.96
N ALA B 183 -21.97 -3.42 7.80
CA ALA B 183 -21.31 -2.16 8.13
C ALA B 183 -21.24 -1.95 9.63
N ARG B 184 -22.19 -2.52 10.38
CA ARG B 184 -22.18 -2.36 11.82
C ARG B 184 -21.22 -3.34 12.48
N LEU B 185 -21.14 -4.57 11.98
CA LEU B 185 -20.27 -5.56 12.59
C LEU B 185 -18.80 -5.33 12.29
N GLU B 186 -18.47 -4.47 11.32
CA GLU B 186 -17.07 -4.21 11.02
C GLU B 186 -16.44 -3.31 12.06
N LYS B 187 -17.23 -2.43 12.67
CA LYS B 187 -16.73 -1.53 13.70
C LYS B 187 -17.00 -2.04 15.10
N ASP B 188 -17.64 -3.19 15.24
CA ASP B 188 -17.82 -3.83 16.54
C ASP B 188 -16.54 -4.55 16.92
N ILE B 189 -15.91 -4.17 18.03
CA ILE B 189 -14.59 -4.68 18.35
C ILE B 189 -14.61 -6.10 18.90
N ARG B 190 -15.79 -6.63 19.24
CA ARG B 190 -15.86 -8.00 19.70
C ARG B 190 -16.11 -8.99 18.57
N PHE B 191 -16.13 -8.52 17.32
CA PHE B 191 -16.19 -9.37 16.15
C PHE B 191 -14.91 -9.22 15.35
N ASN B 192 -14.52 -10.28 14.66
CA ASN B 192 -13.32 -10.24 13.86
C ASN B 192 -13.54 -9.40 12.61
N TYR B 193 -12.43 -9.02 11.97
CA TYR B 193 -12.47 -8.25 10.75
C TYR B 193 -12.07 -9.05 9.52
N PHE B 194 -11.23 -10.07 9.68
CA PHE B 194 -10.92 -10.93 8.55
C PHE B 194 -12.03 -11.93 8.26
N TRP B 195 -12.90 -12.22 9.22
CA TRP B 195 -13.98 -13.16 8.97
C TRP B 195 -15.34 -12.49 8.94
N ILE B 196 -15.38 -11.17 8.86
CA ILE B 196 -16.57 -10.44 8.45
C ILE B 196 -16.41 -9.93 7.03
N ARG B 197 -15.20 -9.49 6.67
CA ARG B 197 -14.93 -9.04 5.32
C ARG B 197 -14.96 -10.17 4.30
N CYS B 198 -14.64 -11.40 4.69
CA CYS B 198 -14.78 -12.51 3.75
C CYS B 198 -16.20 -13.06 3.71
N THR B 199 -16.96 -12.96 4.79
CA THR B 199 -18.38 -13.28 4.75
C THR B 199 -19.17 -12.32 3.87
N LYS B 200 -18.75 -11.06 3.80
CA LYS B 200 -19.35 -10.12 2.86
C LYS B 200 -18.91 -10.42 1.43
N LEU B 201 -17.71 -10.97 1.26
CA LEU B 201 -17.25 -11.28 -0.09
C LEU B 201 -17.83 -12.59 -0.59
N ILE B 202 -18.24 -13.48 0.30
CA ILE B 202 -18.83 -14.74 -0.12
C ILE B 202 -20.31 -14.55 -0.43
N SER B 203 -21.01 -13.75 0.38
CA SER B 203 -22.45 -13.60 0.22
C SER B 203 -22.80 -12.78 -1.02
N VAL B 204 -21.86 -11.98 -1.51
CA VAL B 204 -22.11 -11.21 -2.73
C VAL B 204 -22.02 -12.12 -3.94
N THR B 205 -21.05 -13.04 -3.96
CA THR B 205 -20.89 -13.91 -5.13
C THR B 205 -21.90 -15.03 -5.12
N LEU B 206 -22.31 -15.51 -3.94
CA LEU B 206 -23.36 -16.51 -3.86
C LEU B 206 -24.69 -15.95 -4.32
N PHE B 207 -24.89 -14.66 -4.15
CA PHE B 207 -26.10 -14.04 -4.68
C PHE B 207 -25.96 -13.74 -6.17
N ALA B 208 -24.74 -13.54 -6.65
CA ALA B 208 -24.56 -13.25 -8.06
C ALA B 208 -24.64 -14.52 -8.90
N ILE B 209 -24.29 -15.66 -8.31
CA ILE B 209 -24.45 -16.94 -8.98
C ILE B 209 -25.92 -17.32 -9.04
N HIS B 210 -26.62 -17.12 -7.94
CA HIS B 210 -28.03 -17.51 -7.86
C HIS B 210 -28.91 -16.62 -8.72
N CYS B 211 -28.74 -15.30 -8.61
CA CYS B 211 -29.62 -14.38 -9.32
C CYS B 211 -29.32 -14.31 -10.80
N ALA B 212 -28.21 -14.87 -11.27
CA ALA B 212 -27.94 -14.94 -12.69
C ALA B 212 -28.02 -16.35 -13.25
N GLY B 213 -28.20 -17.36 -12.41
CA GLY B 213 -28.58 -18.67 -12.86
C GLY B 213 -30.06 -18.88 -12.93
N CYS B 214 -30.82 -17.97 -12.33
CA CYS B 214 -32.27 -17.97 -12.45
C CYS B 214 -32.77 -16.95 -13.45
N PHE B 215 -31.93 -15.99 -13.84
CA PHE B 215 -32.31 -15.06 -14.90
C PHE B 215 -31.90 -15.55 -16.27
N ASN B 216 -31.12 -16.62 -16.35
CA ASN B 216 -30.78 -17.25 -17.61
C ASN B 216 -31.52 -18.54 -17.84
N TYR B 217 -32.34 -18.96 -16.88
CA TYR B 217 -33.33 -19.99 -17.13
C TYR B 217 -34.64 -19.43 -17.63
N LEU B 218 -34.94 -18.18 -17.29
CA LEU B 218 -36.14 -17.53 -17.81
C LEU B 218 -36.00 -17.21 -19.29
N ILE B 219 -34.78 -16.96 -19.76
CA ILE B 219 -34.58 -16.72 -21.19
C ILE B 219 -34.75 -18.01 -21.97
N ALA B 220 -34.39 -19.15 -21.38
CA ALA B 220 -34.54 -20.42 -22.05
C ALA B 220 -35.95 -20.98 -21.93
N ASP B 221 -36.59 -20.80 -20.77
CA ASP B 221 -37.92 -21.36 -20.57
C ASP B 221 -39.00 -20.58 -21.30
N ARG B 222 -38.76 -19.31 -21.59
CA ARG B 222 -39.76 -18.45 -22.23
C ARG B 222 -39.35 -18.08 -23.64
N TYR B 223 -38.81 -19.05 -24.39
CA TYR B 223 -38.41 -18.81 -25.76
C TYR B 223 -39.43 -19.45 -26.69
N PRO B 224 -40.07 -18.70 -27.58
CA PRO B 224 -41.21 -19.26 -28.34
C PRO B 224 -40.79 -20.27 -29.38
N ASN B 225 -39.56 -20.18 -29.85
CA ASN B 225 -39.01 -21.13 -30.80
C ASN B 225 -38.68 -22.43 -30.06
N PRO B 226 -38.36 -23.54 -30.74
CA PRO B 226 -37.96 -24.76 -30.01
C PRO B 226 -36.61 -24.67 -29.34
N ARG B 227 -36.11 -25.80 -28.87
CA ARG B 227 -34.90 -25.84 -28.06
C ARG B 227 -33.66 -25.51 -28.88
N LYS B 228 -33.52 -24.22 -29.21
CA LYS B 228 -32.29 -23.63 -29.73
C LYS B 228 -31.78 -22.61 -28.72
N THR B 229 -31.79 -23.01 -27.46
CA THR B 229 -31.32 -22.20 -26.34
C THR B 229 -30.02 -22.80 -25.82
N TRP B 230 -29.53 -22.25 -24.70
CA TRP B 230 -28.24 -22.70 -24.17
C TRP B 230 -28.33 -24.09 -23.57
N ILE B 231 -29.48 -24.44 -22.98
CA ILE B 231 -29.64 -25.72 -22.31
C ILE B 231 -30.32 -26.67 -23.29
N GLY B 232 -31.09 -26.12 -24.23
CA GLY B 232 -31.79 -26.96 -25.19
C GLY B 232 -30.91 -27.59 -26.23
N ALA B 233 -29.71 -27.05 -26.44
CA ALA B 233 -28.82 -27.59 -27.45
C ALA B 233 -28.13 -28.87 -27.01
N VAL B 234 -28.16 -29.21 -25.72
CA VAL B 234 -27.54 -30.42 -25.22
C VAL B 234 -28.58 -31.33 -24.56
N TYR B 235 -29.50 -30.74 -23.79
CA TYR B 235 -30.64 -31.45 -23.22
C TYR B 235 -31.86 -30.94 -23.97
N PRO B 236 -32.36 -31.67 -24.96
CA PRO B 236 -33.36 -31.08 -25.88
C PRO B 236 -34.72 -30.87 -25.28
N ASN B 237 -35.11 -31.61 -24.25
CA ASN B 237 -36.42 -31.44 -23.66
C ASN B 237 -36.41 -30.53 -22.43
N PHE B 238 -35.72 -30.95 -21.36
CA PHE B 238 -35.44 -30.24 -20.11
C PHE B 238 -36.65 -29.59 -19.41
N LYS B 239 -37.86 -29.93 -19.83
CA LYS B 239 -39.08 -29.31 -19.33
C LYS B 239 -40.09 -30.39 -19.01
N GLU B 240 -40.75 -30.25 -17.85
CA GLU B 240 -41.63 -31.27 -17.26
C GLU B 240 -40.89 -32.59 -17.07
N ALA B 241 -39.59 -32.51 -16.85
CA ALA B 241 -38.71 -33.66 -16.74
C ALA B 241 -37.42 -33.19 -16.10
N SER B 242 -36.45 -34.11 -16.01
CA SER B 242 -35.07 -33.87 -15.57
C SER B 242 -35.00 -33.25 -14.16
N LEU B 243 -35.99 -33.57 -13.32
CA LEU B 243 -35.93 -33.35 -11.86
C LEU B 243 -35.76 -31.87 -11.52
N TRP B 244 -36.85 -31.12 -11.73
CA TRP B 244 -36.95 -29.67 -11.50
C TRP B 244 -36.40 -29.13 -10.18
N ASN B 245 -36.33 -29.96 -9.13
CA ASN B 245 -35.74 -29.52 -7.88
C ASN B 245 -34.22 -29.60 -7.96
N ARG B 246 -33.69 -30.17 -9.04
CA ARG B 246 -32.26 -30.16 -9.30
C ARG B 246 -32.02 -29.25 -10.51
N TYR B 247 -31.85 -27.96 -10.21
CA TYR B 247 -31.51 -26.91 -11.15
C TYR B 247 -30.01 -26.66 -11.20
N VAL B 248 -29.22 -27.68 -10.92
CA VAL B 248 -27.76 -27.60 -10.85
C VAL B 248 -27.16 -27.22 -12.20
N THR B 249 -27.87 -27.53 -13.30
CA THR B 249 -27.41 -27.16 -14.63
C THR B 249 -27.39 -25.65 -14.81
N ALA B 250 -28.35 -24.95 -14.21
CA ALA B 250 -28.40 -23.50 -14.35
C ALA B 250 -27.35 -22.80 -13.50
N LEU B 251 -26.97 -23.41 -12.37
CA LEU B 251 -25.86 -22.88 -11.58
C LEU B 251 -24.52 -23.30 -12.15
N TYR B 252 -24.44 -24.45 -12.82
CA TYR B 252 -23.18 -24.85 -13.44
C TYR B 252 -22.83 -23.93 -14.59
N TRP B 253 -23.84 -23.40 -15.28
CA TRP B 253 -23.56 -22.40 -16.31
C TRP B 253 -23.08 -21.10 -15.70
N SER B 254 -23.66 -20.68 -14.58
CA SER B 254 -23.34 -19.37 -14.04
C SER B 254 -21.97 -19.35 -13.38
N ILE B 255 -21.59 -20.43 -12.71
CA ILE B 255 -20.26 -20.49 -12.12
C ILE B 255 -19.18 -20.63 -13.18
N THR B 256 -19.52 -21.11 -14.39
CA THR B 256 -18.52 -21.28 -15.43
C THR B 256 -18.15 -19.97 -16.10
N THR B 257 -19.07 -19.01 -16.17
CA THR B 257 -18.77 -17.72 -16.76
C THR B 257 -18.37 -16.67 -15.73
N LEU B 258 -18.83 -16.79 -14.49
CA LEU B 258 -18.47 -15.82 -13.47
C LEU B 258 -17.02 -15.98 -13.04
N THR B 259 -16.53 -17.23 -12.99
CA THR B 259 -15.12 -17.47 -12.77
C THR B 259 -14.30 -17.39 -14.03
N THR B 260 -14.95 -17.11 -15.17
CA THR B 260 -14.36 -17.01 -16.49
C THR B 260 -13.58 -18.27 -16.87
N THR B 261 -14.09 -19.44 -16.50
CA THR B 261 -13.46 -20.66 -16.99
C THR B 261 -13.86 -20.88 -18.45
N GLY B 262 -15.13 -21.21 -18.67
CA GLY B 262 -15.68 -21.19 -20.01
C GLY B 262 -15.39 -22.51 -20.66
N TYR B 263 -16.36 -23.41 -20.72
CA TYR B 263 -16.10 -24.67 -21.40
C TYR B 263 -16.64 -24.65 -22.81
N GLY B 264 -17.74 -23.97 -23.05
CA GLY B 264 -18.34 -23.88 -24.36
C GLY B 264 -19.36 -24.96 -24.63
N ASP B 265 -19.65 -25.83 -23.67
CA ASP B 265 -20.73 -26.78 -23.84
C ASP B 265 -22.09 -26.12 -23.64
N PHE B 266 -22.17 -25.16 -22.73
CA PHE B 266 -23.31 -24.26 -22.61
C PHE B 266 -22.88 -22.87 -23.06
N HIS B 267 -23.40 -22.41 -24.19
CA HIS B 267 -23.13 -21.06 -24.64
C HIS B 267 -24.40 -20.49 -25.26
N ALA B 268 -24.36 -19.21 -25.62
CA ALA B 268 -25.52 -18.54 -26.17
C ALA B 268 -25.77 -18.95 -27.62
N GLU B 269 -27.04 -19.19 -27.94
CA GLU B 269 -27.43 -19.63 -29.27
C GLU B 269 -28.29 -18.61 -29.99
N ASN B 270 -29.33 -18.12 -29.36
CA ASN B 270 -30.24 -17.12 -29.87
C ASN B 270 -29.77 -15.72 -29.49
N PRO B 271 -30.20 -14.67 -30.21
CA PRO B 271 -29.75 -13.31 -29.86
C PRO B 271 -30.39 -12.73 -28.61
N ARG B 272 -31.26 -13.45 -27.91
CA ARG B 272 -31.67 -13.02 -26.57
C ARG B 272 -30.62 -13.37 -25.53
N GLU B 273 -29.96 -14.51 -25.67
CA GLU B 273 -28.92 -14.89 -24.72
C GLU B 273 -27.59 -14.23 -25.04
N MET B 274 -27.43 -13.74 -26.26
CA MET B 274 -26.22 -12.97 -26.56
C MET B 274 -26.28 -11.60 -25.92
N LEU B 275 -27.47 -11.04 -25.75
CA LEU B 275 -27.60 -9.79 -25.01
C LEU B 275 -27.39 -10.00 -23.53
N PHE B 276 -27.90 -11.11 -22.99
CA PHE B 276 -27.78 -11.32 -21.56
C PHE B 276 -26.35 -11.69 -21.18
N ASP B 277 -25.65 -12.39 -22.07
CA ASP B 277 -24.25 -12.73 -21.77
C ASP B 277 -23.34 -11.53 -21.88
N ILE B 278 -23.71 -10.53 -22.66
CA ILE B 278 -22.91 -9.31 -22.72
C ILE B 278 -23.09 -8.51 -21.44
N PHE B 279 -24.32 -8.38 -20.97
CA PHE B 279 -24.58 -7.65 -19.73
C PHE B 279 -24.14 -8.43 -18.50
N PHE B 280 -23.95 -9.74 -18.61
CA PHE B 280 -23.44 -10.51 -17.49
C PHE B 280 -21.92 -10.57 -17.48
N MET B 281 -21.29 -10.69 -18.64
CA MET B 281 -19.84 -10.73 -18.67
C MET B 281 -19.20 -9.37 -18.51
N MET B 282 -19.97 -8.28 -18.55
CA MET B 282 -19.45 -7.00 -18.10
C MET B 282 -19.60 -6.83 -16.60
N PHE B 283 -20.57 -7.52 -16.00
CA PHE B 283 -20.68 -7.53 -14.55
C PHE B 283 -19.56 -8.36 -13.92
N ASN B 284 -19.13 -9.42 -14.59
CA ASN B 284 -18.09 -10.28 -14.01
C ASN B 284 -16.71 -9.68 -14.14
N LEU B 285 -16.53 -8.71 -15.03
CA LEU B 285 -15.30 -7.92 -14.99
C LEU B 285 -15.26 -7.05 -13.74
N GLY B 286 -16.38 -6.43 -13.39
CA GLY B 286 -16.42 -5.60 -12.21
C GLY B 286 -16.48 -6.39 -10.93
N LEU B 287 -16.91 -7.65 -11.00
CA LEU B 287 -17.01 -8.46 -9.80
C LEU B 287 -15.66 -9.04 -9.41
N THR B 288 -14.95 -9.65 -10.36
CA THR B 288 -13.69 -10.29 -10.02
C THR B 288 -12.56 -9.28 -9.86
N ALA B 289 -12.74 -8.05 -10.32
CA ALA B 289 -11.80 -7.00 -9.98
C ALA B 289 -12.09 -6.39 -8.63
N TYR B 290 -13.23 -6.72 -8.04
CA TYR B 290 -13.61 -6.29 -6.71
C TYR B 290 -13.26 -7.33 -5.66
N LEU B 291 -13.27 -8.61 -6.02
CA LEU B 291 -12.85 -9.64 -5.07
C LEU B 291 -11.33 -9.70 -4.97
N ILE B 292 -10.64 -9.53 -6.09
CA ILE B 292 -9.19 -9.55 -6.08
C ILE B 292 -8.64 -8.30 -5.38
N GLY B 293 -9.27 -7.15 -5.62
CA GLY B 293 -8.84 -5.93 -4.96
C GLY B 293 -9.14 -5.93 -3.47
N ASN B 294 -10.14 -6.69 -3.04
CA ASN B 294 -10.46 -6.77 -1.63
C ASN B 294 -9.60 -7.81 -0.92
N MET B 295 -9.29 -8.91 -1.58
CA MET B 295 -8.40 -9.89 -0.96
C MET B 295 -6.96 -9.41 -0.95
N THR B 296 -6.59 -8.52 -1.88
CA THR B 296 -5.29 -7.88 -1.81
C THR B 296 -5.21 -6.93 -0.62
N ASN B 297 -6.34 -6.29 -0.30
CA ASN B 297 -6.40 -5.43 0.89
C ASN B 297 -6.36 -6.26 2.16
N LEU B 298 -6.85 -7.50 2.11
CA LEU B 298 -6.89 -8.33 3.30
C LEU B 298 -5.55 -9.01 3.55
N VAL B 299 -4.84 -9.39 2.48
CA VAL B 299 -3.52 -10.01 2.64
C VAL B 299 -2.51 -8.99 3.16
N VAL B 300 -2.64 -7.74 2.74
CA VAL B 300 -1.81 -6.68 3.30
C VAL B 300 -2.15 -6.45 4.77
N HIS B 301 -3.44 -6.54 5.14
CA HIS B 301 -3.80 -6.48 6.55
C HIS B 301 -3.43 -7.76 7.29
N TRP B 302 -3.34 -8.89 6.58
CA TRP B 302 -2.90 -10.15 7.19
C TRP B 302 -1.43 -10.06 7.59
N THR B 303 -0.56 -9.82 6.61
CA THR B 303 0.87 -10.02 6.74
C THR B 303 1.64 -8.71 6.77
N SER B 304 1.13 -7.70 7.48
CA SER B 304 1.90 -6.47 7.62
C SER B 304 2.81 -6.50 8.84
N ARG B 305 2.54 -7.35 9.82
CA ARG B 305 3.40 -7.39 10.99
C ARG B 305 4.71 -8.10 10.69
N THR B 306 4.65 -9.22 9.97
CA THR B 306 5.85 -9.98 9.67
C THR B 306 6.62 -9.39 8.50
N ARG B 307 6.03 -8.51 7.72
CA ARG B 307 6.72 -7.92 6.58
C ARG B 307 7.52 -6.70 6.94
N THR B 308 6.99 -5.84 7.81
CA THR B 308 7.77 -4.68 8.26
C THR B 308 8.79 -5.07 9.31
N PHE B 309 8.64 -6.25 9.92
CA PHE B 309 9.72 -6.78 10.73
C PHE B 309 10.87 -7.25 9.86
N ARG B 310 10.58 -7.86 8.72
CA ARG B 310 11.64 -8.33 7.85
C ARG B 310 12.21 -7.20 7.02
N ASP B 311 11.58 -6.02 7.04
CA ASP B 311 12.16 -4.85 6.42
C ASP B 311 13.23 -4.23 7.32
N SER B 312 12.98 -4.21 8.63
CA SER B 312 13.91 -3.56 9.55
C SER B 312 15.10 -4.46 9.87
N VAL B 313 14.93 -5.77 9.77
CA VAL B 313 16.06 -6.68 9.88
C VAL B 313 16.95 -6.56 8.64
N ARG B 314 16.33 -6.41 7.48
CA ARG B 314 17.09 -6.24 6.25
C ARG B 314 17.83 -4.92 6.23
N ALA B 315 17.21 -3.86 6.75
CA ALA B 315 17.84 -2.55 6.74
C ALA B 315 18.98 -2.45 7.74
N ALA B 316 18.98 -3.30 8.77
CA ALA B 316 20.07 -3.34 9.74
C ALA B 316 21.12 -4.37 9.39
N SER B 317 20.90 -5.19 8.37
CA SER B 317 21.95 -6.03 7.82
C SER B 317 22.61 -5.39 6.61
N GLU B 318 21.92 -4.47 5.96
CA GLU B 318 22.59 -3.64 4.96
C GLU B 318 23.51 -2.63 5.61
N PHE B 319 23.16 -2.17 6.82
CA PHE B 319 23.98 -1.18 7.49
C PHE B 319 25.25 -1.80 8.05
N ALA B 320 25.15 -3.01 8.58
CA ALA B 320 26.30 -3.65 9.19
C ALA B 320 27.18 -4.36 8.18
N SER B 321 26.84 -4.30 6.90
CA SER B 321 27.66 -4.88 5.85
C SER B 321 28.35 -3.84 5.00
N ARG B 322 27.77 -2.65 4.86
CA ARG B 322 28.45 -1.58 4.16
C ARG B 322 29.62 -1.04 4.96
N ASN B 323 29.49 -1.02 6.28
CA ASN B 323 30.50 -0.44 7.16
C ASN B 323 31.49 -1.46 7.68
N GLN B 324 31.34 -2.73 7.27
CA GLN B 324 32.25 -3.83 7.61
C GLN B 324 32.40 -4.00 9.12
N LEU B 325 31.26 -4.04 9.80
CA LEU B 325 31.25 -4.16 11.25
C LEU B 325 31.74 -5.54 11.67
N PRO B 326 32.34 -5.66 12.85
CA PRO B 326 32.72 -6.99 13.34
C PRO B 326 31.50 -7.78 13.73
N HIS B 327 31.69 -9.10 13.82
CA HIS B 327 30.56 -9.99 14.11
C HIS B 327 30.10 -9.87 15.55
N ASP B 328 30.91 -9.29 16.43
CA ASP B 328 30.56 -9.21 17.83
C ASP B 328 29.64 -8.05 18.17
N ILE B 329 29.46 -7.10 17.25
CA ILE B 329 28.52 -6.00 17.43
C ILE B 329 27.34 -6.13 16.48
N GLN B 330 27.50 -6.89 15.40
CA GLN B 330 26.37 -7.18 14.52
C GLN B 330 25.37 -8.10 15.18
N ASP B 331 25.85 -9.00 16.04
CA ASP B 331 24.92 -9.88 16.76
C ASP B 331 24.17 -9.15 17.85
N GLN B 332 24.70 -8.04 18.34
CA GLN B 332 24.01 -7.30 19.38
C GLN B 332 22.87 -6.48 18.80
N MET B 333 23.02 -6.01 17.56
CA MET B 333 21.97 -5.21 16.95
C MET B 333 20.92 -6.07 16.26
N LEU B 334 21.21 -7.32 15.99
CA LEU B 334 20.25 -8.20 15.33
C LEU B 334 19.45 -9.01 16.33
N SER B 335 20.05 -9.36 17.47
CA SER B 335 19.30 -10.03 18.52
C SER B 335 18.36 -9.08 19.23
N HIS B 336 18.61 -7.78 19.13
CA HIS B 336 17.73 -6.83 19.79
C HIS B 336 16.46 -6.59 18.99
N ILE B 337 16.57 -6.57 17.65
CA ILE B 337 15.40 -6.37 16.81
C ILE B 337 14.46 -7.57 16.89
N CYS B 338 15.04 -8.77 17.00
CA CYS B 338 14.24 -9.98 17.09
C CYS B 338 13.50 -10.07 18.42
N LEU B 339 14.12 -9.57 19.49
CA LEU B 339 13.48 -9.64 20.80
C LEU B 339 12.52 -8.48 21.01
N LYS B 340 12.75 -7.35 20.33
CA LYS B 340 11.80 -6.26 20.39
C LYS B 340 10.52 -6.62 19.64
N PHE B 341 10.62 -7.47 18.63
CA PHE B 341 9.43 -7.89 17.89
C PHE B 341 8.64 -8.92 18.68
N LYS B 342 9.31 -9.79 19.42
CA LYS B 342 8.62 -10.85 20.15
C LYS B 342 7.87 -10.29 21.34
N THR B 343 8.41 -9.25 21.97
CA THR B 343 7.88 -8.75 23.23
C THR B 343 7.16 -7.42 23.10
N GLU B 344 7.75 -6.45 22.44
CA GLU B 344 7.16 -5.12 22.35
C GLU B 344 6.24 -4.95 21.17
N GLY B 345 5.89 -6.04 20.49
CA GLY B 345 5.02 -5.94 19.34
C GLY B 345 5.71 -5.25 18.18
N LEU B 346 4.94 -4.44 17.45
CA LEU B 346 5.47 -3.70 16.31
C LEU B 346 5.44 -2.20 16.56
N LYS B 347 4.28 -1.65 16.94
CA LYS B 347 4.14 -0.23 17.24
C LYS B 347 3.47 -0.12 18.61
N GLN B 348 4.29 -0.16 19.65
CA GLN B 348 3.80 -0.01 21.02
C GLN B 348 3.94 1.42 21.50
N GLN B 349 5.01 2.11 21.08
CA GLN B 349 5.18 3.50 21.45
C GLN B 349 4.16 4.39 20.76
N GLU B 350 3.71 4.00 19.57
CA GLU B 350 2.65 4.74 18.91
C GLU B 350 1.28 4.38 19.46
N THR B 351 1.16 3.25 20.14
CA THR B 351 -0.11 2.87 20.76
C THR B 351 -0.43 3.75 21.95
N LEU B 352 0.49 3.83 22.91
CA LEU B 352 0.30 4.59 24.13
C LEU B 352 0.87 6.00 24.05
N ASN B 353 0.98 6.55 22.84
CA ASN B 353 1.14 7.99 22.66
C ASN B 353 -0.17 8.64 22.28
N ASN B 354 -1.26 7.87 22.21
CA ASN B 354 -2.57 8.40 21.90
C ASN B 354 -3.53 8.35 23.08
N LEU B 355 -3.23 7.57 24.11
CA LEU B 355 -4.01 7.62 25.34
C LEU B 355 -3.76 8.96 26.03
N PRO B 356 -4.82 9.62 26.54
CA PRO B 356 -4.72 11.05 26.82
C PRO B 356 -3.75 11.51 27.91
N LYS B 357 -4.06 11.28 29.20
CA LYS B 357 -3.08 11.54 30.24
C LYS B 357 -3.21 10.57 31.40
N ALA B 358 -4.41 10.04 31.59
CA ALA B 358 -4.75 9.29 32.79
C ALA B 358 -5.01 7.82 32.52
N ILE B 359 -5.28 7.46 31.27
CA ILE B 359 -5.25 6.05 30.90
C ILE B 359 -3.81 5.57 30.89
N ARG B 360 -2.89 6.43 30.43
CA ARG B 360 -1.48 6.06 30.37
C ARG B 360 -0.86 6.01 31.75
N SER B 361 -1.19 6.97 32.62
CA SER B 361 -0.63 7.01 33.96
C SER B 361 -1.28 6.01 34.90
N SER B 362 -2.37 5.37 34.50
CA SER B 362 -2.91 4.26 35.28
C SER B 362 -2.41 2.92 34.79
N ILE B 363 -1.93 2.85 33.55
CA ILE B 363 -1.22 1.65 33.09
C ILE B 363 0.10 1.51 33.83
N ALA B 364 0.83 2.63 33.97
CA ALA B 364 2.13 2.60 34.62
C ALA B 364 2.04 2.54 36.14
N ASN B 365 0.84 2.45 36.71
CA ASN B 365 0.70 2.31 38.15
C ASN B 365 0.21 0.93 38.54
N TYR B 366 -0.45 0.22 37.63
CA TYR B 366 -0.60 -1.22 37.85
C TYR B 366 0.70 -1.93 37.53
N LEU B 367 1.37 -1.50 36.47
CA LEU B 367 2.62 -2.08 36.03
C LEU B 367 3.77 -1.42 36.77
N PHE B 368 4.68 -2.24 37.30
CA PHE B 368 5.96 -1.88 37.92
C PHE B 368 5.87 -0.73 38.93
N PHE B 369 4.76 -0.64 39.64
CA PHE B 369 4.69 0.25 40.79
C PHE B 369 5.32 -0.35 42.04
N PRO B 370 5.13 -1.67 42.40
CA PRO B 370 5.93 -2.22 43.50
C PRO B 370 7.32 -2.66 43.07
N ILE B 371 7.78 -2.20 41.91
CA ILE B 371 9.15 -2.41 41.47
C ILE B 371 9.97 -1.19 41.86
N VAL B 372 9.42 -0.01 41.62
CA VAL B 372 10.11 1.24 41.91
C VAL B 372 9.84 1.61 43.36
N HIS B 373 8.92 0.89 44.00
CA HIS B 373 8.58 1.20 45.39
C HIS B 373 9.68 0.75 46.33
N ASN B 374 9.95 -0.55 46.39
CA ASN B 374 10.82 -1.11 47.42
C ASN B 374 12.24 -1.30 46.87
N ILE B 375 12.86 -0.19 46.52
CA ILE B 375 14.30 -0.14 46.29
C ILE B 375 14.88 0.87 47.26
N TYR B 376 16.19 0.83 47.44
CA TYR B 376 16.81 1.60 48.52
C TYR B 376 16.89 3.08 48.19
N LEU B 377 16.97 3.42 46.91
CA LEU B 377 17.14 4.83 46.53
C LEU B 377 15.88 5.63 46.77
N PHE B 378 14.72 4.98 46.80
CA PHE B 378 13.48 5.59 47.24
C PHE B 378 12.93 4.71 48.37
N GLN B 379 13.42 4.93 49.58
CA GLN B 379 12.96 4.24 50.77
C GLN B 379 12.63 5.27 51.83
N GLY B 380 11.42 5.23 52.36
CA GLY B 380 10.99 6.22 53.32
C GLY B 380 10.58 7.53 52.67
N VAL B 381 10.45 7.53 51.34
CA VAL B 381 9.98 8.71 50.63
C VAL B 381 8.46 8.65 50.51
N SER B 382 7.84 9.81 50.28
CA SER B 382 6.40 9.95 50.28
C SER B 382 5.76 9.20 49.11
N ARG B 383 4.44 9.03 49.20
CA ARG B 383 3.68 8.36 48.15
C ARG B 383 3.63 9.18 46.87
N ASN B 384 3.51 10.50 47.00
CA ASN B 384 3.32 11.34 45.83
C ASN B 384 4.59 11.54 45.01
N PHE B 385 5.76 11.17 45.52
CA PHE B 385 6.97 11.27 44.68
C PHE B 385 7.13 10.03 43.82
N LEU B 386 6.84 8.86 44.37
CA LEU B 386 6.77 7.64 43.59
C LEU B 386 5.37 7.40 43.02
N PHE B 387 4.64 8.49 42.78
CA PHE B 387 3.52 8.54 41.86
C PHE B 387 3.87 9.30 40.60
N GLN B 388 5.14 9.56 40.37
CA GLN B 388 5.62 10.09 39.10
C GLN B 388 6.47 9.05 38.37
N LEU B 389 6.02 7.79 38.33
CA LEU B 389 6.61 6.78 37.46
C LEU B 389 5.87 6.74 36.12
N VAL B 390 5.75 7.93 35.53
CA VAL B 390 4.99 8.11 34.30
C VAL B 390 5.88 8.32 33.09
N SER B 391 7.21 8.31 33.25
CA SER B 391 8.13 8.39 32.13
C SER B 391 9.07 7.19 32.09
N ASP B 392 8.73 6.10 32.78
CA ASP B 392 9.54 4.90 32.75
C ASP B 392 9.37 4.20 31.41
N ILE B 393 10.44 4.14 30.62
CA ILE B 393 10.44 3.36 29.39
C ILE B 393 10.85 1.95 29.81
N ASP B 394 9.88 1.20 30.32
CA ASP B 394 10.15 -0.12 30.87
C ASP B 394 10.18 -1.20 29.82
N ALA B 395 9.89 -0.87 28.57
CA ALA B 395 9.96 -1.85 27.49
C ALA B 395 11.42 -2.08 27.13
N GLU B 396 12.14 -2.76 28.00
CA GLU B 396 13.53 -3.04 27.67
C GLU B 396 13.67 -4.42 27.04
N TYR B 397 13.43 -5.46 27.84
CA TYR B 397 13.59 -6.86 27.47
C TYR B 397 14.90 -7.12 26.72
N PHE B 398 15.99 -6.95 27.41
CA PHE B 398 17.28 -7.07 26.76
C PHE B 398 17.63 -8.54 26.55
N PRO B 399 18.26 -8.88 25.42
CA PRO B 399 18.74 -10.24 25.20
C PRO B 399 19.96 -10.53 26.05
N PRO B 400 20.38 -11.79 26.15
CA PRO B 400 21.64 -12.08 26.84
C PRO B 400 22.84 -11.53 26.11
N LYS B 401 23.88 -11.22 26.90
CA LYS B 401 25.18 -10.73 26.43
C LYS B 401 25.05 -9.43 25.63
N GLU B 402 24.18 -8.53 26.10
CA GLU B 402 24.01 -7.22 25.50
C GLU B 402 24.38 -6.16 26.51
N ASP B 403 25.19 -5.19 26.10
CA ASP B 403 25.68 -4.14 26.98
C ASP B 403 24.60 -3.09 27.18
N ILE B 404 24.24 -2.85 28.44
CA ILE B 404 23.25 -1.82 28.77
C ILE B 404 23.91 -0.47 28.95
N ILE B 405 25.02 -0.45 29.67
CA ILE B 405 25.73 0.78 30.01
C ILE B 405 27.21 0.52 29.72
N LEU B 406 27.84 1.44 29.01
CA LEU B 406 29.23 1.26 28.64
C LEU B 406 30.16 1.63 29.81
N GLN B 407 31.46 1.60 29.53
CA GLN B 407 32.45 1.88 30.58
C GLN B 407 32.44 3.35 30.97
N ASN B 408 32.53 4.24 29.99
CA ASN B 408 32.43 5.67 30.23
C ASN B 408 31.39 6.23 29.28
N GLU B 409 30.47 7.03 29.80
CA GLU B 409 29.39 7.55 28.99
C GLU B 409 28.83 8.78 29.66
N ALA B 410 28.10 9.58 28.89
CA ALA B 410 27.31 10.67 29.43
C ALA B 410 26.21 10.07 30.29
N PRO B 411 26.26 10.25 31.60
CA PRO B 411 25.40 9.46 32.49
C PRO B 411 23.95 9.91 32.45
N THR B 412 23.22 9.41 31.45
CA THR B 412 21.91 9.94 31.13
C THR B 412 20.79 9.31 31.95
N ASP B 413 20.97 8.07 32.41
CA ASP B 413 19.83 7.32 32.93
C ASP B 413 20.25 6.30 33.97
N LEU B 414 19.36 6.06 34.91
CA LEU B 414 19.46 4.93 35.83
C LEU B 414 18.53 3.83 35.34
N TYR B 415 18.85 2.60 35.67
CA TYR B 415 18.04 1.46 35.29
C TYR B 415 17.68 0.65 36.53
N ILE B 416 16.48 0.07 36.52
CA ILE B 416 16.00 -0.77 37.61
C ILE B 416 15.69 -2.14 37.05
N LEU B 417 16.37 -3.16 37.57
CA LEU B 417 16.24 -4.52 37.06
C LEU B 417 14.94 -5.13 37.56
N VAL B 418 14.04 -5.45 36.65
CA VAL B 418 12.76 -6.03 37.02
C VAL B 418 12.84 -7.54 37.16
N SER B 419 13.43 -8.22 36.18
CA SER B 419 13.56 -9.67 36.23
C SER B 419 14.71 -10.09 35.34
N GLY B 420 15.64 -10.87 35.88
CA GLY B 420 16.80 -11.29 35.13
C GLY B 420 18.07 -11.21 35.95
N ALA B 421 19.22 -11.00 35.31
CA ALA B 421 20.47 -10.84 36.03
C ALA B 421 21.45 -10.08 35.16
N VAL B 422 22.36 -9.36 35.81
CA VAL B 422 23.29 -8.44 35.18
C VAL B 422 24.63 -8.54 35.89
N ASP B 423 25.71 -8.58 35.11
CA ASP B 423 27.06 -8.72 35.67
C ASP B 423 27.90 -7.51 35.29
N PHE B 424 28.39 -6.79 36.31
CA PHE B 424 29.27 -5.66 36.10
C PHE B 424 30.69 -6.11 35.78
N THR B 425 31.42 -5.27 35.06
CA THR B 425 32.82 -5.53 34.80
C THR B 425 33.58 -4.21 34.78
N VAL B 426 34.91 -4.32 34.78
CA VAL B 426 35.79 -3.15 34.77
C VAL B 426 36.52 -3.25 33.43
N TYR B 427 37.40 -2.29 33.13
CA TYR B 427 37.98 -2.02 31.80
C TYR B 427 38.58 -3.21 31.06
N VAL B 428 39.15 -4.19 31.76
CA VAL B 428 39.70 -5.35 31.08
C VAL B 428 38.90 -6.59 31.47
N ASP B 429 38.96 -6.97 32.74
CA ASP B 429 38.21 -8.11 33.24
C ASP B 429 38.06 -7.93 34.76
N GLY B 430 36.90 -7.45 35.18
CA GLY B 430 36.60 -7.35 36.59
C GLY B 430 35.33 -8.11 36.90
N HIS B 431 34.81 -7.99 38.12
CA HIS B 431 33.56 -8.65 38.45
C HIS B 431 32.81 -8.01 39.61
N ASP B 432 31.62 -7.52 39.34
CA ASP B 432 30.60 -7.24 40.34
C ASP B 432 29.27 -7.69 39.73
N GLN B 433 28.23 -7.81 40.55
CA GLN B 433 26.98 -8.39 40.06
C GLN B 433 25.77 -7.82 40.81
N PHE B 434 24.74 -7.43 40.05
CA PHE B 434 23.49 -6.94 40.60
C PHE B 434 22.47 -8.07 40.64
N GLN B 435 21.59 -8.02 41.64
CA GLN B 435 20.63 -9.09 41.90
C GLN B 435 19.37 -8.86 41.06
N GLY B 436 18.31 -9.59 41.38
CA GLY B 436 17.09 -9.57 40.60
C GLY B 436 16.13 -8.44 40.87
N LYS B 437 16.46 -7.47 41.73
CA LYS B 437 15.58 -6.33 41.91
C LYS B 437 16.30 -5.00 42.12
N ALA B 438 17.60 -4.89 41.87
CA ALA B 438 18.38 -3.75 42.35
C ALA B 438 18.46 -2.66 41.27
N VAL B 439 19.23 -1.62 41.57
CA VAL B 439 19.46 -0.48 40.68
C VAL B 439 20.89 -0.55 40.19
N ILE B 440 21.09 -0.28 38.89
CA ILE B 440 22.40 -0.54 38.30
C ILE B 440 23.04 0.72 37.72
N GLY B 441 22.44 1.89 37.93
CA GLY B 441 23.02 3.08 37.35
C GLY B 441 22.97 4.35 38.18
N GLU B 442 22.94 4.22 39.50
CA GLU B 442 22.57 5.34 40.37
C GLU B 442 23.69 6.34 40.62
N THR B 443 24.83 6.21 39.94
CA THR B 443 25.97 7.07 40.22
C THR B 443 26.05 8.11 39.11
N PHE B 444 24.88 8.64 38.75
CA PHE B 444 24.76 9.73 37.79
C PHE B 444 24.30 11.02 38.48
N GLY B 445 24.23 11.02 39.80
CA GLY B 445 23.95 12.23 40.56
C GLY B 445 24.86 12.37 41.76
N GLU B 446 26.09 11.89 41.64
CA GLU B 446 27.01 11.82 42.77
C GLU B 446 28.43 11.96 42.22
N VAL B 447 29.42 11.45 42.96
CA VAL B 447 30.87 11.60 42.75
C VAL B 447 31.33 11.28 41.32
N GLY B 448 30.55 10.49 40.58
CA GLY B 448 30.81 10.29 39.17
C GLY B 448 29.73 10.82 38.25
N VAL B 449 29.26 12.05 38.48
CA VAL B 449 28.16 12.63 37.72
C VAL B 449 28.59 13.05 36.31
N LEU B 450 29.84 12.81 35.96
CA LEU B 450 30.33 12.93 34.60
C LEU B 450 30.87 11.61 34.05
N TYR B 451 30.67 10.50 34.74
CA TYR B 451 31.25 9.25 34.29
C TYR B 451 30.37 8.07 34.72
N TYR B 452 30.91 6.87 34.56
CA TYR B 452 30.28 5.60 34.93
C TYR B 452 31.33 4.68 35.51
N ARG B 453 31.04 4.07 36.64
CA ARG B 453 32.03 3.14 37.16
C ARG B 453 32.02 1.81 36.39
N PRO B 454 30.92 1.00 36.36
CA PRO B 454 31.04 -0.30 35.69
C PRO B 454 30.64 -0.26 34.22
N GLN B 455 30.63 -1.42 33.58
CA GLN B 455 30.05 -1.59 32.25
C GLN B 455 29.17 -2.83 32.28
N PRO B 456 27.92 -2.70 32.74
CA PRO B 456 27.06 -3.87 32.87
C PRO B 456 26.60 -4.42 31.54
N PHE B 457 26.36 -5.73 31.53
CA PHE B 457 25.84 -6.42 30.36
C PHE B 457 25.12 -7.66 30.83
N THR B 458 23.97 -7.95 30.22
CA THR B 458 23.05 -8.97 30.70
C THR B 458 23.62 -10.38 30.60
N VAL B 459 23.02 -11.31 31.33
CA VAL B 459 23.41 -12.71 31.19
C VAL B 459 22.21 -13.60 30.85
N ARG B 460 21.09 -13.48 31.55
CA ARG B 460 20.01 -14.38 31.21
C ARG B 460 19.05 -13.86 30.14
N THR B 461 18.10 -13.01 30.54
CA THR B 461 17.15 -12.30 29.70
C THR B 461 16.48 -11.29 30.61
N THR B 462 16.67 -10.00 30.39
CA THR B 462 16.44 -9.05 31.44
C THR B 462 15.50 -7.96 31.00
N GLU B 463 14.54 -7.63 31.86
CA GLU B 463 13.65 -6.50 31.66
C GLU B 463 14.05 -5.38 32.62
N LEU B 464 14.26 -4.18 32.08
CA LEU B 464 14.73 -3.03 32.84
C LEU B 464 13.65 -1.95 32.84
N SER B 465 14.00 -0.77 33.38
CA SER B 465 13.01 0.29 33.51
C SER B 465 13.44 1.63 32.91
N GLN B 466 14.72 2.00 32.99
CA GLN B 466 15.28 3.19 32.35
C GLN B 466 14.60 4.50 32.73
N ILE B 467 14.79 4.97 33.96
CA ILE B 467 14.45 6.35 34.30
C ILE B 467 15.60 7.25 33.87
N LEU B 468 15.31 8.30 33.11
CA LEU B 468 16.33 9.01 32.34
C LEU B 468 16.29 10.51 32.54
N ARG B 469 16.97 11.00 33.60
CA ARG B 469 17.30 12.40 33.87
C ARG B 469 16.13 13.38 33.73
N ILE B 470 14.92 12.91 34.05
CA ILE B 470 13.73 13.75 33.99
C ILE B 470 12.96 13.55 35.27
N SER B 471 13.36 12.55 36.06
CA SER B 471 12.77 12.33 37.37
C SER B 471 13.81 12.28 38.48
N ARG B 472 15.06 12.63 38.21
CA ARG B 472 16.06 12.82 39.25
C ARG B 472 16.80 14.15 39.14
N THR B 473 17.06 14.62 37.92
CA THR B 473 17.65 15.93 37.67
C THR B 473 16.60 16.98 37.35
N SER B 474 15.67 16.68 36.46
CA SER B 474 14.56 17.58 36.17
C SER B 474 13.38 17.37 37.10
N LEU B 475 13.57 16.63 38.19
CA LEU B 475 12.63 16.65 39.30
C LEU B 475 13.32 17.03 40.61
N MET B 476 14.12 18.09 40.59
CA MET B 476 14.60 18.70 41.82
C MET B 476 13.45 19.39 42.56
N SER B 477 12.43 19.81 41.83
CA SER B 477 11.54 20.86 42.29
C SER B 477 10.33 20.37 43.07
N ALA B 478 9.87 19.14 42.82
CA ALA B 478 8.62 18.71 43.43
C ALA B 478 8.81 18.33 44.89
N MET B 479 9.54 17.25 45.14
CA MET B 479 9.80 16.75 46.49
C MET B 479 11.15 16.07 46.49
N HIS B 480 11.45 15.39 47.60
CA HIS B 480 12.48 14.34 47.71
C HIS B 480 13.88 14.86 47.39
N ALA B 481 14.37 15.72 48.28
CA ALA B 481 15.81 15.95 48.37
C ALA B 481 16.51 14.94 49.31
N HIS B 482 15.69 13.99 49.75
CA HIS B 482 16.09 12.86 50.58
C HIS B 482 16.68 11.71 49.78
N ALA B 483 16.40 11.65 48.48
CA ALA B 483 16.93 10.57 47.64
C ALA B 483 18.43 10.68 47.51
N ASP B 484 18.96 11.90 47.50
CA ASP B 484 20.40 12.11 47.44
C ASP B 484 21.08 11.80 48.76
N ASP B 485 20.30 11.70 49.84
CA ASP B 485 20.81 11.29 51.14
C ASP B 485 20.83 9.77 51.26
N GLY B 486 19.87 9.09 50.64
CA GLY B 486 19.83 7.64 50.70
C GLY B 486 20.91 6.95 49.89
N ARG B 487 21.54 7.67 48.97
CA ARG B 487 22.61 7.07 48.17
C ARG B 487 23.92 7.04 48.93
N VAL B 488 24.19 8.06 49.75
CA VAL B 488 25.47 8.13 50.46
C VAL B 488 25.50 7.18 51.65
N ILE B 489 24.34 6.70 52.10
CA ILE B 489 24.31 5.70 53.17
C ILE B 489 24.78 4.35 52.64
N MET B 490 24.41 4.01 51.40
CA MET B 490 24.85 2.74 50.82
C MET B 490 26.33 2.75 50.49
N ASN B 491 26.92 3.92 50.25
CA ASN B 491 28.36 4.02 50.06
C ASN B 491 29.12 4.13 51.38
N ASN B 492 28.41 4.08 52.51
CA ASN B 492 28.96 4.14 53.86
C ASN B 492 29.79 5.39 54.13
N LYS C 49 -8.38 42.14 -22.29
CA LYS C 49 -8.55 42.62 -23.66
C LYS C 49 -9.93 42.27 -24.21
N HIS C 50 -9.95 41.74 -25.43
CA HIS C 50 -11.16 41.24 -26.08
C HIS C 50 -11.19 39.72 -26.08
N ILE C 51 -10.67 39.13 -25.01
CA ILE C 51 -10.45 37.68 -24.90
C ILE C 51 -11.38 37.13 -23.83
N ILE C 52 -12.00 35.99 -24.11
CA ILE C 52 -12.86 35.30 -23.16
C ILE C 52 -12.01 34.37 -22.31
N SER C 53 -12.18 34.46 -20.99
CA SER C 53 -11.53 33.59 -20.03
C SER C 53 -12.16 32.20 -20.07
N PRO C 54 -11.40 31.14 -19.81
CA PRO C 54 -11.98 29.79 -19.88
C PRO C 54 -12.86 29.42 -18.70
N PHE C 55 -13.84 30.25 -18.37
CA PHE C 55 -14.81 29.95 -17.33
C PHE C 55 -16.19 30.40 -17.80
N ASN C 56 -17.19 30.12 -16.97
CA ASN C 56 -18.63 30.17 -17.17
C ASN C 56 -19.11 31.50 -17.77
N PRO C 57 -20.26 31.54 -18.46
CA PRO C 57 -21.16 30.48 -18.92
C PRO C 57 -21.09 30.14 -20.41
N ARG C 58 -20.55 31.05 -21.21
CA ARG C 58 -20.53 30.88 -22.65
C ARG C 58 -19.35 30.04 -23.14
N TYR C 59 -18.56 29.48 -22.24
CA TYR C 59 -17.46 28.63 -22.65
C TYR C 59 -17.45 27.29 -21.93
N ARG C 60 -17.87 27.24 -20.67
CA ARG C 60 -17.92 25.97 -19.97
C ARG C 60 -19.22 25.21 -20.24
N ALA C 61 -20.11 25.78 -21.04
CA ALA C 61 -21.25 25.06 -21.60
C ALA C 61 -21.06 24.73 -23.07
N TRP C 62 -20.22 25.51 -23.76
CA TRP C 62 -19.82 25.14 -25.11
C TRP C 62 -18.86 23.97 -25.10
N GLU C 63 -17.98 23.91 -24.09
CA GLU C 63 -17.05 22.79 -23.98
C GLU C 63 -17.76 21.51 -23.56
N MET C 64 -18.85 21.62 -22.82
CA MET C 64 -19.62 20.44 -22.47
C MET C 64 -20.45 19.93 -23.62
N TRP C 65 -20.67 20.75 -24.64
CA TRP C 65 -21.39 20.28 -25.82
C TRP C 65 -20.46 19.59 -26.80
N LEU C 66 -19.19 20.00 -26.86
CA LEU C 66 -18.26 19.32 -27.74
C LEU C 66 -17.85 17.95 -27.21
N VAL C 67 -18.08 17.69 -25.92
CA VAL C 67 -17.85 16.36 -25.38
C VAL C 67 -18.89 15.39 -25.91
N LEU C 68 -20.13 15.86 -26.07
CA LEU C 68 -21.16 15.00 -26.64
C LEU C 68 -20.97 14.78 -28.13
N LEU C 69 -20.17 15.61 -28.78
CA LEU C 69 -19.84 15.36 -30.18
C LEU C 69 -18.54 14.59 -30.32
N VAL C 70 -17.92 14.18 -29.20
CA VAL C 70 -16.79 13.27 -29.26
C VAL C 70 -17.24 11.86 -28.92
N ILE C 71 -18.18 11.74 -27.98
CA ILE C 71 -18.78 10.45 -27.64
C ILE C 71 -19.54 9.89 -28.83
N TYR C 72 -20.21 10.77 -29.59
CA TYR C 72 -20.85 10.32 -30.83
C TYR C 72 -19.81 10.00 -31.89
N SER C 73 -18.81 10.87 -32.05
CA SER C 73 -17.88 10.69 -33.17
C SER C 73 -16.79 9.68 -32.88
N ALA C 74 -16.84 9.03 -31.73
CA ALA C 74 -16.01 7.87 -31.45
C ALA C 74 -16.83 6.60 -31.37
N TRP C 75 -18.13 6.68 -31.62
CA TRP C 75 -18.98 5.51 -31.75
C TRP C 75 -19.22 5.13 -33.20
N ILE C 76 -19.47 6.11 -34.07
CA ILE C 76 -19.72 5.83 -35.48
C ILE C 76 -18.42 5.88 -36.26
N CYS C 77 -17.32 6.14 -35.59
CA CYS C 77 -16.06 6.15 -36.31
C CYS C 77 -15.52 4.76 -36.63
N PRO C 78 -15.65 3.72 -35.77
CA PRO C 78 -15.39 2.36 -36.27
C PRO C 78 -16.65 1.61 -36.68
N PHE C 79 -17.82 2.19 -36.45
CA PHE C 79 -19.05 1.50 -36.80
C PHE C 79 -19.37 1.64 -38.27
N GLN C 80 -19.23 2.84 -38.83
CA GLN C 80 -19.38 3.01 -40.27
C GLN C 80 -18.15 2.56 -41.02
N PHE C 81 -17.05 2.30 -40.32
CA PHE C 81 -15.87 1.73 -40.94
C PHE C 81 -16.08 0.28 -41.34
N ALA C 82 -16.96 -0.44 -40.65
CA ALA C 82 -17.16 -1.86 -40.90
C ALA C 82 -18.56 -2.20 -41.38
N PHE C 83 -19.60 -1.85 -40.63
CA PHE C 83 -20.93 -2.37 -40.93
C PHE C 83 -21.61 -1.56 -42.02
N ILE C 84 -21.81 -0.27 -41.80
CA ILE C 84 -22.46 0.59 -42.80
C ILE C 84 -21.33 1.07 -43.72
N THR C 85 -21.00 0.22 -44.68
CA THR C 85 -19.93 0.52 -45.62
C THR C 85 -20.41 1.27 -46.86
N TYR C 86 -21.68 1.65 -46.91
CA TYR C 86 -22.16 2.45 -48.03
C TYR C 86 -21.86 3.92 -47.81
N LYS C 87 -22.48 4.51 -46.78
CA LYS C 87 -22.34 5.93 -46.39
C LYS C 87 -22.62 6.88 -47.56
N LYS C 88 -23.69 6.58 -48.31
CA LYS C 88 -24.02 7.37 -49.49
C LYS C 88 -24.43 8.81 -49.16
N ASP C 89 -25.62 8.99 -48.58
CA ASP C 89 -26.09 10.32 -48.23
C ASP C 89 -26.95 10.40 -46.97
N ALA C 90 -27.17 9.31 -46.23
CA ALA C 90 -28.13 9.36 -45.13
C ALA C 90 -27.53 9.94 -43.86
N ILE C 91 -26.46 9.31 -43.36
CA ILE C 91 -25.72 9.81 -42.20
C ILE C 91 -24.71 10.88 -42.58
N PHE C 92 -24.63 11.20 -43.87
CA PHE C 92 -23.58 12.06 -44.42
C PHE C 92 -23.68 13.49 -43.91
N ILE C 93 -24.88 13.94 -43.57
CA ILE C 93 -25.03 15.33 -43.14
C ILE C 93 -24.68 15.49 -41.66
N ILE C 94 -24.88 14.44 -40.86
CA ILE C 94 -24.55 14.53 -39.44
C ILE C 94 -23.04 14.48 -39.25
N ASP C 95 -22.34 13.70 -40.05
CA ASP C 95 -20.90 13.66 -39.95
C ASP C 95 -20.21 14.86 -40.60
N ASN C 96 -20.97 15.79 -41.18
CA ASN C 96 -20.44 17.05 -41.69
C ASN C 96 -20.90 18.25 -40.90
N ILE C 97 -22.06 18.16 -40.25
CA ILE C 97 -22.46 19.16 -39.26
C ILE C 97 -21.52 19.08 -38.06
N VAL C 98 -21.25 17.85 -37.60
CA VAL C 98 -20.34 17.62 -36.48
C VAL C 98 -18.92 18.05 -36.85
N ASN C 99 -18.50 17.75 -38.07
CA ASN C 99 -17.17 18.16 -38.52
C ASN C 99 -17.07 19.65 -38.78
N GLY C 100 -18.19 20.37 -38.79
CA GLY C 100 -18.17 21.82 -38.89
C GLY C 100 -18.07 22.47 -37.52
N PHE C 101 -18.63 21.80 -36.50
CA PHE C 101 -18.55 22.32 -35.15
C PHE C 101 -17.16 22.14 -34.55
N PHE C 102 -16.32 21.33 -35.17
CA PHE C 102 -14.94 21.20 -34.75
C PHE C 102 -14.01 22.09 -35.56
N ALA C 103 -14.52 22.73 -36.61
CA ALA C 103 -13.76 23.74 -37.32
C ALA C 103 -13.94 25.13 -36.73
N ILE C 104 -15.07 25.36 -36.08
CA ILE C 104 -15.28 26.59 -35.32
C ILE C 104 -14.33 26.64 -34.13
N ASP C 105 -14.13 25.51 -33.46
CA ASP C 105 -13.36 25.50 -32.22
C ASP C 105 -11.86 25.56 -32.48
N ILE C 106 -11.43 25.37 -33.73
CA ILE C 106 -10.04 25.68 -34.06
C ILE C 106 -9.85 27.18 -34.08
N ILE C 107 -10.86 27.90 -34.57
CA ILE C 107 -10.81 29.36 -34.58
C ILE C 107 -10.94 29.91 -33.17
N LEU C 108 -11.86 29.33 -32.38
CA LEU C 108 -12.25 29.91 -31.09
C LEU C 108 -11.13 29.82 -30.06
N THR C 109 -10.30 28.78 -30.13
CA THR C 109 -9.23 28.66 -29.14
C THR C 109 -7.97 29.42 -29.53
N PHE C 110 -8.08 30.43 -30.37
CA PHE C 110 -7.08 31.48 -30.42
C PHE C 110 -7.47 32.68 -29.56
N PHE C 111 -8.50 32.53 -28.75
CA PHE C 111 -9.04 33.61 -27.92
C PHE C 111 -9.39 33.10 -26.53
N VAL C 112 -8.52 32.30 -25.92
CA VAL C 112 -8.74 31.78 -24.58
C VAL C 112 -7.49 31.99 -23.74
N ALA C 113 -7.67 32.15 -22.43
CA ALA C 113 -6.66 32.80 -21.60
C ALA C 113 -5.65 31.83 -21.00
N TYR C 114 -6.04 30.58 -20.79
CA TYR C 114 -5.25 29.37 -20.57
C TYR C 114 -4.52 29.21 -19.22
N LEU C 115 -4.45 30.22 -18.34
CA LEU C 115 -4.04 30.06 -16.93
C LEU C 115 -2.62 29.48 -16.80
N ASP C 116 -1.63 30.36 -17.02
CA ASP C 116 -0.19 30.10 -17.00
C ASP C 116 0.28 29.19 -15.87
N SER C 117 1.28 28.37 -16.15
CA SER C 117 1.69 27.28 -15.25
C SER C 117 2.64 27.73 -14.15
N HIS C 118 3.55 28.64 -14.43
CA HIS C 118 4.52 29.10 -13.43
C HIS C 118 4.04 30.32 -12.67
N SER C 119 2.98 30.98 -13.12
CA SER C 119 2.46 32.16 -12.44
C SER C 119 1.09 31.96 -11.82
N TYR C 120 0.38 30.90 -12.21
CA TYR C 120 -0.97 30.57 -11.73
C TYR C 120 -1.97 31.70 -11.95
N LEU C 121 -1.77 32.46 -13.01
CA LEU C 121 -2.65 33.56 -13.39
C LEU C 121 -2.96 33.47 -14.87
N LEU C 122 -4.08 34.08 -15.27
CA LEU C 122 -4.53 34.02 -16.65
C LEU C 122 -3.67 34.93 -17.53
N VAL C 123 -3.37 34.46 -18.74
CA VAL C 123 -2.59 35.21 -19.71
C VAL C 123 -3.56 35.79 -20.73
N ASP C 124 -3.64 37.11 -20.78
CA ASP C 124 -4.45 37.80 -21.79
C ASP C 124 -3.48 38.51 -22.72
N SER C 125 -2.97 37.77 -23.69
CA SER C 125 -2.05 38.30 -24.69
C SER C 125 -2.20 37.45 -25.92
N PRO C 126 -2.75 38.00 -27.02
CA PRO C 126 -3.12 37.16 -28.16
C PRO C 126 -1.95 36.61 -28.96
N LYS C 127 -0.72 37.05 -28.65
CA LYS C 127 0.44 36.43 -29.27
C LYS C 127 0.89 35.18 -28.54
N LYS C 128 1.01 35.24 -27.20
CA LYS C 128 1.43 34.06 -26.45
C LYS C 128 0.35 33.01 -26.37
N ILE C 129 -0.91 33.42 -26.53
CA ILE C 129 -2.00 32.47 -26.75
C ILE C 129 -1.76 31.70 -28.03
N ALA C 130 -1.33 32.41 -29.08
CA ALA C 130 -1.24 31.81 -30.40
C ALA C 130 -0.05 30.86 -30.52
N ILE C 131 1.10 31.22 -29.94
CA ILE C 131 2.27 30.35 -30.04
C ILE C 131 2.08 29.09 -29.21
N ARG C 132 1.29 29.19 -28.14
CA ARG C 132 1.03 28.00 -27.32
C ARG C 132 0.11 27.03 -28.06
N TYR C 133 -0.94 27.53 -28.69
CA TYR C 133 -1.88 26.65 -29.36
C TYR C 133 -1.29 26.07 -30.63
N LEU C 134 -0.40 26.83 -31.29
CA LEU C 134 0.22 26.34 -32.51
C LEU C 134 1.33 25.33 -32.24
N SER C 135 1.78 25.21 -31.00
CA SER C 135 2.86 24.28 -30.69
C SER C 135 2.39 23.00 -30.02
N THR C 136 1.19 22.99 -29.43
CA THR C 136 0.69 21.81 -28.75
C THR C 136 -0.36 21.05 -29.57
N TRP C 137 -1.47 21.70 -29.92
CA TRP C 137 -2.61 20.99 -30.48
C TRP C 137 -3.17 21.71 -31.71
N PHE C 138 -2.30 22.09 -32.64
CA PHE C 138 -2.75 22.59 -33.92
C PHE C 138 -2.46 21.62 -35.05
N ALA C 139 -1.23 21.10 -35.12
CA ALA C 139 -0.89 20.09 -36.11
C ALA C 139 -1.53 18.75 -35.82
N PHE C 140 -2.09 18.58 -34.62
CA PHE C 140 -2.84 17.41 -34.22
C PHE C 140 -4.35 17.58 -34.43
N ASP C 141 -4.87 18.78 -34.22
CA ASP C 141 -6.31 19.01 -34.25
C ASP C 141 -6.81 19.54 -35.58
N VAL C 142 -5.94 19.82 -36.54
CA VAL C 142 -6.40 20.22 -37.87
C VAL C 142 -6.34 18.99 -38.76
N CYS C 143 -5.65 17.95 -38.31
CA CYS C 143 -5.65 16.68 -39.01
C CYS C 143 -6.86 15.83 -38.68
N SER C 144 -7.70 16.29 -37.75
CA SER C 144 -8.95 15.62 -37.40
C SER C 144 -10.16 16.42 -37.83
N THR C 145 -9.97 17.45 -38.63
CA THR C 145 -11.04 18.36 -39.00
C THR C 145 -11.26 18.43 -40.51
N ALA C 146 -10.19 18.41 -41.30
CA ALA C 146 -10.30 18.45 -42.76
C ALA C 146 -10.95 17.19 -43.28
N PRO C 147 -12.04 17.30 -44.05
CA PRO C 147 -12.76 16.08 -44.48
C PRO C 147 -12.03 15.39 -45.61
N PHE C 148 -11.79 14.09 -45.42
CA PHE C 148 -11.19 13.24 -46.45
C PHE C 148 -12.24 12.40 -47.15
N GLN C 149 -13.15 11.77 -46.40
CA GLN C 149 -14.21 11.01 -47.05
C GLN C 149 -15.28 11.90 -47.68
N PRO C 150 -15.85 12.95 -46.97
CA PRO C 150 -16.83 13.79 -47.68
C PRO C 150 -16.25 14.67 -48.77
N LEU C 151 -15.21 15.42 -48.45
CA LEU C 151 -14.76 16.49 -49.34
C LEU C 151 -13.99 15.95 -50.52
N SER C 152 -13.16 14.92 -50.31
CA SER C 152 -12.42 14.38 -51.45
C SER C 152 -13.17 13.25 -52.15
N LEU C 153 -14.49 13.21 -52.01
CA LEU C 153 -15.34 12.39 -52.88
C LEU C 153 -15.36 12.91 -54.30
N LEU C 154 -15.09 14.19 -54.51
CA LEU C 154 -15.28 14.86 -55.78
C LEU C 154 -14.12 14.68 -56.76
N PHE C 155 -13.00 14.08 -56.33
CA PHE C 155 -11.87 13.97 -57.26
C PHE C 155 -12.07 12.81 -58.24
N ASN C 156 -12.02 11.59 -57.74
CA ASN C 156 -12.22 10.43 -58.60
C ASN C 156 -13.04 9.30 -57.96
N TYR C 157 -13.11 9.21 -56.64
CA TYR C 157 -13.46 7.98 -55.95
C TYR C 157 -14.94 7.94 -55.59
N ASN C 158 -15.36 6.78 -55.09
CA ASN C 158 -16.75 6.51 -54.74
C ASN C 158 -16.99 6.55 -53.23
N GLY C 159 -16.09 7.17 -52.48
CA GLY C 159 -16.28 7.30 -51.05
C GLY C 159 -15.93 6.07 -50.24
N SER C 160 -15.19 5.12 -50.81
CA SER C 160 -14.80 3.91 -50.10
C SER C 160 -13.55 3.34 -50.74
N GLU C 161 -12.54 3.07 -49.91
CA GLU C 161 -11.32 2.39 -50.26
C GLU C 161 -10.65 2.01 -48.95
N LEU C 162 -9.66 1.12 -49.02
CA LEU C 162 -8.97 0.70 -47.81
C LEU C 162 -8.10 1.82 -47.25
N GLY C 163 -7.18 2.33 -48.07
CA GLY C 163 -6.28 3.38 -47.62
C GLY C 163 -6.85 4.78 -47.75
N PHE C 164 -8.18 4.90 -47.75
CA PHE C 164 -8.84 6.19 -47.88
C PHE C 164 -9.85 6.38 -46.76
N ARG C 165 -10.41 5.29 -46.25
CA ARG C 165 -11.30 5.38 -45.10
C ARG C 165 -10.58 5.07 -43.80
N ILE C 166 -9.35 4.54 -43.88
CA ILE C 166 -8.46 4.53 -42.72
C ILE C 166 -8.03 5.95 -42.35
N LEU C 167 -7.94 6.85 -43.33
CA LEU C 167 -7.69 8.26 -43.02
C LEU C 167 -8.87 8.92 -42.30
N SER C 168 -10.05 8.30 -42.32
CA SER C 168 -11.15 8.77 -41.50
C SER C 168 -11.11 8.22 -40.07
N MET C 169 -10.07 7.46 -39.71
CA MET C 169 -9.86 7.08 -38.32
C MET C 169 -9.18 8.17 -37.52
N LEU C 170 -8.77 9.27 -38.16
CA LEU C 170 -8.24 10.41 -37.44
C LEU C 170 -9.32 11.20 -36.71
N ARG C 171 -10.59 10.88 -36.92
CA ARG C 171 -11.66 11.39 -36.08
C ARG C 171 -11.73 10.68 -34.72
N LEU C 172 -10.84 9.72 -34.46
CA LEU C 172 -10.61 9.23 -33.11
C LEU C 172 -9.56 10.04 -32.38
N TRP C 173 -8.87 10.95 -33.06
CA TRP C 173 -7.88 11.79 -32.41
C TRP C 173 -8.51 12.95 -31.66
N ARG C 174 -9.81 13.19 -31.81
CA ARG C 174 -10.49 14.19 -31.01
C ARG C 174 -10.98 13.64 -29.69
N LEU C 175 -10.50 12.47 -29.29
CA LEU C 175 -10.81 11.88 -27.99
C LEU C 175 -10.07 12.55 -26.85
N ARG C 176 -9.11 13.45 -27.15
CA ARG C 176 -8.37 14.10 -26.08
C ARG C 176 -9.21 15.13 -25.34
N ARG C 177 -10.34 15.55 -25.90
CA ARG C 177 -11.24 16.42 -25.15
C ARG C 177 -11.97 15.67 -24.05
N VAL C 178 -12.13 14.37 -24.18
CA VAL C 178 -12.73 13.55 -23.14
C VAL C 178 -11.69 13.11 -22.13
N SER C 179 -10.48 12.80 -22.59
CA SER C 179 -9.43 12.35 -21.68
C SER C 179 -8.90 13.49 -20.82
N SER C 180 -8.93 14.72 -21.32
CA SER C 180 -8.55 15.88 -20.52
C SER C 180 -9.72 16.46 -19.76
N LEU C 181 -10.88 15.83 -19.78
CA LEU C 181 -11.97 16.19 -18.89
C LEU C 181 -12.01 15.27 -17.67
N PHE C 182 -11.56 14.02 -17.83
CA PHE C 182 -11.45 13.15 -16.67
C PHE C 182 -10.29 13.56 -15.78
N ALA C 183 -9.27 14.19 -16.37
CA ALA C 183 -8.16 14.70 -15.56
C ALA C 183 -8.56 15.96 -14.82
N ARG C 184 -9.50 16.72 -15.37
CA ARG C 184 -9.93 17.95 -14.71
C ARG C 184 -10.94 17.67 -13.61
N LEU C 185 -11.86 16.72 -13.83
CA LEU C 185 -12.88 16.43 -12.84
C LEU C 185 -12.34 15.66 -11.64
N GLU C 186 -11.13 15.10 -11.74
CA GLU C 186 -10.58 14.36 -10.60
C GLU C 186 -10.08 15.31 -9.52
N LYS C 187 -9.64 16.50 -9.90
CA LYS C 187 -9.16 17.49 -8.96
C LYS C 187 -10.22 18.52 -8.60
N ASP C 188 -11.41 18.43 -9.18
CA ASP C 188 -12.52 19.29 -8.79
C ASP C 188 -13.15 18.74 -7.52
N ILE C 189 -13.16 19.53 -6.45
CA ILE C 189 -13.56 19.02 -5.15
C ILE C 189 -15.07 18.87 -5.01
N ARG C 190 -15.84 19.42 -5.93
CA ARG C 190 -17.29 19.25 -5.88
C ARG C 190 -17.77 18.04 -6.66
N PHE C 191 -16.85 17.25 -7.20
CA PHE C 191 -17.17 15.97 -7.82
C PHE C 191 -16.53 14.84 -7.03
N ASN C 192 -17.17 13.68 -7.05
CA ASN C 192 -16.65 12.55 -6.32
C ASN C 192 -15.43 11.97 -7.02
N TYR C 193 -14.67 11.16 -6.30
CA TYR C 193 -13.48 10.51 -6.83
C TYR C 193 -13.68 9.02 -7.06
N PHE C 194 -14.55 8.37 -6.30
CA PHE C 194 -14.83 6.98 -6.56
C PHE C 194 -15.78 6.79 -7.74
N TRP C 195 -16.54 7.81 -8.12
CA TRP C 195 -17.45 7.68 -9.24
C TRP C 195 -17.03 8.51 -10.44
N ILE C 196 -15.80 9.02 -10.43
CA ILE C 196 -15.14 9.49 -11.64
C ILE C 196 -14.09 8.50 -12.10
N ARG C 197 -13.38 7.88 -11.15
CA ARG C 197 -12.40 6.86 -11.48
C ARG C 197 -13.02 5.59 -12.02
N CYS C 198 -14.25 5.25 -11.63
CA CYS C 198 -14.91 4.10 -12.23
C CYS C 198 -15.59 4.43 -13.55
N THR C 199 -16.03 5.67 -13.75
CA THR C 199 -16.51 6.10 -15.06
C THR C 199 -15.39 6.14 -16.10
N LYS C 200 -14.17 6.43 -15.69
CA LYS C 200 -13.03 6.32 -16.59
C LYS C 200 -12.67 4.85 -16.85
N LEU C 201 -12.93 3.98 -15.88
CA LEU C 201 -12.61 2.57 -16.08
C LEU C 201 -13.68 1.87 -16.90
N ILE C 202 -14.90 2.39 -16.91
CA ILE C 202 -15.96 1.78 -17.70
C ILE C 202 -15.88 2.23 -19.15
N SER C 203 -15.57 3.51 -19.37
CA SER C 203 -15.56 4.06 -20.72
C SER C 203 -14.39 3.55 -21.54
N VAL C 204 -13.34 3.09 -20.87
CA VAL C 204 -12.18 2.54 -21.59
C VAL C 204 -12.52 1.14 -22.11
N THR C 205 -13.21 0.34 -21.30
CA THR C 205 -13.51 -1.02 -21.72
C THR C 205 -14.68 -1.07 -22.69
N LEU C 206 -15.64 -0.14 -22.55
CA LEU C 206 -16.73 -0.05 -23.51
C LEU C 206 -16.21 0.38 -24.88
N PHE C 207 -15.13 1.14 -24.90
CA PHE C 207 -14.54 1.49 -26.19
C PHE C 207 -13.66 0.35 -26.71
N ALA C 208 -13.11 -0.47 -25.81
CA ALA C 208 -12.27 -1.56 -26.26
C ALA C 208 -13.10 -2.72 -26.79
N ILE C 209 -14.31 -2.87 -26.26
CA ILE C 209 -15.23 -3.88 -26.78
C ILE C 209 -15.76 -3.46 -28.14
N HIS C 210 -16.11 -2.18 -28.28
CA HIS C 210 -16.70 -1.68 -29.51
C HIS C 210 -15.67 -1.63 -30.63
N CYS C 211 -14.49 -1.08 -30.36
CA CYS C 211 -13.50 -0.89 -31.42
C CYS C 211 -12.80 -2.18 -31.80
N ALA C 212 -12.98 -3.26 -31.05
CA ALA C 212 -12.44 -4.55 -31.44
C ALA C 212 -13.51 -5.55 -31.84
N GLY C 213 -14.78 -5.21 -31.68
CA GLY C 213 -15.85 -5.96 -32.30
C GLY C 213 -16.20 -5.48 -33.67
N CYS C 214 -15.74 -4.29 -34.03
CA CYS C 214 -15.89 -3.77 -35.38
C CYS C 214 -14.63 -3.94 -36.20
N PHE C 215 -13.49 -4.22 -35.58
CA PHE C 215 -12.29 -4.51 -36.33
C PHE C 215 -12.12 -5.99 -36.61
N ASN C 216 -12.95 -6.83 -36.01
CA ASN C 216 -12.98 -8.25 -36.29
C ASN C 216 -14.16 -8.66 -37.13
N TYR C 217 -15.03 -7.71 -37.46
CA TYR C 217 -16.02 -7.93 -38.50
C TYR C 217 -15.49 -7.54 -39.87
N LEU C 218 -14.53 -6.61 -39.92
CA LEU C 218 -13.90 -6.26 -41.18
C LEU C 218 -13.01 -7.37 -41.70
N ILE C 219 -12.42 -8.16 -40.80
CA ILE C 219 -11.61 -9.29 -41.24
C ILE C 219 -12.50 -10.38 -41.81
N ALA C 220 -13.72 -10.55 -41.29
CA ALA C 220 -14.63 -11.56 -41.80
C ALA C 220 -15.39 -11.08 -43.04
N ASP C 221 -15.77 -9.81 -43.09
CA ASP C 221 -16.54 -9.31 -44.22
C ASP C 221 -15.69 -9.12 -45.47
N ARG C 222 -14.39 -8.93 -45.32
CA ARG C 222 -13.51 -8.66 -46.44
C ARG C 222 -12.55 -9.82 -46.68
N TYR C 223 -13.05 -11.04 -46.58
CA TYR C 223 -12.23 -12.22 -46.81
C TYR C 223 -12.60 -12.80 -48.16
N PRO C 224 -11.64 -12.93 -49.10
CA PRO C 224 -12.02 -13.28 -50.48
C PRO C 224 -12.46 -14.73 -50.63
N ASN C 225 -12.02 -15.59 -49.75
CA ASN C 225 -12.43 -16.98 -49.73
C ASN C 225 -13.85 -17.06 -49.17
N PRO C 226 -14.55 -18.22 -49.25
CA PRO C 226 -15.89 -18.30 -48.64
C PRO C 226 -15.88 -18.29 -47.12
N ARG C 227 -17.02 -18.60 -46.53
CA ARG C 227 -17.21 -18.49 -45.08
C ARG C 227 -16.41 -19.54 -44.32
N LYS C 228 -15.10 -19.33 -44.27
CA LYS C 228 -14.18 -20.01 -43.38
C LYS C 228 -13.58 -18.99 -42.41
N THR C 229 -14.44 -18.13 -41.89
CA THR C 229 -14.09 -17.11 -40.93
C THR C 229 -14.66 -17.49 -39.56
N TRP C 230 -14.53 -16.57 -38.60
CA TRP C 230 -14.97 -16.87 -37.24
C TRP C 230 -16.48 -16.94 -37.13
N ILE C 231 -17.19 -16.12 -37.90
CA ILE C 231 -18.64 -16.05 -37.83
C ILE C 231 -19.22 -16.95 -38.92
N GLY C 232 -18.46 -17.15 -40.00
CA GLY C 232 -18.93 -17.95 -41.10
C GLY C 232 -18.96 -19.44 -40.81
N ALA C 233 -18.22 -19.88 -39.80
CA ALA C 233 -18.19 -21.30 -39.47
C ALA C 233 -19.44 -21.78 -38.74
N VAL C 234 -20.24 -20.86 -38.21
CA VAL C 234 -21.47 -21.24 -37.50
C VAL C 234 -22.69 -20.64 -38.20
N TYR C 235 -22.59 -19.39 -38.64
CA TYR C 235 -23.62 -18.75 -39.45
C TYR C 235 -23.03 -18.61 -40.85
N PRO C 236 -23.37 -19.49 -41.78
CA PRO C 236 -22.61 -19.57 -43.03
C PRO C 236 -22.85 -18.41 -43.98
N ASN C 237 -23.99 -17.74 -43.91
CA ASN C 237 -24.25 -16.63 -44.82
C ASN C 237 -23.91 -15.27 -44.22
N PHE C 238 -24.61 -14.87 -43.14
CA PHE C 238 -24.42 -13.70 -42.29
C PHE C 238 -24.29 -12.36 -43.02
N LYS C 239 -24.60 -12.31 -44.32
CA LYS C 239 -24.40 -11.14 -45.14
C LYS C 239 -25.65 -10.91 -45.97
N GLU C 240 -26.07 -9.63 -46.03
CA GLU C 240 -27.36 -9.20 -46.62
C GLU C 240 -28.53 -9.92 -45.96
N ALA C 241 -28.37 -10.27 -44.68
CA ALA C 241 -29.33 -11.03 -43.91
C ALA C 241 -28.97 -10.87 -42.44
N SER C 242 -29.71 -11.59 -41.60
CA SER C 242 -29.48 -11.72 -40.15
C SER C 242 -29.46 -10.37 -39.43
N LEU C 243 -30.22 -9.39 -39.95
CA LEU C 243 -30.59 -8.15 -39.25
C LEU C 243 -29.36 -7.32 -38.86
N TRP C 244 -28.74 -6.72 -39.88
CA TRP C 244 -27.53 -5.90 -39.79
C TRP C 244 -27.49 -4.84 -38.68
N ASN C 245 -28.65 -4.38 -38.20
CA ASN C 245 -28.66 -3.44 -37.10
C ASN C 245 -28.49 -4.18 -35.78
N ARG C 246 -28.51 -5.52 -35.82
CA ARG C 246 -28.19 -6.32 -34.65
C ARG C 246 -26.86 -7.01 -34.92
N TYR C 247 -25.78 -6.31 -34.56
CA TYR C 247 -24.41 -6.77 -34.62
C TYR C 247 -23.95 -7.35 -33.28
N VAL C 248 -24.88 -7.89 -32.50
CA VAL C 248 -24.63 -8.42 -31.17
C VAL C 248 -23.67 -9.60 -31.21
N THR C 249 -23.61 -10.31 -32.35
CA THR C 249 -22.68 -11.42 -32.51
C THR C 249 -21.24 -10.95 -32.48
N ALA C 250 -20.97 -9.76 -33.03
CA ALA C 250 -19.61 -9.26 -33.06
C ALA C 250 -19.17 -8.72 -31.70
N LEU C 251 -20.11 -8.22 -30.90
CA LEU C 251 -19.80 -7.85 -29.53
C LEU C 251 -19.76 -9.05 -28.60
N TYR C 252 -20.52 -10.09 -28.89
CA TYR C 252 -20.47 -11.29 -28.07
C TYR C 252 -19.12 -12.00 -28.22
N TRP C 253 -18.50 -11.90 -29.40
CA TRP C 253 -17.16 -12.42 -29.55
C TRP C 253 -16.15 -11.59 -28.77
N SER C 254 -16.30 -10.27 -28.77
CA SER C 254 -15.28 -9.43 -28.17
C SER C 254 -15.32 -9.47 -26.65
N ILE C 255 -16.53 -9.55 -26.07
CA ILE C 255 -16.63 -9.66 -24.63
C ILE C 255 -16.18 -11.03 -24.14
N THR C 256 -16.18 -12.05 -25.00
CA THR C 256 -15.78 -13.39 -24.58
C THR C 256 -14.28 -13.53 -24.48
N THR C 257 -13.51 -12.80 -25.27
CA THR C 257 -12.06 -12.88 -25.19
C THR C 257 -11.45 -11.78 -24.33
N LEU C 258 -12.12 -10.63 -24.19
CA LEU C 258 -11.60 -9.56 -23.35
C LEU C 258 -11.72 -9.90 -21.88
N THR C 259 -12.80 -10.59 -21.49
CA THR C 259 -12.91 -11.10 -20.14
C THR C 259 -12.22 -12.43 -19.98
N THR C 260 -11.61 -12.95 -21.05
CA THR C 260 -10.90 -14.24 -21.09
C THR C 260 -11.79 -15.39 -20.63
N THR C 261 -13.07 -15.36 -20.99
CA THR C 261 -13.90 -16.53 -20.72
C THR C 261 -13.58 -17.62 -21.73
N GLY C 262 -13.95 -17.40 -22.98
CA GLY C 262 -13.49 -18.24 -24.06
C GLY C 262 -14.39 -19.44 -24.17
N TYR C 263 -15.32 -19.44 -25.12
CA TYR C 263 -16.15 -20.63 -25.26
C TYR C 263 -15.65 -21.53 -26.36
N GLY C 264 -15.09 -20.96 -27.42
CA GLY C 264 -14.59 -21.73 -28.52
C GLY C 264 -15.59 -21.96 -29.63
N ASP C 265 -16.80 -21.43 -29.49
CA ASP C 265 -17.76 -21.50 -30.60
C ASP C 265 -17.42 -20.48 -31.68
N PHE C 266 -16.92 -19.31 -31.30
CA PHE C 266 -16.32 -18.36 -32.22
C PHE C 266 -14.82 -18.33 -31.95
N HIS C 267 -14.03 -18.83 -32.89
CA HIS C 267 -12.58 -18.74 -32.78
C HIS C 267 -11.99 -18.46 -34.17
N ALA C 268 -10.69 -18.25 -34.21
CA ALA C 268 -10.02 -17.91 -35.45
C ALA C 268 -9.86 -19.14 -36.35
N GLU C 269 -10.12 -18.96 -37.63
CA GLU C 269 -10.05 -20.04 -38.61
C GLU C 269 -8.96 -19.83 -39.64
N ASN C 270 -8.91 -18.68 -40.25
CA ASN C 270 -7.92 -18.28 -41.24
C ASN C 270 -6.74 -17.59 -40.57
N PRO C 271 -5.57 -17.57 -41.21
CA PRO C 271 -4.40 -16.90 -40.59
C PRO C 271 -4.46 -15.39 -40.57
N ARG C 272 -5.51 -14.75 -41.06
CA ARG C 272 -5.71 -13.32 -40.83
C ARG C 272 -6.29 -13.07 -39.45
N GLU C 273 -7.18 -13.94 -38.98
CA GLU C 273 -7.76 -13.77 -37.66
C GLU C 273 -6.85 -14.33 -36.58
N MET C 274 -5.89 -15.17 -36.93
CA MET C 274 -4.91 -15.60 -35.95
C MET C 274 -3.93 -14.49 -35.63
N LEU C 275 -3.65 -13.62 -36.60
CA LEU C 275 -2.83 -12.45 -36.31
C LEU C 275 -3.58 -11.43 -35.48
N PHE C 276 -4.87 -11.24 -35.76
CA PHE C 276 -5.63 -10.24 -35.02
C PHE C 276 -5.90 -10.69 -33.60
N ASP C 277 -6.09 -12.00 -33.40
CA ASP C 277 -6.32 -12.48 -32.05
C ASP C 277 -5.06 -12.46 -31.22
N ILE C 278 -3.89 -12.51 -31.84
CA ILE C 278 -2.65 -12.40 -31.07
C ILE C 278 -2.46 -10.96 -30.62
N PHE C 279 -2.70 -10.00 -31.51
CA PHE C 279 -2.56 -8.60 -31.14
C PHE C 279 -3.68 -8.11 -30.25
N PHE C 280 -4.81 -8.82 -30.20
CA PHE C 280 -5.88 -8.46 -29.29
C PHE C 280 -5.73 -9.13 -27.93
N MET C 281 -5.29 -10.38 -27.90
CA MET C 281 -5.11 -11.04 -26.60
C MET C 281 -3.85 -10.61 -25.88
N MET C 282 -2.95 -9.87 -26.54
CA MET C 282 -1.90 -9.19 -25.81
C MET C 282 -2.37 -7.85 -25.26
N PHE C 283 -3.36 -7.25 -25.90
CA PHE C 283 -3.96 -6.04 -25.36
C PHE C 283 -4.80 -6.34 -24.13
N ASN C 284 -5.44 -7.52 -24.09
CA ASN C 284 -6.31 -7.84 -22.97
C ASN C 284 -5.51 -8.28 -21.74
N LEU C 285 -4.26 -8.68 -21.91
CA LEU C 285 -3.38 -8.84 -20.76
C LEU C 285 -3.09 -7.49 -20.11
N GLY C 286 -2.82 -6.48 -20.93
CA GLY C 286 -2.54 -5.16 -20.40
C GLY C 286 -3.78 -4.44 -19.93
N LEU C 287 -4.95 -4.83 -20.42
CA LEU C 287 -6.17 -4.16 -20.02
C LEU C 287 -6.67 -4.67 -18.67
N THR C 288 -6.74 -5.98 -18.49
CA THR C 288 -7.28 -6.51 -17.24
C THR C 288 -6.27 -6.44 -16.12
N ALA C 289 -5.00 -6.23 -16.41
CA ALA C 289 -4.05 -5.92 -15.35
C ALA C 289 -4.06 -4.44 -14.99
N TYR C 290 -4.76 -3.62 -15.77
CA TYR C 290 -4.95 -2.21 -15.49
C TYR C 290 -6.26 -1.96 -14.76
N LEU C 291 -7.28 -2.77 -15.01
CA LEU C 291 -8.53 -2.63 -14.26
C LEU C 291 -8.42 -3.20 -12.87
N ILE C 292 -7.71 -4.33 -12.73
CA ILE C 292 -7.54 -4.94 -11.42
C ILE C 292 -6.61 -4.10 -10.56
N GLY C 293 -5.56 -3.55 -11.17
CA GLY C 293 -4.65 -2.69 -10.42
C GLY C 293 -5.28 -1.36 -10.02
N ASN C 294 -6.28 -0.91 -10.78
CA ASN C 294 -6.97 0.33 -10.44
C ASN C 294 -8.06 0.10 -9.41
N MET C 295 -8.77 -1.02 -9.49
CA MET C 295 -9.77 -1.30 -8.47
C MET C 295 -9.13 -1.70 -7.15
N THR C 296 -7.91 -2.24 -7.19
CA THR C 296 -7.17 -2.48 -5.96
C THR C 296 -6.77 -1.16 -5.31
N ASN C 297 -6.47 -0.15 -6.13
CA ASN C 297 -6.17 1.18 -5.62
C ASN C 297 -7.43 1.85 -5.06
N LEU C 298 -8.59 1.49 -5.59
CA LEU C 298 -9.82 2.12 -5.14
C LEU C 298 -10.36 1.47 -3.88
N VAL C 299 -10.19 0.15 -3.73
CA VAL C 299 -10.61 -0.54 -2.52
C VAL C 299 -9.77 -0.12 -1.33
N VAL C 300 -8.48 0.12 -1.56
CA VAL C 300 -7.62 0.66 -0.51
C VAL C 300 -8.05 2.08 -0.15
N HIS C 301 -8.45 2.88 -1.14
CA HIS C 301 -9.01 4.19 -0.83
C HIS C 301 -10.41 4.10 -0.25
N TRP C 302 -11.14 3.02 -0.55
CA TRP C 302 -12.45 2.79 0.04
C TRP C 302 -12.34 2.53 1.54
N THR C 303 -11.61 1.48 1.90
CA THR C 303 -11.64 0.88 3.23
C THR C 303 -10.36 1.14 4.00
N SER C 304 -9.79 2.34 3.91
CA SER C 304 -8.63 2.64 4.74
C SER C 304 -9.01 3.22 6.09
N ARG C 305 -10.20 3.76 6.23
CA ARG C 305 -10.58 4.33 7.52
C ARG C 305 -10.93 3.23 8.53
N THR C 306 -11.67 2.22 8.09
CA THR C 306 -12.06 1.14 8.98
C THR C 306 -10.96 0.12 9.19
N ARG C 307 -9.93 0.11 8.36
CA ARG C 307 -8.86 -0.86 8.51
C ARG C 307 -7.77 -0.39 9.45
N THR C 308 -7.41 0.89 9.41
CA THR C 308 -6.43 1.40 10.37
C THR C 308 -7.06 1.65 11.73
N PHE C 309 -8.39 1.71 11.80
CA PHE C 309 -9.05 1.68 13.10
C PHE C 309 -8.96 0.30 13.71
N ARG C 310 -9.11 -0.74 12.90
CA ARG C 310 -9.04 -2.09 13.44
C ARG C 310 -7.60 -2.53 13.65
N ASP C 311 -6.63 -1.75 13.16
CA ASP C 311 -5.24 -2.02 13.48
C ASP C 311 -4.88 -1.48 14.86
N SER C 312 -5.42 -0.32 15.23
CA SER C 312 -5.08 0.30 16.50
C SER C 312 -5.84 -0.32 17.65
N VAL C 313 -7.02 -0.88 17.38
CA VAL C 313 -7.73 -1.65 18.40
C VAL C 313 -7.01 -2.97 18.65
N ARG C 314 -6.50 -3.59 17.58
CA ARG C 314 -5.75 -4.83 17.72
C ARG C 314 -4.43 -4.60 18.45
N ALA C 315 -3.78 -3.47 18.20
CA ALA C 315 -2.49 -3.21 18.82
C ALA C 315 -2.64 -2.85 20.29
N ALA C 316 -3.81 -2.37 20.70
CA ALA C 316 -4.08 -2.07 22.10
C ALA C 316 -4.74 -3.23 22.83
N SER C 317 -5.10 -4.29 22.14
CA SER C 317 -5.50 -5.53 22.78
C SER C 317 -4.35 -6.51 22.87
N GLU C 318 -3.34 -6.37 22.02
CA GLU C 318 -2.10 -7.11 22.22
C GLU C 318 -1.32 -6.56 23.39
N PHE C 319 -1.43 -5.25 23.63
CA PHE C 319 -0.68 -4.65 24.73
C PHE C 319 -1.29 -4.98 26.07
N ALA C 320 -2.61 -5.01 26.15
CA ALA C 320 -3.27 -5.29 27.42
C ALA C 320 -3.39 -6.76 27.71
N SER C 321 -2.88 -7.63 26.84
CA SER C 321 -2.88 -9.06 27.07
C SER C 321 -1.49 -9.61 27.38
N ARG C 322 -0.45 -8.98 26.86
CA ARG C 322 0.90 -9.39 27.22
C ARG C 322 1.23 -9.01 28.65
N ASN C 323 0.72 -7.89 29.13
CA ASN C 323 1.03 -7.37 30.44
C ASN C 323 0.04 -7.80 31.51
N GLN C 324 -0.97 -8.59 31.13
CA GLN C 324 -1.98 -9.17 32.03
C GLN C 324 -2.70 -8.08 32.81
N LEU C 325 -3.17 -7.06 32.10
CA LEU C 325 -3.86 -5.94 32.72
C LEU C 325 -5.22 -6.40 33.28
N PRO C 326 -5.71 -5.75 34.34
CA PRO C 326 -7.05 -6.07 34.81
C PRO C 326 -8.10 -5.57 33.85
N HIS C 327 -9.31 -6.13 33.98
CA HIS C 327 -10.38 -5.79 33.06
C HIS C 327 -10.90 -4.38 33.29
N ASP C 328 -10.62 -3.78 34.44
CA ASP C 328 -11.15 -2.46 34.75
C ASP C 328 -10.35 -1.33 34.14
N ILE C 329 -9.15 -1.59 33.62
CA ILE C 329 -8.37 -0.59 32.92
C ILE C 329 -8.26 -0.90 31.44
N GLN C 330 -8.50 -2.17 31.06
CA GLN C 330 -8.57 -2.51 29.65
C GLN C 330 -9.81 -1.93 29.00
N ASP C 331 -10.91 -1.81 29.75
CA ASP C 331 -12.12 -1.21 29.19
C ASP C 331 -11.99 0.28 29.04
N GLN C 332 -11.10 0.91 29.81
CA GLN C 332 -10.94 2.35 29.68
C GLN C 332 -10.12 2.71 28.46
N MET C 333 -9.20 1.84 28.07
CA MET C 333 -8.38 2.14 26.91
C MET C 333 -9.02 1.68 25.61
N LEU C 334 -10.02 0.80 25.67
CA LEU C 334 -10.67 0.33 24.47
C LEU C 334 -11.94 1.12 24.16
N SER C 335 -12.61 1.64 25.18
CA SER C 335 -13.74 2.51 24.93
C SER C 335 -13.28 3.89 24.46
N HIS C 336 -12.03 4.24 24.71
CA HIS C 336 -11.56 5.55 24.27
C HIS C 336 -11.19 5.54 22.80
N ILE C 337 -10.64 4.43 22.30
CA ILE C 337 -10.29 4.34 20.89
C ILE C 337 -11.54 4.30 20.02
N CYS C 338 -12.59 3.64 20.52
CA CYS C 338 -13.84 3.54 19.77
C CYS C 338 -14.55 4.89 19.70
N LEU C 339 -14.43 5.69 20.76
CA LEU C 339 -15.10 6.98 20.76
C LEU C 339 -14.27 8.04 20.06
N LYS C 340 -12.95 7.87 20.04
CA LYS C 340 -12.11 8.78 19.26
C LYS C 340 -12.32 8.58 17.77
N PHE C 341 -12.68 7.37 17.36
CA PHE C 341 -12.93 7.11 15.95
C PHE C 341 -14.29 7.65 15.53
N LYS C 342 -15.27 7.58 16.42
CA LYS C 342 -16.62 8.03 16.07
C LYS C 342 -16.69 9.53 15.95
N THR C 343 -15.91 10.25 16.76
CA THR C 343 -16.04 11.70 16.88
C THR C 343 -14.88 12.45 16.25
N GLU C 344 -13.65 12.06 16.55
CA GLU C 344 -12.49 12.80 16.06
C GLU C 344 -12.01 12.32 14.71
N GLY C 345 -12.78 11.47 14.03
CA GLY C 345 -12.34 10.95 12.75
C GLY C 345 -11.17 10.01 12.89
N LEU C 346 -10.26 10.09 11.94
CA LEU C 346 -9.06 9.27 11.94
C LEU C 346 -7.80 10.10 12.11
N LYS C 347 -7.62 11.12 11.27
CA LYS C 347 -6.46 12.02 11.36
C LYS C 347 -7.00 13.44 11.38
N GLN C 348 -7.33 13.93 12.56
CA GLN C 348 -7.81 15.30 12.73
C GLN C 348 -6.67 16.22 13.16
N GLN C 349 -5.75 15.71 13.97
CA GLN C 349 -4.60 16.51 14.36
C GLN C 349 -3.66 16.76 13.19
N GLU C 350 -3.60 15.83 12.24
CA GLU C 350 -2.82 16.07 11.03
C GLU C 350 -3.55 16.93 10.04
N THR C 351 -4.87 17.07 10.18
CA THR C 351 -5.63 17.93 9.29
C THR C 351 -5.35 19.40 9.58
N LEU C 352 -5.53 19.82 10.83
CA LEU C 352 -5.35 21.20 11.24
C LEU C 352 -3.96 21.46 11.81
N ASN C 353 -2.97 20.69 11.40
CA ASN C 353 -1.58 21.08 11.53
C ASN C 353 -1.02 21.60 10.23
N ASN C 354 -1.84 21.68 9.19
CA ASN C 354 -1.42 22.21 7.90
C ASN C 354 -2.06 23.55 7.57
N LEU C 355 -3.14 23.92 8.26
CA LEU C 355 -3.69 25.25 8.10
C LEU C 355 -2.72 26.27 8.70
N PRO C 356 -2.46 27.40 8.02
CA PRO C 356 -1.25 28.18 8.31
C PRO C 356 -1.14 28.84 9.68
N LYS C 357 -1.90 29.89 9.97
CA LYS C 357 -1.95 30.43 11.32
C LYS C 357 -3.30 31.02 11.67
N ALA C 358 -4.03 31.47 10.64
CA ALA C 358 -5.23 32.26 10.84
C ALA C 358 -6.49 31.53 10.40
N ILE C 359 -6.37 30.49 9.58
CA ILE C 359 -7.49 29.59 9.37
C ILE C 359 -7.72 28.78 10.63
N ARG C 360 -6.64 28.38 11.29
CA ARG C 360 -6.74 27.58 12.50
C ARG C 360 -7.26 28.40 13.67
N SER C 361 -6.76 29.64 13.81
CA SER C 361 -7.18 30.49 14.91
C SER C 361 -8.56 31.11 14.69
N SER C 362 -9.13 30.99 13.50
CA SER C 362 -10.51 31.38 13.31
C SER C 362 -11.47 30.22 13.47
N ILE C 363 -10.98 28.98 13.34
CA ILE C 363 -11.77 27.82 13.70
C ILE C 363 -12.01 27.80 15.20
N ALA C 364 -10.97 28.06 15.97
CA ALA C 364 -11.06 28.02 17.43
C ALA C 364 -11.72 29.26 18.01
N ASN C 365 -12.20 30.18 17.19
CA ASN C 365 -12.93 31.34 17.70
C ASN C 365 -14.40 31.29 17.35
N TYR C 366 -14.78 30.54 16.32
CA TYR C 366 -16.18 30.18 16.20
C TYR C 366 -16.52 29.07 17.19
N LEU C 367 -15.61 28.12 17.34
CA LEU C 367 -15.80 26.99 18.23
C LEU C 367 -15.32 27.38 19.63
N PHE C 368 -16.15 27.06 20.63
CA PHE C 368 -15.90 27.18 22.07
C PHE C 368 -15.26 28.51 22.50
N PHE C 369 -15.63 29.59 21.82
CA PHE C 369 -15.28 30.92 22.33
C PHE C 369 -16.24 31.40 23.41
N PRO C 370 -17.59 31.23 23.32
CA PRO C 370 -18.42 31.53 24.50
C PRO C 370 -18.45 30.42 25.53
N ILE C 371 -17.52 29.48 25.45
CA ILE C 371 -17.35 28.46 26.47
C ILE C 371 -16.27 28.92 27.44
N VAL C 372 -15.19 29.46 26.91
CA VAL C 372 -14.07 29.92 27.73
C VAL C 372 -14.34 31.35 28.14
N HIS C 373 -15.37 31.97 27.57
CA HIS C 373 -15.70 33.35 27.90
C HIS C 373 -16.33 33.46 29.28
N ASN C 374 -17.49 32.85 29.47
CA ASN C 374 -18.28 33.07 30.67
C ASN C 374 -18.05 31.96 31.68
N ILE C 375 -16.80 31.86 32.14
CA ILE C 375 -16.47 31.09 33.33
C ILE C 375 -15.85 32.05 34.33
N TYR C 376 -15.78 31.61 35.59
CA TYR C 376 -15.42 32.54 36.67
C TYR C 376 -13.93 32.86 36.68
N LEU C 377 -13.11 31.93 36.20
CA LEU C 377 -11.67 32.14 36.26
C LEU C 377 -11.20 33.21 35.28
N PHE C 378 -11.97 33.45 34.22
CA PHE C 378 -11.77 34.60 33.35
C PHE C 378 -13.08 35.37 33.31
N GLN C 379 -13.29 36.22 34.29
CA GLN C 379 -14.46 37.09 34.36
C GLN C 379 -13.98 38.51 34.61
N GLY C 380 -14.41 39.43 33.75
CA GLY C 380 -13.95 40.80 33.84
C GLY C 380 -12.55 40.99 33.27
N VAL C 381 -12.05 39.99 32.56
CA VAL C 381 -10.76 40.11 31.90
C VAL C 381 -10.98 40.62 30.48
N SER C 382 -9.92 41.19 29.89
CA SER C 382 -10.01 41.86 28.60
C SER C 382 -10.30 40.87 27.47
N ARG C 383 -10.68 41.43 26.32
CA ARG C 383 -10.98 40.64 25.14
C ARG C 383 -9.74 39.97 24.58
N ASN C 384 -8.61 40.67 24.59
CA ASN C 384 -7.41 40.17 23.96
C ASN C 384 -6.73 39.06 24.73
N PHE C 385 -7.08 38.81 26.00
CA PHE C 385 -6.50 37.67 26.70
C PHE C 385 -7.26 36.39 26.40
N LEU C 386 -8.58 36.46 26.32
CA LEU C 386 -9.39 35.36 25.84
C LEU C 386 -9.58 35.40 24.32
N PHE C 387 -8.60 35.97 23.63
CA PHE C 387 -8.35 35.74 22.21
C PHE C 387 -7.11 34.88 22.00
N GLN C 388 -6.60 34.25 23.06
CA GLN C 388 -5.55 33.25 22.96
C GLN C 388 -6.09 31.87 23.34
N LEU C 389 -7.27 31.51 22.84
CA LEU C 389 -7.77 30.14 22.93
C LEU C 389 -7.36 29.36 21.68
N VAL C 390 -6.07 29.43 21.36
CA VAL C 390 -5.54 28.84 20.15
C VAL C 390 -4.73 27.58 20.42
N SER C 391 -4.64 27.15 21.68
CA SER C 391 -3.99 25.89 22.01
C SER C 391 -4.92 24.95 22.78
N ASP C 392 -6.23 25.19 22.71
CA ASP C 392 -7.20 24.32 23.35
C ASP C 392 -7.32 23.03 22.56
N ILE C 393 -6.92 21.93 23.17
CA ILE C 393 -7.14 20.61 22.58
C ILE C 393 -8.52 20.18 23.05
N ASP C 394 -9.54 20.69 22.37
CA ASP C 394 -10.92 20.46 22.79
C ASP C 394 -11.48 19.16 22.28
N ALA C 395 -10.72 18.41 21.49
CA ALA C 395 -11.18 17.12 21.02
C ALA C 395 -11.04 16.10 22.15
N GLU C 396 -11.90 16.20 23.15
CA GLU C 396 -11.84 15.24 24.22
C GLU C 396 -12.81 14.11 23.99
N TYR C 397 -14.11 14.42 24.08
CA TYR C 397 -15.21 13.46 23.99
C TYR C 397 -14.95 12.20 24.80
N PHE C 398 -14.93 12.36 26.09
CA PHE C 398 -14.61 11.24 26.95
C PHE C 398 -15.80 10.30 27.10
N PRO C 399 -15.57 9.00 27.13
CA PRO C 399 -16.65 8.05 27.39
C PRO C 399 -17.09 8.10 28.84
N PRO C 400 -18.20 7.47 29.20
CA PRO C 400 -18.57 7.36 30.60
C PRO C 400 -17.61 6.49 31.40
N LYS C 401 -17.50 6.81 32.68
CA LYS C 401 -16.68 6.09 33.67
C LYS C 401 -15.21 6.06 33.26
N GLU C 402 -14.71 7.17 32.74
CA GLU C 402 -13.29 7.30 32.41
C GLU C 402 -12.68 8.41 33.24
N ASP C 403 -11.52 8.14 33.83
CA ASP C 403 -10.85 9.08 34.72
C ASP C 403 -10.13 10.14 33.91
N ILE C 404 -10.47 11.40 34.15
CA ILE C 404 -9.81 12.51 33.49
C ILE C 404 -8.55 12.94 34.22
N ILE C 405 -8.66 13.06 35.53
CA ILE C 405 -7.59 13.53 36.40
C ILE C 405 -7.49 12.57 37.56
N LEU C 406 -6.30 12.10 37.87
CA LEU C 406 -6.12 11.15 38.95
C LEU C 406 -6.11 11.84 40.31
N GLN C 407 -5.84 11.06 41.35
CA GLN C 407 -5.87 11.60 42.71
C GLN C 407 -4.70 12.53 42.97
N ASN C 408 -3.49 12.07 42.66
CA ASN C 408 -2.29 12.90 42.76
C ASN C 408 -1.55 12.81 41.44
N GLU C 409 -1.17 13.96 40.89
CA GLU C 409 -0.52 13.98 39.59
C GLU C 409 0.25 15.27 39.45
N ALA C 410 1.18 15.30 38.50
CA ALA C 410 1.85 16.52 38.09
C ALA C 410 0.80 17.42 37.47
N PRO C 411 0.45 18.53 38.10
CA PRO C 411 -0.74 19.28 37.69
C PRO C 411 -0.53 20.06 36.39
N THR C 412 -0.68 19.35 35.27
CA THR C 412 -0.24 19.87 33.98
C THR C 412 -1.31 20.74 33.31
N ASP C 413 -2.58 20.52 33.60
CA ASP C 413 -3.62 21.11 32.77
C ASP C 413 -4.90 21.34 33.55
N LEU C 414 -5.64 22.38 33.17
CA LEU C 414 -7.00 22.60 33.60
C LEU C 414 -7.93 22.15 32.49
N TYR C 415 -9.15 21.77 32.85
CA TYR C 415 -10.14 21.34 31.89
C TYR C 415 -11.42 22.14 32.07
N ILE C 416 -12.11 22.40 30.97
CA ILE C 416 -13.36 23.13 30.96
C ILE C 416 -14.43 22.24 30.37
N LEU C 417 -15.46 21.94 31.15
CA LEU C 417 -16.51 21.03 30.73
C LEU C 417 -17.46 21.72 29.77
N VAL C 418 -17.50 21.24 28.53
CA VAL C 418 -18.36 21.85 27.51
C VAL C 418 -19.77 21.29 27.57
N SER C 419 -19.92 19.97 27.63
CA SER C 419 -21.24 19.33 27.67
C SER C 419 -21.10 17.96 28.29
N GLY C 420 -21.89 17.69 29.32
CA GLY C 420 -21.81 16.41 30.00
C GLY C 420 -21.89 16.57 31.50
N ALA C 421 -21.28 15.66 32.25
CA ALA C 421 -21.25 15.77 33.70
C ALA C 421 -20.07 14.96 34.24
N VAL C 422 -19.55 15.40 35.39
CA VAL C 422 -18.34 14.88 35.99
C VAL C 422 -18.53 14.84 37.50
N ASP C 423 -18.10 13.74 38.12
CA ASP C 423 -18.26 13.56 39.55
C ASP C 423 -16.90 13.41 40.21
N PHE C 424 -16.58 14.31 41.14
CA PHE C 424 -15.34 14.25 41.90
C PHE C 424 -15.44 13.20 43.00
N THR C 425 -14.28 12.67 43.38
CA THR C 425 -14.21 11.74 44.51
C THR C 425 -12.90 11.96 45.24
N VAL C 426 -12.81 11.35 46.43
CA VAL C 426 -11.63 11.45 47.27
C VAL C 426 -11.09 10.02 47.33
N TYR C 427 -9.97 9.80 48.03
CA TYR C 427 -9.12 8.61 47.99
C TYR C 427 -9.82 7.25 48.12
N VAL C 428 -10.90 7.17 48.89
CA VAL C 428 -11.62 5.90 49.01
C VAL C 428 -13.01 6.04 48.40
N ASP C 429 -13.85 6.88 49.00
CA ASP C 429 -15.19 7.14 48.48
C ASP C 429 -15.65 8.48 49.03
N GLY C 430 -15.53 9.52 48.22
CA GLY C 430 -16.05 10.83 48.57
C GLY C 430 -17.03 11.30 47.53
N HIS C 431 -17.48 12.54 47.63
CA HIS C 431 -18.38 13.07 46.60
C HIS C 431 -18.38 14.58 46.50
N ASP C 432 -17.99 15.09 45.33
CA ASP C 432 -18.28 16.44 44.87
C ASP C 432 -18.62 16.31 43.40
N GLN C 433 -19.21 17.37 42.82
CA GLN C 433 -19.71 17.26 41.45
C GLN C 433 -19.65 18.61 40.74
N PHE C 434 -19.15 18.60 39.50
CA PHE C 434 -19.11 19.79 38.65
C PHE C 434 -20.29 19.78 37.70
N GLN C 435 -20.76 20.97 37.36
CA GLN C 435 -21.96 21.15 36.55
C GLN C 435 -21.59 21.10 35.06
N GLY C 436 -22.53 21.50 34.21
CA GLY C 436 -22.39 21.41 32.78
C GLY C 436 -21.60 22.50 32.10
N LYS C 437 -21.01 23.45 32.84
CA LYS C 437 -20.16 24.45 32.19
C LYS C 437 -18.94 24.87 33.00
N ALA C 438 -18.57 24.17 34.06
CA ALA C 438 -17.61 24.68 35.03
C ALA C 438 -16.18 24.25 34.70
N VAL C 439 -15.25 24.58 35.57
CA VAL C 439 -13.83 24.25 35.45
C VAL C 439 -13.49 23.21 36.50
N ILE C 440 -12.72 22.20 36.11
CA ILE C 440 -12.53 21.06 37.01
C ILE C 440 -11.07 20.85 37.40
N GLY C 441 -10.19 21.76 37.03
CA GLY C 441 -8.78 21.55 37.35
C GLY C 441 -7.96 22.76 37.74
N GLU C 442 -8.61 23.79 38.29
CA GLU C 442 -8.00 25.11 38.41
C GLU C 442 -7.03 25.25 39.58
N THR C 443 -6.73 24.16 40.29
CA THR C 443 -5.89 24.25 41.49
C THR C 443 -4.49 23.77 41.11
N PHE C 444 -4.03 24.19 39.95
CA PHE C 444 -2.68 23.93 39.48
C PHE C 444 -1.85 25.21 39.44
N GLY C 445 -2.37 26.31 39.96
CA GLY C 445 -1.62 27.54 40.11
C GLY C 445 -1.84 28.17 41.47
N GLU C 446 -2.06 27.36 42.49
CA GLU C 446 -2.44 27.84 43.81
C GLU C 446 -1.90 26.86 44.85
N VAL C 447 -2.52 26.82 46.03
CA VAL C 447 -2.09 26.09 47.23
C VAL C 447 -1.75 24.62 46.99
N GLY C 448 -2.28 24.03 45.93
CA GLY C 448 -1.88 22.70 45.53
C GLY C 448 -1.17 22.64 44.19
N VAL C 449 -0.21 23.54 43.94
CA VAL C 449 0.46 23.63 42.64
C VAL C 449 1.45 22.50 42.42
N LEU C 450 1.55 21.59 43.38
CA LEU C 450 2.27 20.34 43.21
C LEU C 450 1.37 19.11 43.39
N TYR C 451 0.05 19.29 43.45
CA TYR C 451 -0.82 18.15 43.70
C TYR C 451 -2.18 18.38 43.04
N TYR C 452 -3.14 17.52 43.38
CA TYR C 452 -4.52 17.56 42.91
C TYR C 452 -5.44 17.20 44.06
N ARG C 453 -6.48 17.97 44.26
CA ARG C 453 -7.39 17.58 45.33
C ARG C 453 -8.29 16.42 44.91
N PRO C 454 -9.17 16.52 43.86
CA PRO C 454 -10.07 15.39 43.60
C PRO C 454 -9.51 14.41 42.59
N GLN C 455 -10.30 13.40 42.24
CA GLN C 455 -10.02 12.50 41.12
C GLN C 455 -11.28 12.40 40.27
N PRO C 456 -11.51 13.34 39.36
CA PRO C 456 -12.75 13.33 38.58
C PRO C 456 -12.79 12.24 37.55
N PHE C 457 -14.00 11.79 37.26
CA PHE C 457 -14.23 10.77 36.25
C PHE C 457 -15.65 10.93 35.74
N THR C 458 -15.83 10.81 34.43
CA THR C 458 -17.07 11.16 33.75
C THR C 458 -18.24 10.26 34.14
N VAL C 459 -19.46 10.71 33.88
CA VAL C 459 -20.62 9.85 34.08
C VAL C 459 -21.46 9.71 32.81
N ARG C 460 -21.78 10.81 32.13
CA ARG C 460 -22.62 10.61 30.96
C ARG C 460 -21.85 10.38 29.65
N THR C 461 -21.38 11.45 29.04
CA THR C 461 -20.53 11.48 27.84
C THR C 461 -20.07 12.92 27.71
N THR C 462 -18.79 13.18 27.85
CA THR C 462 -18.37 14.53 28.16
C THR C 462 -17.33 15.03 27.17
N GLU C 463 -17.51 16.27 26.73
CA GLU C 463 -16.53 16.96 25.90
C GLU C 463 -15.84 18.02 26.76
N LEU C 464 -14.52 18.00 26.78
CA LEU C 464 -13.71 18.89 27.59
C LEU C 464 -12.87 19.80 26.69
N SER C 465 -11.97 20.58 27.31
CA SER C 465 -11.19 21.55 26.53
C SER C 465 -9.69 21.44 26.72
N GLN C 466 -9.21 21.11 27.93
CA GLN C 466 -7.78 20.85 28.21
C GLN C 466 -6.84 22.00 27.84
N ILE C 467 -6.88 23.10 28.59
CA ILE C 467 -5.80 24.09 28.51
C ILE C 467 -4.66 23.62 29.40
N LEU C 468 -3.45 23.59 28.86
CA LEU C 468 -2.36 22.83 29.47
C LEU C 468 -1.07 23.64 29.62
N ARG C 469 -0.96 24.39 30.72
CA ARG C 469 0.25 25.06 31.21
C ARG C 469 1.02 25.85 30.16
N ILE C 470 0.31 26.43 29.19
CA ILE C 470 0.94 27.23 28.15
C ILE C 470 0.14 28.51 28.00
N SER C 471 -1.02 28.56 28.66
CA SER C 471 -1.84 29.76 28.71
C SER C 471 -2.18 30.20 30.13
N ARG C 472 -1.58 29.60 31.14
CA ARG C 472 -1.67 30.09 32.50
C ARG C 472 -0.31 30.23 33.20
N THR C 473 0.63 29.34 32.92
CA THR C 473 2.00 29.43 33.41
C THR C 473 2.93 30.05 32.39
N SER C 474 2.88 29.61 31.13
CA SER C 474 3.66 30.22 30.07
C SER C 474 2.93 31.39 29.41
N LEU C 475 1.85 31.88 30.02
CA LEU C 475 1.29 33.17 29.68
C LEU C 475 1.22 34.09 30.89
N MET C 476 2.31 34.19 31.66
CA MET C 476 2.44 35.22 32.67
C MET C 476 2.60 36.59 32.02
N SER C 477 3.14 36.61 30.80
CA SER C 477 3.79 37.79 30.26
C SER C 477 2.86 38.72 29.50
N ALA C 478 1.78 38.21 28.91
CA ALA C 478 0.97 39.05 28.04
C ALA C 478 0.08 39.99 28.85
N MET C 479 -0.90 39.43 29.55
CA MET C 479 -1.85 40.20 30.35
C MET C 479 -2.28 39.33 31.51
N HIS C 480 -3.30 39.82 32.24
CA HIS C 480 -4.14 39.04 33.14
C HIS C 480 -3.36 38.40 34.29
N ALA C 481 -2.86 39.26 35.17
CA ALA C 481 -2.48 38.82 36.51
C ALA C 481 -3.67 38.86 37.49
N HIS C 482 -4.82 39.16 36.90
CA HIS C 482 -6.12 39.19 37.56
C HIS C 482 -6.76 37.83 37.67
N ALA C 483 -6.35 36.87 36.84
CA ALA C 483 -6.92 35.53 36.88
C ALA C 483 -6.55 34.82 38.18
N ASP C 484 -5.37 35.10 38.71
CA ASP C 484 -4.96 34.52 39.98
C ASP C 484 -5.66 35.17 41.16
N ASP C 485 -6.29 36.33 40.94
CA ASP C 485 -7.11 36.98 41.94
C ASP C 485 -8.54 36.44 41.94
N GLY C 486 -9.04 36.07 40.76
CA GLY C 486 -10.39 35.54 40.67
C GLY C 486 -10.55 34.14 41.24
N ARG C 487 -9.44 33.43 41.44
CA ARG C 487 -9.50 32.08 42.00
C ARG C 487 -9.66 32.12 43.52
N VAL C 488 -9.02 33.09 44.18
CA VAL C 488 -9.06 33.14 45.63
C VAL C 488 -10.38 33.69 46.14
N ILE C 489 -11.16 34.35 45.27
CA ILE C 489 -12.49 34.80 45.67
C ILE C 489 -13.44 33.61 45.78
N MET C 490 -13.31 32.63 44.88
CA MET C 490 -14.17 31.46 44.95
C MET C 490 -13.82 30.56 46.12
N ASN C 491 -12.59 30.61 46.61
CA ASN C 491 -12.23 29.88 47.81
C ASN C 491 -12.53 30.67 49.08
N ASN C 492 -13.13 31.86 48.94
CA ASN C 492 -13.53 32.74 50.04
C ASN C 492 -12.39 33.11 50.98
N LYS D 49 45.89 3.18 -15.04
CA LYS D 49 46.85 2.36 -15.76
C LYS D 49 46.56 2.35 -17.27
N HIS D 50 46.57 1.16 -17.86
CA HIS D 50 46.21 0.95 -19.25
C HIS D 50 44.80 0.33 -19.36
N ILE D 51 43.92 0.72 -18.46
CA ILE D 51 42.60 0.11 -18.29
C ILE D 51 41.54 1.14 -18.68
N ILE D 52 40.53 0.69 -19.42
CA ILE D 52 39.41 1.55 -19.81
C ILE D 52 38.34 1.48 -18.73
N SER D 53 37.88 2.64 -18.29
CA SER D 53 36.81 2.78 -17.32
C SER D 53 35.47 2.44 -17.99
N PRO D 54 34.51 1.89 -17.24
CA PRO D 54 33.23 1.51 -17.87
C PRO D 54 32.31 2.68 -18.16
N PHE D 55 32.79 3.71 -18.84
CA PHE D 55 31.97 4.83 -19.27
C PHE D 55 32.37 5.22 -20.68
N ASN D 56 31.65 6.21 -21.22
CA ASN D 56 31.57 6.67 -22.60
C ASN D 56 32.95 6.94 -23.22
N PRO D 57 33.10 6.90 -24.55
CA PRO D 57 32.19 6.47 -25.62
C PRO D 57 32.48 5.10 -26.23
N ARG D 58 33.70 4.60 -26.06
CA ARG D 58 34.12 3.36 -26.69
C ARG D 58 33.72 2.13 -25.89
N TYR D 59 32.96 2.28 -24.82
CA TYR D 59 32.50 1.12 -24.07
C TYR D 59 31.01 1.14 -23.81
N ARG D 60 30.41 2.31 -23.63
CA ARG D 60 28.97 2.37 -23.44
C ARG D 60 28.21 2.39 -24.76
N ALA D 61 28.91 2.36 -25.88
CA ALA D 61 28.32 2.09 -27.19
C ALA D 61 28.64 0.70 -27.69
N TRP D 62 29.73 0.11 -27.20
CA TRP D 62 29.99 -1.30 -27.47
C TRP D 62 29.05 -2.19 -26.67
N GLU D 63 28.73 -1.78 -25.43
CA GLU D 63 27.79 -2.55 -24.62
C GLU D 63 26.37 -2.44 -25.13
N MET D 64 26.03 -1.34 -25.78
CA MET D 64 24.71 -1.21 -26.38
C MET D 64 24.58 -2.01 -27.66
N TRP D 65 25.70 -2.40 -28.26
CA TRP D 65 25.63 -3.22 -29.45
C TRP D 65 25.53 -4.70 -29.10
N LEU D 66 26.10 -5.12 -27.97
CA LEU D 66 25.97 -6.51 -27.55
C LEU D 66 24.57 -6.82 -27.04
N VAL D 67 23.80 -5.79 -26.68
CA VAL D 67 22.41 -6.02 -26.31
C VAL D 67 21.59 -6.40 -27.53
N LEU D 68 21.89 -5.81 -28.69
CA LEU D 68 21.20 -6.18 -29.91
C LEU D 68 21.62 -7.56 -30.41
N LEU D 69 22.75 -8.08 -29.94
CA LEU D 69 23.11 -9.44 -30.27
C LEU D 69 22.66 -10.42 -29.21
N VAL D 70 21.93 -9.96 -28.20
CA VAL D 70 21.28 -10.88 -27.26
C VAL D 70 19.81 -11.00 -27.60
N ILE D 71 19.19 -9.89 -28.01
CA ILE D 71 17.81 -9.89 -28.47
C ILE D 71 17.66 -10.76 -29.72
N TYR D 72 18.65 -10.72 -30.61
CA TYR D 72 18.67 -11.63 -31.74
C TYR D 72 18.94 -13.06 -31.31
N SER D 73 19.93 -13.26 -30.44
CA SER D 73 20.35 -14.62 -30.11
C SER D 73 19.47 -15.27 -29.06
N ALA D 74 18.40 -14.59 -28.62
CA ALA D 74 17.37 -15.21 -27.83
C ALA D 74 16.06 -15.33 -28.59
N TRP D 75 16.05 -14.94 -29.86
CA TRP D 75 14.93 -15.17 -30.75
C TRP D 75 15.12 -16.39 -31.63
N ILE D 76 16.31 -16.59 -32.18
CA ILE D 76 16.59 -17.72 -33.05
C ILE D 76 17.12 -18.88 -32.23
N CYS D 77 17.24 -18.70 -30.93
CA CYS D 77 17.73 -19.81 -30.13
C CYS D 77 16.67 -20.89 -29.87
N PRO D 78 15.36 -20.56 -29.66
CA PRO D 78 14.37 -21.65 -29.72
C PRO D 78 13.67 -21.75 -31.07
N PHE D 79 13.94 -20.82 -31.98
CA PHE D 79 13.26 -20.88 -33.28
C PHE D 79 13.94 -21.87 -34.21
N GLN D 80 15.27 -21.86 -34.26
CA GLN D 80 15.96 -22.89 -35.03
C GLN D 80 16.03 -24.21 -34.29
N PHE D 81 15.68 -24.22 -33.00
CA PHE D 81 15.57 -25.46 -32.25
C PHE D 81 14.38 -26.29 -32.70
N ALA D 82 13.33 -25.66 -33.22
CA ALA D 82 12.11 -26.37 -33.59
C ALA D 82 11.81 -26.30 -35.07
N PHE D 83 11.67 -25.11 -35.65
CA PHE D 83 11.13 -25.01 -37.00
C PHE D 83 12.21 -25.27 -38.06
N ILE D 84 13.27 -24.46 -38.07
CA ILE D 84 14.35 -24.63 -39.04
C ILE D 84 15.30 -25.64 -38.41
N THR D 85 14.97 -26.92 -38.58
CA THR D 85 15.76 -28.00 -38.02
C THR D 85 16.86 -28.47 -38.96
N TYR D 86 17.05 -27.82 -40.11
CA TYR D 86 18.15 -28.18 -40.99
C TYR D 86 19.44 -27.52 -40.54
N LYS D 87 19.49 -26.19 -40.61
CA LYS D 87 20.64 -25.35 -40.24
C LYS D 87 21.92 -25.77 -40.95
N LYS D 88 21.80 -26.04 -42.25
CA LYS D 88 22.94 -26.53 -43.02
C LYS D 88 24.05 -25.48 -43.16
N ASP D 89 23.82 -24.44 -43.97
CA ASP D 89 24.82 -23.40 -44.15
C ASP D 89 24.27 -21.99 -44.35
N ALA D 90 22.97 -21.75 -44.28
CA ALA D 90 22.44 -20.45 -44.66
C ALA D 90 22.54 -19.44 -43.52
N ILE D 91 21.93 -19.75 -42.38
CA ILE D 91 22.02 -18.92 -41.18
C ILE D 91 23.29 -19.21 -40.39
N PHE D 92 24.10 -20.15 -40.87
CA PHE D 92 25.23 -20.68 -40.12
C PHE D 92 26.32 -19.64 -39.91
N ILE D 93 26.44 -18.66 -40.81
CA ILE D 93 27.51 -17.67 -40.66
C ILE D 93 27.10 -16.57 -39.69
N ILE D 94 25.81 -16.28 -39.56
CA ILE D 94 25.38 -15.23 -38.64
C ILE D 94 25.46 -15.73 -37.21
N ASP D 95 25.17 -17.01 -36.99
CA ASP D 95 25.30 -17.56 -35.64
C ASP D 95 26.74 -17.87 -35.26
N ASN D 96 27.70 -17.63 -36.14
CA ASN D 96 29.12 -17.74 -35.82
C ASN D 96 29.85 -16.41 -35.82
N ILE D 97 29.33 -15.43 -36.58
CA ILE D 97 29.79 -14.05 -36.43
C ILE D 97 29.37 -13.51 -35.07
N VAL D 98 28.12 -13.77 -34.69
CA VAL D 98 27.60 -13.35 -33.39
C VAL D 98 28.34 -14.07 -32.26
N ASN D 99 28.60 -15.37 -32.44
CA ASN D 99 29.34 -16.12 -31.43
C ASN D 99 30.81 -15.74 -31.37
N GLY D 100 31.31 -14.98 -32.34
CA GLY D 100 32.66 -14.46 -32.28
C GLY D 100 32.73 -13.14 -31.56
N PHE D 101 31.64 -12.36 -31.64
CA PHE D 101 31.59 -11.08 -30.93
C PHE D 101 31.38 -11.26 -29.44
N PHE D 102 31.00 -12.46 -29.01
CA PHE D 102 30.92 -12.76 -27.59
C PHE D 102 32.17 -13.45 -27.08
N ALA D 103 33.10 -13.79 -27.95
CA ALA D 103 34.41 -14.28 -27.53
C ALA D 103 35.40 -13.15 -27.35
N ILE D 104 35.20 -12.04 -28.07
CA ILE D 104 35.98 -10.83 -27.85
C ILE D 104 35.69 -10.26 -26.47
N ASP D 105 34.43 -10.28 -26.07
CA ASP D 105 34.04 -9.61 -24.83
C ASP D 105 34.40 -10.44 -23.60
N ILE D 106 34.79 -11.70 -23.78
CA ILE D 106 35.39 -12.43 -22.66
C ILE D 106 36.79 -11.90 -22.42
N ILE D 107 37.50 -11.56 -23.49
CA ILE D 107 38.83 -10.98 -23.37
C ILE D 107 38.75 -9.56 -22.83
N LEU D 108 37.79 -8.79 -23.33
CA LEU D 108 37.75 -7.34 -23.08
C LEU D 108 37.42 -7.02 -21.62
N THR D 109 36.61 -7.86 -20.97
CA THR D 109 36.26 -7.57 -19.58
C THR D 109 37.27 -8.11 -18.58
N PHE D 110 38.52 -8.31 -19.00
CA PHE D 110 39.63 -8.34 -18.07
C PHE D 110 40.32 -6.99 -17.98
N PHE D 111 39.72 -5.94 -18.55
CA PHE D 111 40.31 -4.62 -18.60
C PHE D 111 39.23 -3.55 -18.32
N VAL D 112 38.38 -3.78 -17.32
CA VAL D 112 37.36 -2.81 -16.95
C VAL D 112 37.39 -2.59 -15.44
N ALA D 113 36.99 -1.38 -15.02
CA ALA D 113 37.39 -0.87 -13.71
C ALA D 113 36.41 -1.23 -12.59
N TYR D 114 35.15 -1.41 -12.92
CA TYR D 114 34.07 -2.08 -12.18
C TYR D 114 33.50 -1.37 -10.95
N LEU D 115 34.07 -0.27 -10.43
CA LEU D 115 33.42 0.62 -9.44
C LEU D 115 33.04 -0.12 -8.15
N ASP D 116 34.06 -0.34 -7.31
CA ASP D 116 34.02 -1.06 -6.03
C ASP D 116 32.81 -0.73 -5.16
N SER D 117 32.31 -1.72 -4.44
CA SER D 117 31.04 -1.61 -3.73
C SER D 117 31.13 -0.95 -2.37
N HIS D 118 32.22 -1.19 -1.63
CA HIS D 118 32.36 -0.61 -0.30
C HIS D 118 33.10 0.73 -0.31
N SER D 119 33.72 1.09 -1.43
CA SER D 119 34.46 2.34 -1.53
C SER D 119 33.84 3.34 -2.48
N TYR D 120 32.93 2.89 -3.35
CA TYR D 120 32.25 3.71 -4.36
C TYR D 120 33.23 4.43 -5.29
N LEU D 121 34.37 3.80 -5.55
CA LEU D 121 35.38 4.34 -6.44
C LEU D 121 35.85 3.24 -7.38
N LEU D 122 36.40 3.65 -8.51
CA LEU D 122 36.83 2.70 -9.53
C LEU D 122 38.12 2.01 -9.11
N VAL D 123 38.22 0.71 -9.41
CA VAL D 123 39.39 -0.08 -9.09
C VAL D 123 40.19 -0.24 -10.38
N ASP D 124 41.40 0.29 -10.41
CA ASP D 124 42.31 0.12 -11.53
C ASP D 124 43.46 -0.76 -11.05
N SER D 125 43.24 -2.06 -11.06
CA SER D 125 44.26 -3.02 -10.65
C SER D 125 43.94 -4.32 -11.38
N PRO D 126 44.80 -4.73 -12.32
CA PRO D 126 44.44 -5.84 -13.21
C PRO D 126 44.44 -7.21 -12.54
N LYS D 127 44.87 -7.30 -11.29
CA LYS D 127 44.71 -8.55 -10.56
C LYS D 127 43.36 -8.67 -9.89
N LYS D 128 42.89 -7.63 -9.20
CA LYS D 128 41.60 -7.69 -8.55
C LYS D 128 40.45 -7.61 -9.55
N ILE D 129 40.71 -7.02 -10.72
CA ILE D 129 39.78 -7.13 -11.84
C ILE D 129 39.62 -8.59 -12.24
N ALA D 130 40.74 -9.32 -12.28
CA ALA D 130 40.75 -10.68 -12.82
C ALA D 130 40.08 -11.67 -11.86
N ILE D 131 40.34 -11.54 -10.56
CA ILE D 131 39.77 -12.48 -9.60
C ILE D 131 38.26 -12.25 -9.46
N ARG D 132 37.81 -11.01 -9.69
CA ARG D 132 36.38 -10.74 -9.64
C ARG D 132 35.66 -11.34 -10.84
N TYR D 133 36.22 -11.19 -12.03
CA TYR D 133 35.55 -11.70 -13.22
C TYR D 133 35.62 -13.22 -13.29
N LEU D 134 36.69 -13.81 -12.73
CA LEU D 134 36.81 -15.25 -12.75
C LEU D 134 35.95 -15.93 -11.70
N SER D 135 35.40 -15.18 -10.75
CA SER D 135 34.59 -15.77 -9.70
C SER D 135 33.10 -15.57 -9.90
N THR D 136 32.69 -14.59 -10.70
CA THR D 136 31.27 -14.33 -10.92
C THR D 136 30.76 -14.85 -12.26
N TRP D 137 31.34 -14.39 -13.37
CA TRP D 137 30.76 -14.65 -14.68
C TRP D 137 31.83 -15.10 -15.68
N PHE D 138 32.66 -16.06 -15.29
CA PHE D 138 33.56 -16.69 -16.24
C PHE D 138 33.16 -18.13 -16.53
N ALA D 139 32.89 -18.92 -15.49
CA ALA D 139 32.41 -20.28 -15.69
C ALA D 139 30.99 -20.33 -16.21
N PHE D 140 30.29 -19.21 -16.19
CA PHE D 140 28.96 -19.05 -16.75
C PHE D 140 28.98 -18.51 -18.17
N ASP D 141 29.92 -17.62 -18.48
CA ASP D 141 29.93 -16.94 -19.78
C ASP D 141 30.88 -17.57 -20.78
N VAL D 142 31.63 -18.61 -20.42
CA VAL D 142 32.45 -19.31 -21.39
C VAL D 142 31.71 -20.57 -21.81
N CYS D 143 30.68 -20.92 -21.04
CA CYS D 143 29.80 -22.02 -21.42
C CYS D 143 28.73 -21.59 -22.41
N SER D 144 28.66 -20.30 -22.73
CA SER D 144 27.74 -19.75 -23.71
C SER D 144 28.47 -19.26 -24.95
N THR D 145 29.75 -19.55 -25.07
CA THR D 145 30.56 -19.03 -26.15
C THR D 145 31.19 -20.11 -27.02
N ALA D 146 31.63 -21.21 -26.41
CA ALA D 146 32.24 -22.31 -27.14
C ALA D 146 31.21 -23.00 -28.04
N PRO D 147 31.46 -23.10 -29.34
CA PRO D 147 30.44 -23.64 -30.24
C PRO D 147 30.35 -25.16 -30.12
N PHE D 148 29.14 -25.64 -29.90
CA PHE D 148 28.85 -27.07 -29.87
C PHE D 148 28.22 -27.55 -31.17
N GLN D 149 27.22 -26.83 -31.69
CA GLN D 149 26.64 -27.21 -32.97
C GLN D 149 27.54 -26.88 -34.16
N PRO D 150 28.14 -25.65 -34.30
CA PRO D 150 29.04 -25.43 -35.43
C PRO D 150 30.36 -26.19 -35.35
N LEU D 151 31.05 -26.07 -34.22
CA LEU D 151 32.45 -26.53 -34.16
C LEU D 151 32.53 -28.04 -34.04
N SER D 152 31.64 -28.65 -33.26
CA SER D 152 31.68 -30.10 -33.12
C SER D 152 30.85 -30.82 -34.17
N LEU D 153 30.56 -30.16 -35.30
CA LEU D 153 30.04 -30.83 -36.48
C LEU D 153 31.08 -31.76 -37.11
N LEU D 154 32.37 -31.50 -36.88
CA LEU D 154 33.44 -32.18 -37.59
C LEU D 154 33.83 -33.52 -36.98
N PHE D 155 33.28 -33.90 -35.83
CA PHE D 155 33.70 -35.17 -35.23
C PHE D 155 33.02 -36.36 -35.91
N ASN D 156 31.70 -36.50 -35.71
CA ASN D 156 30.96 -37.58 -36.34
C ASN D 156 29.58 -37.19 -36.85
N TYR D 157 28.97 -36.13 -36.34
CA TYR D 157 27.53 -35.95 -36.41
C TYR D 157 27.13 -35.05 -37.58
N ASN D 158 25.83 -34.95 -37.80
CA ASN D 158 25.26 -34.18 -38.90
C ASN D 158 24.66 -32.86 -38.44
N GLY D 159 25.04 -32.38 -37.26
CA GLY D 159 24.57 -31.09 -36.79
C GLY D 159 23.19 -31.10 -36.20
N SER D 160 22.66 -32.27 -35.84
CA SER D 160 21.34 -32.36 -35.24
C SER D 160 21.24 -33.65 -34.44
N GLU D 161 20.81 -33.52 -33.18
CA GLU D 161 20.50 -34.61 -32.27
C GLU D 161 19.72 -34.00 -31.13
N LEU D 162 19.09 -34.85 -30.33
CA LEU D 162 18.32 -34.33 -29.19
C LEU D 162 19.24 -33.80 -28.10
N GLY D 163 20.16 -34.63 -27.61
CA GLY D 163 21.06 -34.21 -26.55
C GLY D 163 22.30 -33.48 -27.04
N PHE D 164 22.21 -32.87 -28.21
CA PHE D 164 23.34 -32.16 -28.79
C PHE D 164 22.94 -30.75 -29.19
N ARG D 165 21.67 -30.56 -29.53
CA ARG D 165 21.17 -29.22 -29.81
C ARG D 165 20.47 -28.61 -28.60
N ILE D 166 20.20 -29.41 -27.57
CA ILE D 166 19.85 -28.86 -26.26
C ILE D 166 21.05 -28.16 -25.64
N LEU D 167 22.28 -28.61 -25.94
CA LEU D 167 23.46 -27.88 -25.50
C LEU D 167 23.61 -26.53 -26.20
N SER D 168 22.90 -26.30 -27.30
CA SER D 168 22.84 -24.97 -27.89
C SER D 168 21.79 -24.08 -27.25
N MET D 169 21.09 -24.54 -26.20
CA MET D 169 20.23 -23.67 -25.42
C MET D 169 21.00 -22.86 -24.40
N LEU D 170 22.30 -23.10 -24.26
CA LEU D 170 23.13 -22.27 -23.39
C LEU D 170 23.41 -20.90 -23.99
N ARG D 171 23.01 -20.65 -25.24
CA ARG D 171 22.99 -19.31 -25.79
C ARG D 171 21.81 -18.49 -25.30
N LEU D 172 20.96 -19.05 -24.43
CA LEU D 172 20.01 -18.27 -23.66
C LEU D 172 20.60 -17.79 -22.35
N TRP D 173 21.79 -18.25 -21.98
CA TRP D 173 22.44 -17.79 -20.76
C TRP D 173 23.11 -16.44 -20.93
N ARG D 174 23.20 -15.92 -22.15
CA ARG D 174 23.70 -14.57 -22.34
C ARG D 174 22.61 -13.52 -22.23
N LEU D 175 21.45 -13.90 -21.68
CA LEU D 175 20.36 -12.97 -21.42
C LEU D 175 20.62 -12.08 -20.21
N ARG D 176 21.68 -12.36 -19.45
CA ARG D 176 21.96 -11.55 -18.27
C ARG D 176 22.47 -10.16 -18.63
N ARG D 177 22.93 -9.95 -19.87
CA ARG D 177 23.30 -8.61 -20.29
C ARG D 177 22.08 -7.73 -20.49
N VAL D 178 20.92 -8.31 -20.77
CA VAL D 178 19.69 -7.56 -20.89
C VAL D 178 19.03 -7.37 -19.53
N SER D 179 19.10 -8.38 -18.68
CA SER D 179 18.48 -8.28 -17.36
C SER D 179 19.23 -7.34 -16.45
N SER D 180 20.55 -7.22 -16.63
CA SER D 180 21.34 -6.26 -15.87
C SER D 180 21.41 -4.90 -16.53
N LEU D 181 20.68 -4.70 -17.63
CA LEU D 181 20.49 -3.37 -18.18
C LEU D 181 19.18 -2.75 -17.73
N PHE D 182 18.17 -3.58 -17.47
CA PHE D 182 16.94 -3.06 -16.90
C PHE D 182 17.12 -2.67 -15.44
N ALA D 183 18.07 -3.31 -14.76
CA ALA D 183 18.36 -2.92 -13.39
C ALA D 183 19.16 -1.63 -13.34
N ARG D 184 19.94 -1.36 -14.38
CA ARG D 184 20.73 -0.14 -14.40
C ARG D 184 19.90 1.06 -14.84
N LEU D 185 18.99 0.87 -15.81
CA LEU D 185 18.19 1.99 -16.30
C LEU D 185 17.10 2.41 -15.32
N GLU D 186 16.79 1.58 -14.32
CA GLU D 186 15.75 1.95 -13.36
C GLU D 186 16.26 3.00 -12.38
N LYS D 187 17.54 3.01 -12.09
CA LYS D 187 18.14 3.97 -11.19
C LYS D 187 18.79 5.14 -11.92
N ASP D 188 18.76 5.14 -13.25
CA ASP D 188 19.23 6.28 -14.02
C ASP D 188 18.14 7.34 -14.05
N ILE D 189 18.44 8.54 -13.54
CA ILE D 189 17.40 9.54 -13.35
C ILE D 189 17.00 10.22 -14.65
N ARG D 190 17.75 10.05 -15.73
CA ARG D 190 17.38 10.63 -17.00
C ARG D 190 16.52 9.71 -17.84
N PHE D 191 16.15 8.55 -17.30
CA PHE D 191 15.19 7.65 -17.94
C PHE D 191 13.94 7.54 -17.07
N ASN D 192 12.80 7.32 -17.72
CA ASN D 192 11.56 7.21 -16.99
C ASN D 192 11.49 5.89 -16.24
N TYR D 193 10.57 5.81 -15.29
CA TYR D 193 10.36 4.62 -14.51
C TYR D 193 9.07 3.89 -14.86
N PHE D 194 8.06 4.60 -15.33
CA PHE D 194 6.86 3.93 -15.79
C PHE D 194 7.03 3.31 -17.16
N TRP D 195 7.99 3.75 -17.97
CA TRP D 195 8.19 3.18 -19.28
C TRP D 195 9.48 2.38 -19.38
N ILE D 196 10.10 2.08 -18.25
CA ILE D 196 11.10 1.02 -18.17
C ILE D 196 10.53 -0.21 -17.50
N ARG D 197 9.69 0.00 -16.48
CA ARG D 197 9.04 -1.11 -15.80
C ARG D 197 8.01 -1.81 -16.66
N CYS D 198 7.38 -1.11 -17.61
CA CYS D 198 6.48 -1.80 -18.53
C CYS D 198 7.21 -2.44 -19.71
N THR D 199 8.35 -1.89 -20.12
CA THR D 199 9.19 -2.56 -21.10
C THR D 199 9.79 -3.85 -20.56
N LYS D 200 10.07 -3.92 -19.27
CA LYS D 200 10.48 -5.18 -18.66
C LYS D 200 9.31 -6.14 -18.53
N LEU D 201 8.09 -5.62 -18.38
CA LEU D 201 6.94 -6.50 -18.27
C LEU D 201 6.48 -7.00 -19.63
N ILE D 202 6.78 -6.28 -20.70
CA ILE D 202 6.39 -6.71 -22.02
C ILE D 202 7.39 -7.72 -22.57
N SER D 203 8.69 -7.50 -22.32
CA SER D 203 9.72 -8.36 -22.88
C SER D 203 9.74 -9.73 -22.23
N VAL D 204 9.21 -9.83 -21.01
CA VAL D 204 9.15 -11.13 -20.33
C VAL D 204 8.05 -11.98 -20.94
N THR D 205 6.90 -11.38 -21.24
CA THR D 205 5.79 -12.15 -21.77
C THR D 205 5.97 -12.45 -23.25
N LEU D 206 6.61 -11.55 -23.99
CA LEU D 206 6.93 -11.82 -25.39
C LEU D 206 7.93 -12.96 -25.51
N PHE D 207 8.79 -13.12 -24.52
CA PHE D 207 9.69 -14.26 -24.53
C PHE D 207 8.99 -15.52 -24.04
N ALA D 208 7.97 -15.38 -23.20
CA ALA D 208 7.27 -16.56 -22.70
C ALA D 208 6.31 -17.10 -23.75
N ILE D 209 5.80 -16.24 -24.61
CA ILE D 209 4.95 -16.68 -25.72
C ILE D 209 5.80 -17.37 -26.77
N HIS D 210 6.96 -16.80 -27.07
CA HIS D 210 7.83 -17.34 -28.11
C HIS D 210 8.46 -18.65 -27.69
N CYS D 211 9.03 -18.71 -26.49
CA CYS D 211 9.76 -19.90 -26.06
C CYS D 211 8.83 -21.04 -25.68
N ALA D 212 7.53 -20.81 -25.56
CA ALA D 212 6.59 -21.89 -25.32
C ALA D 212 5.69 -22.17 -26.51
N GLY D 213 5.76 -21.37 -27.55
CA GLY D 213 5.17 -21.72 -28.83
C GLY D 213 6.10 -22.47 -29.73
N CYS D 214 7.39 -22.46 -29.40
CA CYS D 214 8.37 -23.27 -30.11
C CYS D 214 8.72 -24.54 -29.37
N PHE D 215 8.38 -24.63 -28.08
CA PHE D 215 8.59 -25.87 -27.36
C PHE D 215 7.37 -26.79 -27.41
N ASN D 216 6.26 -26.30 -27.94
CA ASN D 216 5.06 -27.10 -28.17
C ASN D 216 4.87 -27.44 -29.62
N TYR D 217 5.73 -26.95 -30.50
CA TYR D 217 5.82 -27.46 -31.85
C TYR D 217 6.79 -28.62 -31.96
N LEU D 218 7.78 -28.68 -31.07
CA LEU D 218 8.69 -29.81 -31.05
C LEU D 218 8.01 -31.07 -30.54
N ILE D 219 7.03 -30.93 -29.66
CA ILE D 219 6.29 -32.10 -29.19
C ILE D 219 5.39 -32.64 -30.31
N ALA D 220 4.88 -31.77 -31.17
CA ALA D 220 4.03 -32.21 -32.27
C ALA D 220 4.84 -32.69 -33.46
N ASP D 221 5.96 -32.04 -33.75
CA ASP D 221 6.75 -32.41 -34.92
C ASP D 221 7.54 -33.69 -34.71
N ARG D 222 7.84 -34.04 -33.47
CA ARG D 222 8.65 -35.21 -33.15
C ARG D 222 7.83 -36.29 -32.47
N TYR D 223 6.60 -36.50 -32.94
CA TYR D 223 5.75 -37.53 -32.38
C TYR D 223 5.71 -38.71 -33.35
N PRO D 224 6.09 -39.92 -32.91
CA PRO D 224 6.26 -41.03 -33.88
C PRO D 224 4.96 -41.55 -34.42
N ASN D 225 3.88 -41.38 -33.68
CA ASN D 225 2.55 -41.77 -34.12
C ASN D 225 2.06 -40.75 -35.14
N PRO D 226 0.94 -41.00 -35.87
CA PRO D 226 0.44 -39.98 -36.80
C PRO D 226 -0.15 -38.76 -36.12
N ARG D 227 -0.83 -37.93 -36.90
CA ARG D 227 -1.32 -36.64 -36.42
C ARG D 227 -2.46 -36.80 -35.42
N LYS D 228 -2.11 -37.24 -34.21
CA LYS D 228 -2.96 -37.19 -33.03
C LYS D 228 -2.34 -36.24 -32.02
N THR D 229 -1.87 -35.10 -32.50
CA THR D 229 -1.28 -34.04 -31.71
C THR D 229 -2.25 -32.86 -31.63
N TRP D 230 -1.78 -31.76 -31.04
CA TRP D 230 -2.66 -30.61 -30.84
C TRP D 230 -2.97 -29.91 -32.15
N ILE D 231 -2.01 -29.89 -33.08
CA ILE D 231 -2.19 -29.18 -34.35
C ILE D 231 -2.64 -30.19 -35.40
N GLY D 232 -2.29 -31.47 -35.20
CA GLY D 232 -2.66 -32.48 -36.15
C GLY D 232 -4.12 -32.86 -36.14
N ALA D 233 -4.83 -32.54 -35.06
CA ALA D 233 -6.23 -32.88 -34.96
C ALA D 233 -7.14 -31.97 -35.77
N VAL D 234 -6.63 -30.81 -36.22
CA VAL D 234 -7.42 -29.89 -37.02
C VAL D 234 -6.77 -29.67 -38.39
N TYR D 235 -5.44 -29.55 -38.43
CA TYR D 235 -4.68 -29.49 -39.67
C TYR D 235 -3.93 -30.81 -39.75
N PRO D 236 -4.41 -31.78 -40.52
CA PRO D 236 -3.87 -33.15 -40.40
C PRO D 236 -2.48 -33.32 -40.97
N ASN D 237 -2.05 -32.51 -41.92
CA ASN D 237 -0.73 -32.66 -42.50
C ASN D 237 0.31 -31.76 -41.84
N PHE D 238 0.14 -30.43 -41.98
CA PHE D 238 0.91 -29.33 -41.36
C PHE D 238 2.43 -29.43 -41.49
N LYS D 239 2.94 -30.32 -42.35
CA LYS D 239 4.37 -30.57 -42.47
C LYS D 239 4.72 -30.60 -43.94
N GLU D 240 5.85 -29.96 -44.28
CA GLU D 240 6.29 -29.69 -45.66
C GLU D 240 5.21 -28.96 -46.45
N ALA D 241 4.42 -28.16 -45.76
CA ALA D 241 3.29 -27.45 -46.32
C ALA D 241 2.91 -26.35 -45.34
N SER D 242 1.80 -25.66 -45.67
CA SER D 242 1.15 -24.65 -44.82
C SER D 242 2.10 -23.51 -44.41
N LEU D 243 3.08 -23.20 -45.27
CA LEU D 243 3.87 -21.96 -45.23
C LEU D 243 4.63 -21.83 -43.91
N TRP D 244 5.68 -22.66 -43.77
CA TRP D 244 6.56 -22.76 -42.60
C TRP D 244 7.08 -21.44 -42.01
N ASN D 245 7.14 -20.38 -42.80
CA ASN D 245 7.56 -19.09 -42.28
C ASN D 245 6.39 -18.41 -41.59
N ARG D 246 5.20 -18.99 -41.69
CA ARG D 246 4.04 -18.52 -40.93
C ARG D 246 3.71 -19.59 -39.90
N TYR D 247 4.36 -19.47 -38.74
CA TYR D 247 4.15 -20.29 -37.56
C TYR D 247 3.17 -19.66 -36.59
N VAL D 248 2.24 -18.86 -37.11
CA VAL D 248 1.26 -18.12 -36.31
C VAL D 248 0.34 -19.04 -35.55
N THR D 249 0.15 -20.27 -36.04
CA THR D 249 -0.66 -21.26 -35.34
C THR D 249 -0.03 -21.65 -34.01
N ALA D 250 1.30 -21.71 -33.95
CA ALA D 250 1.96 -22.11 -32.72
C ALA D 250 1.97 -20.98 -31.70
N LEU D 251 1.97 -19.73 -32.15
CA LEU D 251 1.81 -18.61 -31.24
C LEU D 251 0.35 -18.37 -30.86
N TYR D 252 -0.58 -18.72 -31.73
CA TYR D 252 -2.00 -18.58 -31.38
C TYR D 252 -2.38 -19.57 -30.28
N TRP D 253 -1.74 -20.73 -30.25
CA TRP D 253 -1.97 -21.64 -29.14
C TRP D 253 -1.39 -21.10 -27.85
N SER D 254 -0.20 -20.49 -27.91
CA SER D 254 0.47 -20.09 -26.68
C SER D 254 -0.17 -18.86 -26.05
N ILE D 255 -0.65 -17.92 -26.88
CA ILE D 255 -1.34 -16.76 -26.33
C ILE D 255 -2.71 -17.14 -25.78
N THR D 256 -3.30 -18.25 -26.23
CA THR D 256 -4.62 -18.64 -25.76
C THR D 256 -4.59 -19.26 -24.37
N THR D 257 -3.50 -19.91 -24.01
CA THR D 257 -3.38 -20.49 -22.67
C THR D 257 -2.65 -19.60 -21.69
N LEU D 258 -1.76 -18.74 -22.16
CA LEU D 258 -1.04 -17.83 -21.26
C LEU D 258 -1.96 -16.74 -20.74
N THR D 259 -2.88 -16.26 -21.57
CA THR D 259 -3.90 -15.34 -21.10
C THR D 259 -5.08 -16.05 -20.48
N THR D 260 -5.04 -17.39 -20.44
CA THR D 260 -6.09 -18.26 -19.90
C THR D 260 -7.44 -17.99 -20.55
N THR D 261 -7.45 -17.73 -21.86
CA THR D 261 -8.74 -17.64 -22.54
C THR D 261 -9.28 -19.05 -22.76
N GLY D 262 -8.64 -19.80 -23.64
CA GLY D 262 -8.90 -21.21 -23.75
C GLY D 262 -10.07 -21.42 -24.68
N TYR D 263 -9.84 -21.78 -25.93
CA TYR D 263 -10.98 -22.04 -26.80
C TYR D 263 -11.28 -23.52 -26.89
N GLY D 264 -10.27 -24.37 -26.83
CA GLY D 264 -10.46 -25.79 -26.91
C GLY D 264 -10.36 -26.35 -28.31
N ASP D 265 -10.10 -25.50 -29.31
CA ASP D 265 -9.87 -26.02 -30.65
C ASP D 265 -8.48 -26.60 -30.78
N PHE D 266 -7.50 -26.02 -30.09
CA PHE D 266 -6.18 -26.62 -29.91
C PHE D 266 -6.05 -27.04 -28.45
N HIS D 267 -6.02 -28.33 -28.18
CA HIS D 267 -5.78 -28.82 -26.84
C HIS D 267 -4.90 -30.06 -26.91
N ALA D 268 -4.50 -30.57 -25.75
CA ALA D 268 -3.60 -31.71 -25.68
C ALA D 268 -4.35 -33.00 -26.00
N GLU D 269 -3.71 -33.85 -26.80
CA GLU D 269 -4.30 -35.12 -27.23
C GLU D 269 -3.55 -36.32 -26.69
N ASN D 270 -2.25 -36.36 -26.87
CA ASN D 270 -1.36 -37.40 -26.39
C ASN D 270 -0.84 -37.08 -25.00
N PRO D 271 -0.38 -38.09 -24.24
CA PRO D 271 0.12 -37.80 -22.88
C PRO D 271 1.49 -37.13 -22.84
N ARG D 272 2.12 -36.82 -23.97
CA ARG D 272 3.28 -35.94 -23.96
C ARG D 272 2.89 -34.48 -23.85
N GLU D 273 1.78 -34.10 -24.49
CA GLU D 273 1.33 -32.71 -24.41
C GLU D 273 0.54 -32.46 -23.15
N MET D 274 0.04 -33.50 -22.49
CA MET D 274 -0.61 -33.31 -21.20
C MET D 274 0.42 -33.01 -20.12
N LEU D 275 1.64 -33.54 -20.26
CA LEU D 275 2.69 -33.17 -19.33
C LEU D 275 3.18 -31.76 -19.58
N PHE D 276 3.29 -31.37 -20.85
CA PHE D 276 3.80 -30.04 -21.13
C PHE D 276 2.78 -28.96 -20.77
N ASP D 277 1.50 -29.27 -20.92
CA ASP D 277 0.49 -28.28 -20.56
C ASP D 277 0.35 -28.14 -19.06
N ILE D 278 0.71 -29.16 -18.29
CA ILE D 278 0.70 -29.02 -16.84
C ILE D 278 1.84 -28.14 -16.39
N PHE D 279 3.03 -28.35 -16.94
CA PHE D 279 4.18 -27.53 -16.58
C PHE D 279 4.10 -26.14 -17.16
N PHE D 280 3.28 -25.92 -18.18
CA PHE D 280 3.11 -24.57 -18.72
C PHE D 280 1.98 -23.83 -18.02
N MET D 281 0.88 -24.51 -17.68
CA MET D 281 -0.19 -23.82 -16.99
C MET D 281 0.09 -23.60 -15.50
N MET D 282 1.14 -24.19 -14.96
CA MET D 282 1.61 -23.77 -13.65
C MET D 282 2.55 -22.57 -13.76
N PHE D 283 3.22 -22.42 -14.90
CA PHE D 283 4.02 -21.22 -15.13
C PHE D 283 3.12 -20.00 -15.35
N ASN D 284 1.96 -20.19 -15.97
CA ASN D 284 1.09 -19.05 -16.26
C ASN D 284 0.33 -18.59 -15.03
N LEU D 285 0.22 -19.42 -14.01
CA LEU D 285 -0.27 -18.94 -12.72
C LEU D 285 0.74 -17.98 -12.10
N GLY D 286 2.02 -18.33 -12.17
CA GLY D 286 3.04 -17.47 -11.61
C GLY D 286 3.34 -16.27 -12.46
N LEU D 287 3.01 -16.32 -13.75
CA LEU D 287 3.30 -15.20 -14.63
C LEU D 287 2.23 -14.12 -14.50
N THR D 288 0.95 -14.49 -14.56
CA THR D 288 -0.09 -13.48 -14.52
C THR D 288 -0.35 -12.97 -13.11
N ALA D 289 0.15 -13.67 -12.09
CA ALA D 289 0.15 -13.09 -10.76
C ALA D 289 1.33 -12.17 -10.53
N TYR D 290 2.29 -12.16 -11.45
CA TYR D 290 3.44 -11.27 -11.41
C TYR D 290 3.20 -10.03 -12.25
N LEU D 291 2.40 -10.12 -13.32
CA LEU D 291 2.07 -8.94 -14.10
C LEU D 291 1.02 -8.11 -13.41
N ILE D 292 0.03 -8.77 -12.78
CA ILE D 292 -1.01 -8.05 -12.08
C ILE D 292 -0.46 -7.40 -10.83
N GLY D 293 0.43 -8.09 -10.12
CA GLY D 293 1.04 -7.52 -8.93
C GLY D 293 2.00 -6.39 -9.24
N ASN D 294 2.56 -6.38 -10.45
CA ASN D 294 3.46 -5.30 -10.84
C ASN D 294 2.69 -4.10 -11.36
N MET D 295 1.61 -4.33 -12.10
CA MET D 295 0.80 -3.21 -12.57
C MET D 295 0.01 -2.58 -11.43
N THR D 296 -0.29 -3.35 -10.38
CA THR D 296 -0.89 -2.77 -9.18
C THR D 296 0.11 -1.88 -8.48
N ASN D 297 1.39 -2.24 -8.51
CA ASN D 297 2.44 -1.41 -7.94
C ASN D 297 2.65 -0.15 -8.78
N LEU D 298 2.37 -0.23 -10.08
CA LEU D 298 2.59 0.93 -10.95
C LEU D 298 1.42 1.89 -10.90
N VAL D 299 0.19 1.39 -10.76
CA VAL D 299 -0.98 2.25 -10.64
C VAL D 299 -0.95 3.02 -9.33
N VAL D 300 -0.46 2.40 -8.26
CA VAL D 300 -0.27 3.10 -7.00
C VAL D 300 0.83 4.17 -7.14
N HIS D 301 1.88 3.87 -7.91
CA HIS D 301 2.88 4.90 -8.19
C HIS D 301 2.36 5.92 -9.20
N TRP D 302 1.40 5.54 -10.04
CA TRP D 302 0.78 6.49 -10.97
C TRP D 302 -0.04 7.53 -10.21
N THR D 303 -1.03 7.07 -9.45
CA THR D 303 -2.10 7.91 -8.93
C THR D 303 -2.00 8.09 -7.42
N SER D 304 -0.80 8.27 -6.89
CA SER D 304 -0.69 8.57 -5.47
C SER D 304 -0.75 10.06 -5.17
N ARG D 305 -0.49 10.91 -6.16
CA ARG D 305 -0.54 12.34 -5.89
C ARG D 305 -1.97 12.83 -5.81
N THR D 306 -2.83 12.38 -6.72
CA THR D 306 -4.21 12.81 -6.74
C THR D 306 -5.06 12.10 -5.72
N ARG D 307 -4.60 10.98 -5.17
CA ARG D 307 -5.38 10.24 -4.20
C ARG D 307 -5.18 10.73 -2.77
N THR D 308 -3.95 11.09 -2.40
CA THR D 308 -3.74 11.65 -1.08
C THR D 308 -4.13 13.12 -1.02
N PHE D 309 -4.29 13.75 -2.17
CA PHE D 309 -4.92 15.07 -2.19
C PHE D 309 -6.41 14.96 -1.92
N ARG D 310 -7.06 13.93 -2.46
CA ARG D 310 -8.49 13.77 -2.24
C ARG D 310 -8.77 13.14 -0.88
N ASP D 311 -7.73 12.67 -0.20
CA ASP D 311 -7.90 12.22 1.19
C ASP D 311 -7.92 13.40 2.14
N SER D 312 -7.08 14.40 1.89
CA SER D 312 -6.97 15.54 2.80
C SER D 312 -8.10 16.54 2.59
N VAL D 313 -8.66 16.59 1.38
CA VAL D 313 -9.86 17.38 1.16
C VAL D 313 -11.06 16.73 1.85
N ARG D 314 -11.12 15.40 1.79
CA ARG D 314 -12.20 14.67 2.46
C ARG D 314 -12.10 14.80 3.97
N ALA D 315 -10.89 14.78 4.50
CA ALA D 315 -10.71 14.85 5.95
C ALA D 315 -10.99 16.25 6.48
N ALA D 316 -10.89 17.27 5.64
CA ALA D 316 -11.21 18.64 6.03
C ALA D 316 -12.64 19.02 5.71
N SER D 317 -13.38 18.18 5.01
CA SER D 317 -14.82 18.35 4.88
C SER D 317 -15.58 17.53 5.90
N GLU D 318 -14.97 16.46 6.43
CA GLU D 318 -15.54 15.79 7.58
C GLU D 318 -15.40 16.64 8.84
N PHE D 319 -14.33 17.42 8.92
CA PHE D 319 -14.10 18.23 10.11
C PHE D 319 -15.03 19.44 10.14
N ALA D 320 -15.28 20.05 8.99
CA ALA D 320 -16.12 21.23 8.95
C ALA D 320 -17.60 20.90 8.89
N SER D 321 -17.96 19.62 8.91
CA SER D 321 -19.35 19.21 8.94
C SER D 321 -19.78 18.64 10.27
N ARG D 322 -18.85 18.04 11.02
CA ARG D 322 -19.17 17.59 12.36
C ARG D 322 -19.36 18.76 13.31
N ASN D 323 -18.60 19.83 13.12
CA ASN D 323 -18.60 20.97 14.02
C ASN D 323 -19.55 22.06 13.58
N GLN D 324 -20.26 21.86 12.47
CA GLN D 324 -21.28 22.77 11.93
C GLN D 324 -20.71 24.17 11.69
N LEU D 325 -19.58 24.21 11.00
CA LEU D 325 -18.90 25.47 10.74
C LEU D 325 -19.71 26.30 9.75
N PRO D 326 -19.62 27.63 9.81
CA PRO D 326 -20.29 28.45 8.81
C PRO D 326 -19.59 28.33 7.46
N HIS D 327 -20.32 28.72 6.41
CA HIS D 327 -19.81 28.58 5.06
C HIS D 327 -18.69 29.57 4.76
N ASP D 328 -18.56 30.62 5.56
CA ASP D 328 -17.56 31.65 5.31
C ASP D 328 -16.17 31.28 5.81
N ILE D 329 -16.04 30.26 6.64
CA ILE D 329 -14.75 29.77 7.09
C ILE D 329 -14.43 28.40 6.51
N GLN D 330 -15.46 27.68 6.05
CA GLN D 330 -15.22 26.42 5.35
C GLN D 330 -14.61 26.67 3.98
N ASP D 331 -14.96 27.80 3.34
CA ASP D 331 -14.37 28.11 2.04
C ASP D 331 -12.92 28.56 2.17
N GLN D 332 -12.54 29.06 3.34
CA GLN D 332 -11.15 29.49 3.52
C GLN D 332 -10.23 28.30 3.73
N MET D 333 -10.73 27.23 4.33
CA MET D 333 -9.88 26.07 4.57
C MET D 333 -9.89 25.11 3.39
N LEU D 334 -10.84 25.22 2.48
CA LEU D 334 -10.89 24.34 1.32
C LEU D 334 -10.22 24.95 0.11
N SER D 335 -10.25 26.27 -0.02
CA SER D 335 -9.51 26.93 -1.09
C SER D 335 -8.02 26.93 -0.82
N HIS D 336 -7.62 26.74 0.44
CA HIS D 336 -6.20 26.73 0.74
C HIS D 336 -5.57 25.39 0.41
N ILE D 337 -6.30 24.29 0.62
CA ILE D 337 -5.78 22.97 0.31
C ILE D 337 -5.65 22.79 -1.20
N CYS D 338 -6.59 23.35 -1.95
CA CYS D 338 -6.56 23.24 -3.40
C CYS D 338 -5.40 24.06 -4.00
N LEU D 339 -5.07 25.18 -3.38
CA LEU D 339 -3.99 26.01 -3.90
C LEU D 339 -2.64 25.54 -3.41
N LYS D 340 -2.60 24.88 -2.26
CA LYS D 340 -1.36 24.28 -1.79
C LYS D 340 -0.98 23.09 -2.65
N PHE D 341 -1.97 22.41 -3.22
CA PHE D 341 -1.68 21.28 -4.09
C PHE D 341 -1.21 21.73 -5.46
N LYS D 342 -1.76 22.84 -5.96
CA LYS D 342 -1.40 23.31 -7.29
C LYS D 342 0.01 23.88 -7.32
N THR D 343 0.43 24.50 -6.22
CA THR D 343 1.68 25.25 -6.21
C THR D 343 2.78 24.57 -5.41
N GLU D 344 2.49 24.12 -4.20
CA GLU D 344 3.52 23.54 -3.34
C GLU D 344 3.66 22.05 -3.53
N GLY D 345 3.06 21.49 -4.56
CA GLY D 345 3.16 20.06 -4.77
C GLY D 345 2.41 19.28 -3.71
N LEU D 346 3.00 18.15 -3.32
CA LEU D 346 2.41 17.30 -2.29
C LEU D 346 3.29 17.25 -1.04
N LYS D 347 4.56 16.92 -1.19
CA LYS D 347 5.51 16.87 -0.07
C LYS D 347 6.72 17.71 -0.47
N GLN D 348 6.63 19.01 -0.21
CA GLN D 348 7.74 19.92 -0.48
C GLN D 348 8.57 20.18 0.77
N GLN D 349 7.92 20.22 1.94
CA GLN D 349 8.66 20.38 3.18
C GLN D 349 9.47 19.14 3.51
N GLU D 350 9.01 17.96 3.09
CA GLU D 350 9.81 16.76 3.27
C GLU D 350 10.89 16.62 2.22
N THR D 351 10.78 17.36 1.11
CA THR D 351 11.81 17.32 0.08
C THR D 351 13.06 18.05 0.55
N LEU D 352 12.92 19.32 0.95
CA LEU D 352 14.04 20.14 1.39
C LEU D 352 14.25 20.11 2.89
N ASN D 353 13.85 19.04 3.55
CA ASN D 353 14.33 18.72 4.88
C ASN D 353 15.40 17.65 4.83
N ASN D 354 15.78 17.19 3.64
CA ASN D 354 16.83 16.20 3.47
C ASN D 354 18.08 16.77 2.83
N LEU D 355 18.00 17.93 2.19
CA LEU D 355 19.20 18.60 1.71
C LEU D 355 20.01 19.09 2.89
N PRO D 356 21.34 18.90 2.88
CA PRO D 356 22.11 18.95 4.14
C PRO D 356 22.17 20.28 4.88
N LYS D 357 22.92 21.28 4.38
CA LYS D 357 22.86 22.60 4.98
C LYS D 357 23.07 23.69 3.95
N ALA D 358 23.77 23.37 2.88
CA ALA D 358 24.25 24.37 1.93
C ALA D 358 23.59 24.25 0.57
N ILE D 359 22.99 23.10 0.26
CA ILE D 359 22.10 23.04 -0.89
C ILE D 359 20.83 23.80 -0.59
N ARG D 360 20.35 23.71 0.65
CA ARG D 360 19.13 24.40 1.06
C ARG D 360 19.35 25.90 1.16
N SER D 361 20.47 26.31 1.73
CA SER D 361 20.77 27.74 1.88
C SER D 361 21.21 28.40 0.60
N SER D 362 21.49 27.64 -0.46
CA SER D 362 21.74 28.23 -1.75
C SER D 362 20.49 28.28 -2.60
N ILE D 363 19.49 27.46 -2.29
CA ILE D 363 18.17 27.59 -2.90
C ILE D 363 17.52 28.90 -2.45
N ALA D 364 17.60 29.18 -1.16
CA ALA D 364 16.98 30.38 -0.60
C ALA D 364 17.77 31.65 -0.87
N ASN D 365 18.87 31.58 -1.60
CA ASN D 365 19.63 32.77 -1.96
C ASN D 365 19.51 33.10 -3.44
N TYR D 366 19.18 32.11 -4.28
CA TYR D 366 18.71 32.46 -5.61
C TYR D 366 17.27 32.94 -5.53
N LEU D 367 16.47 32.29 -4.71
CA LEU D 367 15.06 32.60 -4.54
C LEU D 367 14.93 33.69 -3.48
N PHE D 368 14.13 34.71 -3.79
CA PHE D 368 13.70 35.81 -2.91
C PHE D 368 14.82 36.44 -2.08
N PHE D 369 16.02 36.50 -2.65
CA PHE D 369 17.07 37.31 -2.03
C PHE D 369 16.95 38.79 -2.39
N PRO D 370 16.63 39.22 -3.66
CA PRO D 370 16.34 40.64 -3.85
C PRO D 370 14.91 41.03 -3.49
N ILE D 371 14.22 40.17 -2.74
CA ILE D 371 12.91 40.49 -2.19
C ILE D 371 13.10 41.01 -0.78
N VAL D 372 13.95 40.34 -0.01
CA VAL D 372 14.19 40.72 1.38
C VAL D 372 15.31 41.78 1.40
N HIS D 373 15.94 42.00 0.26
CA HIS D 373 17.02 42.98 0.19
C HIS D 373 16.48 44.40 0.24
N ASN D 374 15.69 44.80 -0.75
CA ASN D 374 15.30 46.19 -0.90
C ASN D 374 13.92 46.44 -0.31
N ILE D 375 13.82 46.24 1.00
CA ILE D 375 12.70 46.74 1.78
C ILE D 375 13.26 47.69 2.83
N TYR D 376 12.38 48.48 3.44
CA TYR D 376 12.85 49.58 4.27
C TYR D 376 13.34 49.08 5.64
N LEU D 377 12.81 47.97 6.12
CA LEU D 377 13.17 47.49 7.44
C LEU D 377 14.59 46.95 7.48
N PHE D 378 15.13 46.53 6.34
CA PHE D 378 16.54 46.22 6.20
C PHE D 378 17.07 47.06 5.04
N GLN D 379 17.43 48.30 5.35
CA GLN D 379 18.02 49.21 4.38
C GLN D 379 19.28 49.80 4.99
N GLY D 380 20.39 49.67 4.28
CA GLY D 380 21.66 50.12 4.81
C GLY D 380 22.26 49.15 5.81
N VAL D 381 21.70 47.94 5.89
CA VAL D 381 22.24 46.92 6.76
C VAL D 381 23.25 46.08 5.95
N SER D 382 24.14 45.40 6.67
CA SER D 382 25.26 44.67 6.07
C SER D 382 24.77 43.48 5.25
N ARG D 383 25.68 42.94 4.43
CA ARG D 383 25.38 41.80 3.59
C ARG D 383 25.17 40.54 4.42
N ASN D 384 25.96 40.36 5.47
CA ASN D 384 25.93 39.13 6.24
C ASN D 384 24.70 39.01 7.13
N PHE D 385 23.93 40.07 7.36
CA PHE D 385 22.69 39.92 8.13
C PHE D 385 21.55 39.46 7.24
N LEU D 386 21.46 39.99 6.03
CA LEU D 386 20.54 39.48 5.03
C LEU D 386 21.15 38.36 4.19
N PHE D 387 22.08 37.62 4.80
CA PHE D 387 22.46 36.29 4.37
C PHE D 387 21.94 35.23 5.34
N GLN D 388 21.03 35.60 6.23
CA GLN D 388 20.31 34.66 7.07
C GLN D 388 18.83 34.62 6.68
N LEU D 389 18.53 34.58 5.38
CA LEU D 389 17.18 34.28 4.90
C LEU D 389 17.03 32.78 4.66
N VAL D 390 17.39 32.01 5.69
CA VAL D 390 17.41 30.56 5.59
C VAL D 390 16.27 29.91 6.36
N SER D 391 15.39 30.70 6.98
CA SER D 391 14.21 30.17 7.64
C SER D 391 12.93 30.79 7.09
N ASP D 392 13.00 31.39 5.90
CA ASP D 392 11.82 31.96 5.27
C ASP D 392 10.93 30.84 4.74
N ILE D 393 9.75 30.70 5.32
CA ILE D 393 8.75 29.76 4.77
C ILE D 393 7.98 30.55 3.73
N ASP D 394 8.58 30.65 2.54
CA ASP D 394 8.02 31.48 1.49
C ASP D 394 6.95 30.77 0.68
N ALA D 395 6.70 29.49 0.97
CA ALA D 395 5.64 28.77 0.28
C ALA D 395 4.29 29.19 0.85
N GLU D 396 3.87 30.40 0.53
CA GLU D 396 2.59 30.85 1.01
C GLU D 396 1.50 30.60 -0.03
N TYR D 397 1.57 31.35 -1.14
CA TYR D 397 0.59 31.34 -2.22
C TYR D 397 -0.85 31.37 -1.70
N PHE D 398 -1.20 32.46 -1.10
CA PHE D 398 -2.51 32.55 -0.49
C PHE D 398 -3.59 32.78 -1.54
N PRO D 399 -4.76 32.17 -1.40
CA PRO D 399 -5.88 32.44 -2.29
C PRO D 399 -6.47 33.81 -2.04
N PRO D 400 -7.33 34.30 -2.92
CA PRO D 400 -8.04 35.55 -2.62
C PRO D 400 -9.00 35.41 -1.46
N LYS D 401 -9.21 36.54 -0.78
CA LYS D 401 -10.14 36.68 0.35
C LYS D 401 -9.81 35.72 1.49
N GLU D 402 -8.52 35.56 1.78
CA GLU D 402 -8.07 34.73 2.89
C GLU D 402 -7.31 35.62 3.87
N ASP D 403 -7.64 35.47 5.16
CA ASP D 403 -7.04 36.30 6.20
C ASP D 403 -5.66 35.78 6.54
N ILE D 404 -4.66 36.64 6.42
CA ILE D 404 -3.29 36.29 6.78
C ILE D 404 -3.01 36.53 8.25
N ILE D 405 -3.44 37.69 8.74
CA ILE D 405 -3.20 38.12 10.11
C ILE D 405 -4.53 38.62 10.66
N LEU D 406 -4.89 38.16 11.84
CA LEU D 406 -6.17 38.55 12.42
C LEU D 406 -6.07 39.92 13.08
N GLN D 407 -7.17 40.33 13.73
CA GLN D 407 -7.22 41.66 14.33
C GLN D 407 -6.31 41.75 15.55
N ASN D 408 -6.43 40.80 16.48
CA ASN D 408 -5.55 40.72 17.64
C ASN D 408 -5.00 39.31 17.71
N GLU D 409 -3.69 39.18 17.86
CA GLU D 409 -3.07 37.87 17.87
C GLU D 409 -1.73 37.98 18.58
N ALA D 410 -1.21 36.82 18.98
CA ALA D 410 0.15 36.72 19.47
C ALA D 410 1.08 37.03 18.30
N PRO D 411 1.79 38.15 18.34
CA PRO D 411 2.46 38.63 17.13
C PRO D 411 3.71 37.83 16.79
N THR D 412 3.50 36.70 16.12
CA THR D 412 4.54 35.70 15.97
C THR D 412 5.44 35.97 14.76
N ASP D 413 4.95 36.66 13.73
CA ASP D 413 5.66 36.67 12.47
C ASP D 413 5.39 37.94 11.69
N LEU D 414 6.38 38.37 10.92
CA LEU D 414 6.22 39.39 9.90
C LEU D 414 6.11 38.71 8.55
N TYR D 415 5.46 39.36 7.61
CA TYR D 415 5.30 38.83 6.26
C TYR D 415 5.79 39.85 5.25
N ILE D 416 6.36 39.36 4.16
CA ILE D 416 6.85 40.20 3.08
C ILE D 416 6.13 39.80 1.80
N LEU D 417 5.40 40.74 1.21
CA LEU D 417 4.59 40.48 0.03
C LEU D 417 5.48 40.39 -1.20
N VAL D 418 5.52 39.21 -1.82
CA VAL D 418 6.35 39.01 -3.00
C VAL D 418 5.63 39.42 -4.27
N SER D 419 4.39 38.97 -4.45
CA SER D 419 3.62 39.32 -5.64
C SER D 419 2.14 39.18 -5.32
N GLY D 420 1.37 40.23 -5.59
CA GLY D 420 -0.05 40.21 -5.29
C GLY D 420 -0.50 41.52 -4.68
N ALA D 421 -1.55 41.48 -3.86
CA ALA D 421 -2.02 42.68 -3.18
C ALA D 421 -2.79 42.28 -1.94
N VAL D 422 -2.77 43.17 -0.94
CA VAL D 422 -3.31 42.91 0.40
C VAL D 422 -3.97 44.19 0.89
N ASP D 423 -5.16 44.05 1.49
CA ASP D 423 -5.92 45.20 1.97
C ASP D 423 -6.14 45.09 3.47
N PHE D 424 -5.63 46.06 4.22
CA PHE D 424 -5.82 46.13 5.67
C PHE D 424 -7.22 46.62 6.00
N THR D 425 -7.69 46.22 7.18
CA THR D 425 -8.97 46.70 7.69
C THR D 425 -8.88 46.84 9.20
N VAL D 426 -9.89 47.49 9.77
CA VAL D 426 -9.97 47.72 11.21
C VAL D 426 -11.21 46.93 11.64
N TYR D 427 -11.53 46.93 12.94
CA TYR D 427 -12.47 46.04 13.61
C TYR D 427 -13.86 45.87 12.97
N VAL D 428 -14.38 46.92 12.33
CA VAL D 428 -15.68 46.80 11.68
C VAL D 428 -15.51 46.95 10.17
N ASP D 429 -15.11 48.14 9.73
CA ASP D 429 -14.86 48.40 8.31
C ASP D 429 -13.91 49.60 8.22
N GLY D 430 -12.64 49.32 8.02
CA GLY D 430 -11.67 50.37 7.79
C GLY D 430 -10.97 50.15 6.48
N HIS D 431 -9.93 50.93 6.18
CA HIS D 431 -9.18 50.72 4.95
C HIS D 431 -7.75 51.26 5.00
N ASP D 432 -6.79 50.36 4.86
CA ASP D 432 -5.42 50.68 4.47
C ASP D 432 -4.99 49.58 3.50
N GLN D 433 -3.89 49.81 2.78
CA GLN D 433 -3.51 48.88 1.72
C GLN D 433 -2.00 48.84 1.53
N PHE D 434 -1.45 47.64 1.44
CA PHE D 434 -0.04 47.42 1.16
C PHE D 434 0.18 47.15 -0.33
N GLN D 435 1.33 47.58 -0.83
CA GLN D 435 1.64 47.51 -2.25
C GLN D 435 2.24 46.15 -2.59
N GLY D 436 2.80 46.03 -3.77
CA GLY D 436 3.30 44.77 -4.29
C GLY D 436 4.68 44.35 -3.83
N LYS D 437 5.33 45.08 -2.92
CA LYS D 437 6.60 44.62 -2.39
C LYS D 437 6.84 44.92 -0.92
N ALA D 438 5.83 45.33 -0.16
CA ALA D 438 6.06 45.92 1.16
C ALA D 438 6.00 44.86 2.26
N VAL D 439 6.09 45.31 3.51
CA VAL D 439 6.03 44.46 4.70
C VAL D 439 4.71 44.74 5.41
N ILE D 440 4.05 43.68 5.88
CA ILE D 440 2.69 43.84 6.38
C ILE D 440 2.55 43.45 7.85
N GLY D 441 3.65 43.15 8.52
CA GLY D 441 3.52 42.72 9.91
C GLY D 441 4.58 43.20 10.88
N GLU D 442 5.21 44.34 10.61
CA GLU D 442 6.44 44.73 11.28
C GLU D 442 6.25 45.32 12.68
N THR D 443 5.03 45.31 13.21
CA THR D 443 4.75 45.96 14.48
C THR D 443 4.65 44.86 15.55
N PHE D 444 5.56 43.90 15.45
CA PHE D 444 5.71 42.85 16.45
C PHE D 444 6.99 42.99 17.25
N GLY D 445 7.71 44.09 17.06
CA GLY D 445 8.87 44.41 17.87
C GLY D 445 8.88 45.85 18.31
N GLU D 446 7.71 46.43 18.52
CA GLU D 446 7.57 47.86 18.80
C GLU D 446 6.34 48.04 19.69
N VAL D 447 5.75 49.24 19.66
CA VAL D 447 4.68 49.74 20.53
C VAL D 447 3.48 48.79 20.65
N GLY D 448 3.29 47.89 19.67
CA GLY D 448 2.30 46.85 19.78
C GLY D 448 2.88 45.45 19.80
N VAL D 449 3.93 45.22 20.62
CA VAL D 449 4.62 43.92 20.64
C VAL D 449 3.82 42.86 21.37
N LEU D 450 2.61 43.22 21.84
CA LEU D 450 1.64 42.24 22.33
C LEU D 450 0.35 42.26 21.53
N TYR D 451 0.30 42.95 20.40
CA TYR D 451 -0.95 43.04 19.66
C TYR D 451 -0.67 43.18 18.17
N TYR D 452 -1.72 43.50 17.42
CA TYR D 452 -1.69 43.72 15.97
C TYR D 452 -2.61 44.89 15.64
N ARG D 453 -2.13 45.82 14.83
CA ARG D 453 -3.03 46.90 14.48
C ARG D 453 -4.05 46.45 13.42
N PRO D 454 -3.66 46.04 12.17
CA PRO D 454 -4.72 45.73 11.19
C PRO D 454 -5.14 44.27 11.19
N GLN D 455 -6.01 43.90 10.26
CA GLN D 455 -6.34 42.52 9.98
C GLN D 455 -6.28 42.32 8.47
N PRO D 456 -5.09 42.09 7.90
CA PRO D 456 -4.97 41.99 6.46
C PRO D 456 -5.57 40.71 5.90
N PHE D 457 -6.03 40.80 4.66
CA PHE D 457 -6.58 39.67 3.95
C PHE D 457 -6.43 39.93 2.46
N THR D 458 -6.05 38.90 1.71
CA THR D 458 -5.64 39.03 0.32
C THR D 458 -6.77 39.46 -0.59
N VAL D 459 -6.43 39.96 -1.79
CA VAL D 459 -7.45 40.25 -2.78
C VAL D 459 -7.18 39.53 -4.09
N ARG D 460 -5.97 39.58 -4.63
CA ARG D 460 -5.80 38.91 -5.92
C ARG D 460 -5.39 37.44 -5.81
N THR D 461 -4.09 37.19 -5.60
CA THR D 461 -3.49 35.88 -5.38
C THR D 461 -2.06 36.18 -4.94
N THR D 462 -1.69 35.85 -3.71
CA THR D 462 -0.54 36.49 -3.14
C THR D 462 0.45 35.47 -2.61
N GLU D 463 1.72 35.70 -2.90
CA GLU D 463 2.81 34.91 -2.36
C GLU D 463 3.54 35.74 -1.30
N LEU D 464 3.70 35.18 -0.10
CA LEU D 464 4.30 35.87 1.03
C LEU D 464 5.60 35.17 1.44
N SER D 465 6.19 35.60 2.55
CA SER D 465 7.47 35.05 2.96
C SER D 465 7.51 34.53 4.38
N GLN D 466 6.81 35.15 5.33
CA GLN D 466 6.66 34.67 6.72
C GLN D 466 7.97 34.46 7.47
N ILE D 467 8.67 35.52 7.81
CA ILE D 467 9.75 35.41 8.80
C ILE D 467 9.14 35.46 10.19
N LEU D 468 9.49 34.49 11.03
CA LEU D 468 8.71 34.20 12.24
C LEU D 468 9.57 34.11 13.50
N ARG D 469 9.83 35.26 14.12
CA ARG D 469 10.41 35.41 15.47
C ARG D 469 11.66 34.57 15.73
N ILE D 470 12.47 34.34 14.71
CA ILE D 470 13.69 33.57 14.84
C ILE D 470 14.79 34.33 14.13
N SER D 471 14.41 35.37 13.39
CA SER D 471 15.38 36.25 12.75
C SER D 471 15.16 37.72 13.10
N ARG D 472 14.30 38.03 14.06
CA ARG D 472 14.19 39.37 14.60
C ARG D 472 14.24 39.41 16.12
N THR D 473 13.67 38.41 16.80
CA THR D 473 13.75 38.27 18.24
C THR D 473 14.85 37.31 18.66
N SER D 474 14.94 36.13 18.04
CA SER D 474 16.03 35.21 18.29
C SER D 474 17.25 35.48 17.42
N LEU D 475 17.29 36.63 16.76
CA LEU D 475 18.53 37.13 16.18
C LEU D 475 18.87 38.52 16.69
N MET D 476 18.80 38.71 18.02
CA MET D 476 19.36 39.89 18.64
C MET D 476 20.89 39.87 18.57
N SER D 477 21.46 38.67 18.51
CA SER D 477 22.84 38.46 18.92
C SER D 477 23.86 38.63 17.80
N ALA D 478 23.47 38.40 16.55
CA ALA D 478 24.47 38.39 15.48
C ALA D 478 24.88 39.81 15.09
N MET D 479 23.96 40.55 14.50
CA MET D 479 24.20 41.92 14.04
C MET D 479 22.89 42.69 14.13
N HIS D 480 22.90 43.90 13.56
CA HIS D 480 21.71 44.66 13.16
C HIS D 480 20.79 44.98 14.35
N ALA D 481 21.30 45.84 15.23
CA ALA D 481 20.42 46.58 16.13
C ALA D 481 19.90 47.88 15.51
N HIS D 482 20.24 48.02 14.23
CA HIS D 482 19.83 49.12 13.38
C HIS D 482 18.45 48.91 12.77
N ALA D 483 17.97 47.67 12.71
CA ALA D 483 16.66 47.38 12.15
C ALA D 483 15.56 47.98 13.01
N ASP D 484 15.76 48.01 14.32
CA ASP D 484 14.80 48.62 15.22
C ASP D 484 14.82 50.14 15.15
N ASP D 485 15.86 50.72 14.55
CA ASP D 485 15.95 52.15 14.31
C ASP D 485 15.26 52.51 13.00
N GLY D 486 15.32 51.63 12.00
CA GLY D 486 14.68 51.90 10.72
C GLY D 486 13.17 51.85 10.77
N ARG D 487 12.60 51.24 11.80
CA ARG D 487 11.14 51.17 11.91
C ARG D 487 10.56 52.46 12.45
N VAL D 488 11.26 53.12 13.37
CA VAL D 488 10.73 54.33 13.99
C VAL D 488 10.84 55.53 13.05
N ILE D 489 11.67 55.43 12.01
CA ILE D 489 11.73 56.51 11.03
C ILE D 489 10.48 56.51 10.15
N MET D 490 9.97 55.33 9.81
CA MET D 490 8.76 55.25 9.00
C MET D 490 7.52 55.67 9.79
N ASN D 491 7.55 55.56 11.12
CA ASN D 491 6.47 56.08 11.94
C ASN D 491 6.63 57.55 12.27
N ASN D 492 7.67 58.19 11.75
CA ASN D 492 7.99 59.61 11.91
C ASN D 492 8.12 60.03 13.38
P 3PE E . -1.02 -17.37 5.41
N 3PE E . -1.33 -16.24 9.59
O11 3PE E . -2.28 -18.45 5.75
O12 3PE E . 0.25 -18.13 5.54
O13 3PE E . -1.22 -16.62 6.97
O14 3PE E . -1.56 -16.36 4.48
C11 3PE E . -0.25 -15.75 7.41
C12 3PE E . -0.77 -15.13 8.72
C1 3PE E . -2.01 -19.67 6.37
C2 3PE E . -2.11 -20.85 5.38
C3 3PE E . -1.63 -22.15 6.03
O31 3PE E . -0.60 -22.66 5.20
O32 3PE E . -1.70 -24.61 5.00
C31 3PE E . -0.69 -23.97 4.83
C32 3PE E . 0.59 -24.43 4.20
C33 3PE E . 0.63 -25.95 4.16
C34 3PE E . 0.47 -26.45 2.73
C35 3PE E . -0.15 -27.83 2.68
C36 3PE E . 0.88 -28.92 2.48
C37 3PE E . 1.61 -28.73 1.17
C38 3PE E . 2.67 -29.79 0.95
C39 3PE E . 2.09 -31.17 0.66
C3A 3PE E . 2.63 -31.77 -0.62
C3B 3PE E . 1.52 -31.89 -1.65
C3C 3PE E . 1.74 -33.03 -2.64
C3D 3PE E . 2.36 -32.56 -3.94
C3E 3PE E . 1.46 -32.87 -5.14
C3F 3PE E . 2.20 -32.80 -6.47
C3G 3PE E . 1.22 -32.91 -7.63
C3H 3PE E . 1.86 -32.52 -8.96
C3I 3PE E . 3.02 -33.42 -9.31
O21 3PE E . -3.44 -21.01 4.94
O22 3PE E . -2.78 -21.95 2.98
C21 3PE E . -3.63 -21.34 3.65
C22 3PE E . -4.93 -20.92 3.12
C23 3PE E . -5.25 -21.61 1.83
C24 3PE E . -5.92 -20.63 0.90
C25 3PE E . -7.19 -21.18 0.31
C26 3PE E . -8.26 -20.11 0.20
C27 3PE E . -9.42 -20.58 -0.68
C28 3PE E . -10.70 -20.80 0.13
C29 3PE E . -11.88 -20.06 -0.49
C2A 3PE E . -13.22 -20.74 -0.18
C2B 3PE E . -14.33 -19.89 -0.78
C2C 3PE E . -15.72 -20.51 -0.70
C2D 3PE E . -16.79 -19.52 -1.21
C2E 3PE E . -18.11 -20.19 -1.62
C2F 3PE E . -18.82 -19.44 -2.78
C2G 3PE E . -19.89 -20.30 -3.51
C2H 3PE E . -21.22 -19.52 -3.58
C2I 3PE E . -22.37 -20.26 -4.24
P 3PE F . -18.04 -2.53 0.56
N 3PE F . -18.67 1.48 2.12
O11 3PE F . -18.91 -2.09 -0.82
O12 3PE F . -19.02 -3.09 1.53
O13 3PE F . -17.89 -0.86 1.03
O14 3PE F . -16.67 -2.88 0.13
C11 3PE F . -17.25 -0.55 2.21
C12 3PE F . -17.25 0.98 2.34
C1 3PE F . -20.29 -2.02 -0.78
C2 3PE F . -20.95 -3.33 -1.26
C3 3PE F . -22.21 -3.59 -0.44
O31 3PE F . -22.37 -4.98 -0.39
O32 3PE F . -23.30 -4.95 1.61
C31 3PE F . -23.22 -5.46 0.53
C32 3PE F . -23.95 -6.65 0.01
C33 3PE F . -24.71 -7.33 1.13
C34 3PE F . -25.02 -8.77 0.75
C35 3PE F . -26.33 -8.89 -0.03
C36 3PE F . -26.64 -10.33 -0.41
C37 3PE F . -26.52 -11.26 0.78
C38 3PE F . -26.74 -12.71 0.42
C39 3PE F . -28.11 -13.21 0.80
C3A 3PE F . -28.23 -14.72 0.68
C3B 3PE F . -28.34 -15.11 -0.79
C3C 3PE F . -28.18 -16.60 -1.04
C3D 3PE F . -27.94 -16.86 -2.51
C3E 3PE F . -27.88 -18.35 -2.85
C3F 3PE F . -26.87 -19.12 -2.01
C3G 3PE F . -26.81 -20.58 -2.46
C3H 3PE F . -26.41 -20.72 -3.91
C3I 3PE F . -25.69 -22.02 -4.18
O21 3PE F . -21.28 -3.23 -2.66
O22 3PE F . -21.90 -5.38 -3.16
C21 3PE F . -21.27 -4.35 -3.43
C22 3PE F . -20.43 -4.23 -4.63
C23 3PE F . -20.55 -5.49 -5.47
C24 3PE F . -19.63 -5.37 -6.66
C25 3PE F . -20.41 -5.23 -7.95
C26 3PE F . -19.53 -4.78 -9.11
C27 3PE F . -20.39 -4.35 -10.29
C28 3PE F . -19.57 -3.80 -11.43
C29 3PE F . -20.43 -3.31 -12.58
C2A 3PE F . -19.61 -3.09 -13.85
C2B 3PE F . -20.42 -2.31 -14.89
C2C 3PE F . -21.75 -2.96 -15.24
C2D 3PE F . -22.63 -2.04 -16.10
C2E 3PE F . -21.95 -1.59 -17.40
C2F 3PE F . -22.90 -0.85 -18.35
C2G 3PE F . -22.13 -0.03 -19.38
C2H 3PE F . -22.23 -0.60 -20.80
C2I 3PE F . -20.83 -0.75 -21.48
P 3PE G . -4.98 7.01 -16.00
N 3PE G . -2.09 10.26 -15.64
O11 3PE G . -4.40 6.85 -17.58
O12 3PE G . -6.19 7.88 -16.06
O13 3PE G . -3.69 8.12 -15.61
O14 3PE G . -4.61 5.79 -15.27
C11 3PE G . -3.79 8.88 -14.47
C12 3PE G . -2.46 9.63 -14.31
C1 3PE G . -4.85 7.72 -18.58
C2 3PE G . -5.82 7.00 -19.54
C3 3PE G . -6.37 8.00 -20.57
O31 3PE G . -7.76 8.08 -20.35
O32 3PE G . -8.13 7.64 -22.50
C31 3PE G . -8.58 7.84 -21.39
C32 3PE G . -10.01 7.88 -20.97
C33 3PE G . -10.90 8.29 -22.14
C34 3PE G . -11.35 7.08 -22.93
C35 3PE G . -11.76 7.47 -24.35
C36 3PE G . -13.05 6.78 -24.78
C37 3PE G . -14.18 7.09 -23.81
C38 3PE G . -15.50 6.53 -24.29
C39 3PE G . -15.88 7.03 -25.66
C3A 3PE G . -17.29 6.58 -26.06
C3B 3PE G . -17.29 5.09 -26.38
C3C 3PE G . -18.69 4.52 -26.55
C3D 3PE G . -18.68 3.04 -26.91
C3E 3PE G . -19.97 2.34 -26.50
C3F 3PE G . -19.97 0.84 -26.82
C3G 3PE G . -21.30 0.22 -26.44
C3H 3PE G . -21.20 -1.29 -26.30
C3I 3PE G . -22.36 -1.86 -25.50
O21 3PE G . -5.15 5.95 -20.23
O22 3PE G . -7.09 4.81 -20.50
C21 3PE G . -5.86 4.84 -20.49
C22 3PE G . -5.01 3.66 -20.76
C23 3PE G . -5.69 2.68 -21.68
C24 3PE G . -5.76 1.32 -21.01
C25 3PE G . -4.40 0.66 -20.97
C26 3PE G . -4.27 -0.44 -22.02
C27 3PE G . -2.99 -1.23 -21.81
C28 3PE G . -2.59 -2.05 -23.03
C29 3PE G . -1.09 -2.22 -23.12
C2A 3PE G . -0.68 -3.60 -23.64
C2B 3PE G . -0.11 -3.49 -25.05
C2C 3PE G . 0.79 -4.65 -25.44
C2D 3PE G . 1.51 -4.38 -26.76
C2E 3PE G . 2.44 -5.53 -27.16
C2F 3PE G . 3.55 -5.08 -28.12
C2G 3PE G . 3.95 -6.21 -29.07
C2H 3PE G . 5.28 -5.94 -29.79
C2I 3PE G . 5.63 -7.04 -30.77
P 3PE H . 12.05 -7.79 -11.25
N 3PE H . 15.21 -7.44 -8.27
O11 3PE H . 12.18 -9.47 -11.11
O12 3PE H . 12.99 -7.35 -12.31
O13 3PE H . 12.99 -7.60 -9.78
O14 3PE H . 10.69 -7.43 -10.83
C11 3PE H . 13.24 -6.33 -9.32
C12 3PE H . 14.06 -6.47 -8.01
C1 3PE H . 13.24 -10.14 -11.73
C2 3PE H . 12.84 -10.65 -13.15
C3 3PE H . 14.04 -10.51 -14.07
O31 3PE H . 13.52 -10.31 -15.36
O32 3PE H . 15.21 -9.04 -16.01
C31 3PE H . 14.35 -9.84 -16.30
C32 3PE H . 14.06 -10.44 -17.63
C33 3PE H . 14.81 -9.71 -18.72
C34 3PE H . 14.15 -9.96 -20.06
C35 3PE H . 14.65 -11.25 -20.72
C36 3PE H . 14.00 -11.51 -22.07
C37 3PE H . 14.06 -10.27 -22.95
C38 3PE H . 13.33 -10.47 -24.27
C39 3PE H . 14.28 -10.66 -25.43
C3A 3PE H . 13.55 -10.56 -26.77
C3B 3PE H . 12.74 -11.82 -27.02
C3C 3PE H . 11.77 -11.70 -28.18
C3D 3PE H . 10.72 -12.81 -28.11
C3E 3PE H . 9.81 -12.82 -29.32
C3F 3PE H . 9.11 -11.50 -29.58
C3G 3PE H . 8.14 -11.64 -30.76
C3H 3PE H . 7.07 -12.70 -30.50
C3I 3PE H . 5.74 -12.29 -31.08
O21 3PE H . 12.43 -12.02 -13.08
O22 3PE H . 11.58 -12.36 -15.17
C21 3PE H . 11.50 -12.48 -13.94
C22 3PE H . 10.37 -13.17 -13.30
C23 3PE H . 9.41 -13.66 -14.35
C24 3PE H . 8.20 -14.27 -13.67
C25 3PE H . 8.20 -15.77 -13.80
C26 3PE H . 7.22 -16.42 -12.82
C27 3PE H . 7.47 -17.91 -12.76
C28 3PE H . 6.60 -18.59 -11.74
C29 3PE H . 6.84 -20.09 -11.68
C2A 3PE H . 5.86 -20.77 -10.76
C2B 3PE H . 6.05 -22.28 -10.80
C2C 3PE H . 4.94 -23.01 -10.06
C2D 3PE H . 5.36 -24.43 -9.69
C2E 3PE H . 5.42 -25.35 -10.90
C2F 3PE H . 5.65 -26.80 -10.50
C2G 3PE H . 4.81 -27.78 -11.34
C2H 3PE H . 5.35 -29.21 -11.07
C2I 3PE H . 4.27 -30.28 -10.96
#